data_5CYR
#
_entry.id   5CYR
#
_cell.length_a   142.513
_cell.length_b   158.339
_cell.length_c   217.096
_cell.angle_alpha   90.00
_cell.angle_beta   90.00
_cell.angle_gamma   90.00
#
_symmetry.space_group_name_H-M   'I 2 2 2'
#
loop_
_entity.id
_entity.type
_entity.pdbx_description
1 polymer 'RNA-dependent RNA polymerase'
2 non-polymer "ADENOSINE-5'-TRIPHOSPHATE"
3 non-polymer 'SULFATE ION'
4 non-polymer 'PHOSPHATE ION'
5 non-polymer 'MAGNESIUM ION'
#
_entity_poly.entity_id   1
_entity_poly.type   'polypeptide(L)'
_entity_poly.pdbx_seq_one_letter_code
;MSYYHHHHHHDYDIPTTENLYFQGAMGAMGIMEASNPVIAPTRLSLEAMLAERAMVARQDLAGLKRKLAGADRVLAPQSP
EQCGRESAQAQARSVTSELKSAVKEAQGLEHQTLDFLEQLGEYPVCGILHGDHPVHPSGTHNNNGKVSVKRQFAAGVNTS
DALTCAFRFEDSDLVRETALKTTYTDGTWAGFVQRLKMQTTRKCVQEKVSRKLLKQLFPYDPQKLVDVSGELSELVLGIK
TNAIASAGPPYWRTKRDALPDMLDCVLPLLYDHIVRKDLTTLRNKHPELFLAECKNKTDRYEVESLGEKTRPYFSHPFHL
SALVSVLSQSFSGALKIMTEDSTSFNAYGFSWTNGGAEDLAIWARQAGEAGKKPPRIACYGDDTDIYYRKDGKLYRICPD
FKQMDGSVDATTIEAVVDYVVDAHVKQYPTARQFWEEVGKLWVEMATQSPFLIDGTKVYRKMQKDGLMTGVVGTTLFDTV
KSALAYNDWADQLMFGSLNLLEEKYAIEFFKNKHGLVIKEGTWKPALVNEDPGFGELWTEQKFLGLQLKVVRRENEKVYV
PNLPFEDWLTMWVTPRSKYRSKETETMRERTLFDRARGLLVTGAVFDERARGLMGAVINSTAPEVVCMRVQEGGGRGAPP
AYAFLTRDGVFEFPISDGYPSYDWVVSLYSRDHPCDMPRVFPEAATLIASYRKQVMDTRVVIKEE
;
_entity_poly.pdbx_strand_id   B,A
#
# COMPACT_ATOMS: atom_id res chain seq x y z
N PRO A 41 10.01 -9.27 -3.27
CA PRO A 41 9.87 -9.98 -4.55
C PRO A 41 11.21 -10.29 -5.22
N THR A 42 11.80 -11.44 -4.88
CA THR A 42 13.11 -11.89 -5.36
C THR A 42 14.13 -10.78 -5.60
N ARG A 43 14.64 -10.69 -6.83
CA ARG A 43 15.74 -9.78 -7.13
C ARG A 43 15.34 -8.31 -7.11
N LEU A 44 16.02 -7.53 -6.26
CA LEU A 44 15.85 -6.08 -6.20
C LEU A 44 17.09 -5.47 -5.55
N SER A 45 17.19 -4.14 -5.60
CA SER A 45 18.37 -3.45 -5.08
C SER A 45 18.42 -3.41 -3.56
N LEU A 46 19.62 -3.37 -3.00
CA LEU A 46 19.81 -3.25 -1.56
C LEU A 46 19.24 -1.92 -1.06
N GLU A 47 19.22 -0.93 -1.95
CA GLU A 47 18.58 0.35 -1.70
C GLU A 47 17.10 0.14 -1.43
N ALA A 48 16.50 -0.83 -2.14
CA ALA A 48 15.08 -1.12 -2.01
C ALA A 48 14.80 -2.17 -0.95
N MET A 49 15.82 -2.95 -0.60
CA MET A 49 15.66 -3.98 0.42
C MET A 49 15.53 -3.36 1.81
N LEU A 50 16.32 -2.32 2.06
CA LEU A 50 16.20 -1.57 3.30
C LEU A 50 14.82 -0.93 3.39
N ALA A 51 14.31 -0.48 2.23
CA ALA A 51 12.97 0.06 2.15
C ALA A 51 11.96 -0.96 2.62
N GLU A 52 12.12 -2.20 2.17
CA GLU A 52 11.26 -3.29 2.61
C GLU A 52 11.35 -3.47 4.12
N ARG A 53 12.56 -3.68 4.62
CA ARG A 53 12.79 -3.88 6.05
C ARG A 53 12.20 -2.75 6.90
N ALA A 54 12.51 -1.52 6.54
CA ALA A 54 12.02 -0.36 7.28
C ALA A 54 10.50 -0.34 7.32
N MET A 55 9.87 -0.39 6.15
CA MET A 55 8.41 -0.35 6.05
C MET A 55 7.76 -1.54 6.74
N VAL A 56 8.51 -2.62 6.90
CA VAL A 56 7.98 -3.85 7.51
C VAL A 56 8.23 -3.91 9.01
N ALA A 57 9.45 -3.60 9.43
CA ALA A 57 9.83 -3.69 10.84
C ALA A 57 8.95 -2.82 11.73
N ARG A 58 8.38 -1.76 11.15
CA ARG A 58 7.47 -0.89 11.86
C ARG A 58 6.14 -1.58 12.17
N GLN A 59 5.93 -2.74 11.54
CA GLN A 59 4.74 -3.54 11.80
C GLN A 59 5.02 -4.65 12.80
N ASP A 60 6.28 -4.77 13.21
CA ASP A 60 6.70 -5.76 14.20
C ASP A 60 7.03 -5.10 15.52
N LEU A 61 6.01 -4.94 16.37
CA LEU A 61 6.18 -4.29 17.67
C LEU A 61 7.13 -5.07 18.56
N ALA A 62 7.19 -6.38 18.34
CA ALA A 62 8.12 -7.24 19.06
C ALA A 62 9.56 -6.82 18.76
N GLY A 63 9.77 -6.27 17.57
CA GLY A 63 11.07 -5.75 17.18
C GLY A 63 11.25 -4.31 17.57
N LEU A 64 10.19 -3.52 17.40
CA LEU A 64 10.23 -2.10 17.78
C LEU A 64 10.47 -1.99 19.28
N LYS A 65 10.01 -2.99 20.02
CA LYS A 65 10.29 -3.11 21.44
C LYS A 65 11.78 -3.39 21.64
N ARG A 66 12.35 -4.26 20.81
CA ARG A 66 13.75 -4.62 20.92
C ARG A 66 14.66 -3.50 20.41
N LYS A 67 14.21 -2.82 19.35
CA LYS A 67 14.98 -1.73 18.78
C LYS A 67 14.70 -0.42 19.48
N LEU A 68 13.42 -0.07 19.59
CA LEU A 68 13.01 1.17 20.25
C LEU A 68 13.09 1.04 21.76
N ALA A 69 13.59 -0.11 22.23
CA ALA A 69 13.72 -0.35 23.67
C ALA A 69 14.41 0.81 24.36
N GLY A 70 15.73 0.75 24.42
CA GLY A 70 16.52 1.80 25.06
C GLY A 70 17.01 2.83 24.08
N ALA A 71 16.12 3.73 23.67
CA ALA A 71 16.46 4.78 22.72
C ALA A 71 16.35 6.17 23.36
N ASP A 72 16.75 7.18 22.61
CA ASP A 72 16.69 8.56 23.11
C ASP A 72 15.28 9.12 22.97
N ARG A 73 14.68 9.48 24.10
CA ARG A 73 13.29 9.92 24.09
C ARG A 73 13.13 11.38 24.53
N VAL A 74 12.47 12.17 23.69
CA VAL A 74 12.08 13.52 24.06
C VAL A 74 10.87 13.47 24.98
N LEU A 75 10.94 14.16 26.11
CA LEU A 75 9.86 14.12 27.09
C LEU A 75 9.00 15.38 27.06
N ALA A 76 7.72 15.21 27.39
CA ALA A 76 6.81 16.33 27.51
C ALA A 76 6.69 16.74 28.98
N PRO A 77 6.27 17.99 29.25
CA PRO A 77 5.91 18.34 30.61
C PRO A 77 4.80 17.42 31.13
N GLN A 78 4.98 16.86 32.32
CA GLN A 78 4.10 15.81 32.81
C GLN A 78 3.62 16.06 34.24
N SER A 79 2.36 15.77 34.50
CA SER A 79 1.77 15.95 35.81
C SER A 79 2.27 14.89 36.79
N PRO A 80 2.82 15.37 37.97
CA PRO A 80 3.30 14.31 38.89
C PRO A 80 2.21 13.28 39.19
N GLU A 81 2.33 12.10 38.62
CA GLU A 81 1.35 11.04 38.84
C GLU A 81 0.98 10.93 40.31
N GLN A 82 -0.24 10.46 40.57
CA GLN A 82 -0.71 10.31 41.94
C GLN A 82 -1.32 8.93 42.21
N CYS A 83 -1.26 8.05 41.22
CA CYS A 83 -1.80 6.71 41.35
C CYS A 83 -1.21 5.77 40.31
N GLY A 84 -1.97 4.76 39.92
CA GLY A 84 -1.52 3.79 38.94
C GLY A 84 -2.38 2.54 38.92
N ARG A 85 -1.80 1.44 38.46
CA ARG A 85 -2.51 0.17 38.38
C ARG A 85 -3.17 -0.17 39.71
N GLU A 86 -4.30 -0.88 39.63
CA GLU A 86 -5.03 -1.28 40.83
C GLU A 86 -5.40 -0.07 41.68
N SER A 87 -4.40 0.77 41.97
CA SER A 87 -4.61 1.97 42.77
C SER A 87 -5.47 2.99 42.03
N ALA A 88 -5.44 2.92 40.70
CA ALA A 88 -6.21 3.84 39.87
C ALA A 88 -7.30 3.10 39.09
N GLN A 89 -7.16 1.78 39.01
CA GLN A 89 -8.14 0.95 38.31
C GLN A 89 -9.53 1.09 38.91
N ALA A 90 -9.72 0.52 40.10
CA ALA A 90 -11.00 0.58 40.79
C ALA A 90 -11.54 2.00 40.82
N GLN A 91 -10.63 2.98 40.89
CA GLN A 91 -11.02 4.38 40.93
C GLN A 91 -11.90 4.64 39.73
N ALA A 92 -11.56 4.00 38.61
CA ALA A 92 -12.30 4.18 37.36
C ALA A 92 -13.41 3.14 37.17
N ARG A 93 -13.15 1.91 37.61
CA ARG A 93 -14.14 0.84 37.49
C ARG A 93 -15.39 1.18 38.27
N SER A 94 -15.22 1.79 39.43
CA SER A 94 -16.34 2.20 40.26
C SER A 94 -17.13 3.30 39.56
N VAL A 95 -16.42 4.29 39.03
CA VAL A 95 -17.05 5.38 38.29
C VAL A 95 -17.78 4.83 37.06
N THR A 96 -17.12 3.91 36.35
CA THR A 96 -17.71 3.29 35.16
C THR A 96 -19.02 2.58 35.49
N SER A 97 -19.08 1.94 36.65
CA SER A 97 -20.29 1.25 37.08
C SER A 97 -21.36 2.24 37.52
N GLU A 98 -21.01 3.12 38.44
CA GLU A 98 -21.96 4.07 39.02
C GLU A 98 -22.51 5.01 37.95
N LEU A 99 -21.75 5.21 36.87
CA LEU A 99 -22.27 5.92 35.71
C LEU A 99 -23.37 5.08 35.08
N LYS A 100 -23.00 3.86 34.66
CA LYS A 100 -23.93 2.97 33.98
C LYS A 100 -25.19 2.73 34.80
N SER A 101 -25.00 2.35 36.07
CA SER A 101 -26.12 2.04 36.97
C SER A 101 -27.05 3.24 37.15
N ALA A 102 -26.50 4.44 36.95
CA ALA A 102 -27.31 5.65 36.94
C ALA A 102 -27.92 5.88 35.56
N VAL A 103 -27.21 5.45 34.51
CA VAL A 103 -27.73 5.54 33.14
C VAL A 103 -28.81 4.48 32.92
N LYS A 104 -28.52 3.25 33.36
CA LYS A 104 -29.49 2.15 33.29
C LYS A 104 -30.77 2.51 34.04
N GLU A 105 -30.61 3.18 35.18
CA GLU A 105 -31.74 3.65 35.96
C GLU A 105 -32.45 4.77 35.21
N ALA A 106 -31.67 5.59 34.50
CA ALA A 106 -32.21 6.67 33.71
C ALA A 106 -32.76 6.17 32.38
N GLN A 107 -32.23 5.06 31.89
CA GLN A 107 -32.77 4.46 30.67
C GLN A 107 -34.07 3.74 30.96
N GLY A 108 -34.26 3.33 32.21
CA GLY A 108 -35.49 2.68 32.63
C GLY A 108 -36.52 3.68 33.12
N LEU A 109 -37.22 4.31 32.20
CA LEU A 109 -38.30 5.24 32.53
C LEU A 109 -39.45 5.13 31.53
N GLU A 110 -40.47 5.96 31.73
CA GLU A 110 -41.57 6.03 30.79
C GLU A 110 -41.26 7.04 29.69
N HIS A 111 -41.99 6.92 28.57
CA HIS A 111 -41.79 7.76 27.41
C HIS A 111 -43.13 8.27 26.91
N GLN A 112 -43.41 9.55 27.12
CA GLN A 112 -44.70 10.12 26.75
C GLN A 112 -45.01 9.85 25.28
N THR A 113 -46.18 9.26 25.04
CA THR A 113 -46.55 8.72 23.73
C THR A 113 -46.43 9.73 22.59
N LEU A 114 -46.36 9.22 21.37
CA LEU A 114 -46.11 10.04 20.19
C LEU A 114 -47.40 10.51 19.53
N ASP A 115 -48.20 11.28 20.28
CA ASP A 115 -49.44 11.84 19.74
C ASP A 115 -49.17 13.10 18.94
N PHE A 116 -48.02 13.72 19.20
CA PHE A 116 -47.65 14.96 18.54
C PHE A 116 -47.21 14.73 17.10
N LEU A 117 -46.89 13.48 16.77
CA LEU A 117 -46.51 13.13 15.40
C LEU A 117 -47.68 12.51 14.63
N GLU A 118 -47.93 13.03 13.43
CA GLU A 118 -48.89 12.43 12.54
C GLU A 118 -48.38 11.05 12.11
N GLN A 119 -49.27 10.07 12.10
CA GLN A 119 -48.89 8.71 11.70
C GLN A 119 -49.39 8.43 10.28
N LEU A 120 -48.55 7.78 9.48
CA LEU A 120 -48.80 7.64 8.05
C LEU A 120 -49.16 6.23 7.61
N GLY A 121 -49.68 5.42 8.54
CA GLY A 121 -49.82 4.00 8.27
C GLY A 121 -48.41 3.45 8.11
N GLU A 122 -48.27 2.30 7.48
CA GLU A 122 -46.94 1.69 7.40
C GLU A 122 -46.41 1.59 5.97
N TYR A 123 -45.10 1.74 5.83
CA TYR A 123 -44.46 1.76 4.52
C TYR A 123 -43.92 0.38 4.13
N PRO A 124 -44.26 -0.08 2.92
CA PRO A 124 -43.75 -1.34 2.36
C PRO A 124 -42.26 -1.33 2.03
N VAL A 125 -41.65 -2.51 2.03
CA VAL A 125 -40.23 -2.66 1.78
C VAL A 125 -39.92 -2.71 0.29
N CYS A 126 -38.70 -2.32 -0.09
CA CYS A 126 -38.20 -2.57 -1.43
C CYS A 126 -37.56 -3.96 -1.48
N GLY A 127 -37.76 -4.67 -2.58
CA GLY A 127 -38.49 -4.16 -3.73
C GLY A 127 -37.57 -4.06 -4.91
N ILE A 128 -36.80 -2.97 -4.97
CA ILE A 128 -35.83 -2.78 -6.03
C ILE A 128 -34.67 -3.74 -5.85
N LEU A 129 -34.29 -4.41 -6.92
CA LEU A 129 -33.18 -5.37 -6.89
C LEU A 129 -31.92 -4.76 -7.51
N HIS A 130 -30.81 -5.46 -7.36
CA HIS A 130 -29.55 -5.04 -7.98
C HIS A 130 -28.65 -6.25 -8.20
N GLY A 131 -28.97 -7.03 -9.23
CA GLY A 131 -28.22 -8.23 -9.53
C GLY A 131 -28.61 -9.38 -8.61
N ASP A 132 -27.65 -9.84 -7.82
CA ASP A 132 -27.85 -11.00 -6.96
C ASP A 132 -28.41 -10.63 -5.59
N HIS A 133 -28.86 -9.39 -5.45
CA HIS A 133 -29.34 -8.90 -4.16
C HIS A 133 -30.22 -7.67 -4.32
N PRO A 134 -31.12 -7.42 -3.35
CA PRO A 134 -31.93 -6.20 -3.35
C PRO A 134 -31.10 -4.99 -2.93
N VAL A 135 -31.76 -3.85 -2.74
CA VAL A 135 -31.12 -2.71 -2.11
C VAL A 135 -31.52 -2.70 -0.64
N HIS A 136 -32.40 -3.61 -0.29
CA HIS A 136 -32.82 -3.82 1.09
C HIS A 136 -32.54 -5.27 1.47
N PRO A 137 -31.52 -5.48 2.33
CA PRO A 137 -31.05 -6.81 2.77
C PRO A 137 -32.15 -7.74 3.25
N SER A 138 -31.99 -9.03 2.97
CA SER A 138 -33.01 -10.04 3.28
C SER A 138 -33.24 -10.20 4.78
N GLY A 139 -32.17 -10.09 5.56
CA GLY A 139 -32.22 -10.35 6.98
C GLY A 139 -32.64 -9.19 7.86
N THR A 140 -31.94 -8.05 7.71
CA THR A 140 -32.19 -6.88 8.52
C THR A 140 -33.65 -6.41 8.43
N HIS A 141 -34.03 -5.51 9.34
CA HIS A 141 -35.38 -4.93 9.40
C HIS A 141 -35.94 -4.68 8.00
N ASN A 142 -37.21 -5.02 7.75
CA ASN A 142 -38.27 -5.24 8.74
C ASN A 142 -38.31 -6.49 9.61
N ASN A 143 -39.47 -6.66 10.25
CA ASN A 143 -39.83 -7.85 11.00
C ASN A 143 -40.64 -8.81 10.13
N ASN A 144 -41.66 -8.25 9.47
CA ASN A 144 -42.51 -9.00 8.54
C ASN A 144 -43.27 -8.04 7.64
N GLY A 145 -43.69 -8.53 6.47
CA GLY A 145 -44.47 -7.72 5.56
C GLY A 145 -43.79 -6.44 5.11
N LYS A 146 -43.83 -5.42 5.97
CA LYS A 146 -43.25 -4.13 5.63
C LYS A 146 -42.37 -3.51 6.72
N VAL A 147 -41.64 -2.47 6.33
CA VAL A 147 -40.51 -1.91 7.07
C VAL A 147 -40.70 -1.68 8.57
N SER A 148 -39.66 -2.01 9.34
CA SER A 148 -39.55 -1.64 10.74
C SER A 148 -38.10 -1.23 11.00
N VAL A 149 -37.79 -0.87 12.24
CA VAL A 149 -36.42 -0.61 12.66
C VAL A 149 -36.33 -0.52 14.18
N LYS A 150 -35.32 -1.16 14.76
CA LYS A 150 -35.18 -1.20 16.21
C LYS A 150 -34.26 -0.09 16.72
N ARG A 151 -34.81 0.78 17.55
CA ARG A 151 -34.03 1.82 18.20
C ARG A 151 -33.45 1.28 19.50
N GLN A 152 -32.13 1.18 19.57
CA GLN A 152 -31.48 0.61 20.76
C GLN A 152 -30.93 1.68 21.70
N PHE A 153 -31.06 1.42 23.00
CA PHE A 153 -30.52 2.30 24.02
C PHE A 153 -29.60 1.50 24.95
N ALA A 154 -28.14 0.91 24.54
CA ALA A 154 -27.19 0.13 25.32
C ALA A 154 -27.03 0.71 26.73
N ALA A 155 -26.26 0.03 27.56
CA ALA A 155 -26.02 0.47 28.92
C ALA A 155 -24.70 -0.09 29.47
N GLY A 156 -23.61 0.08 28.73
CA GLY A 156 -23.61 0.76 27.45
C GLY A 156 -22.98 2.14 27.53
N VAL A 157 -21.81 2.22 28.15
CA VAL A 157 -21.10 3.49 28.30
C VAL A 157 -19.72 3.43 27.64
N ASN A 158 -18.92 4.46 27.87
CA ASN A 158 -17.57 4.52 27.32
C ASN A 158 -16.57 3.71 28.12
N THR A 159 -15.35 3.60 27.62
CA THR A 159 -14.30 2.85 28.29
C THR A 159 -13.69 3.67 29.42
N SER A 160 -13.10 3.15 30.02
CA SER A 160 -12.56 3.48 31.32
C SER A 160 -11.05 3.73 31.24
N ASP A 161 -10.40 3.11 30.26
CA ASP A 161 -8.96 3.27 30.07
C ASP A 161 -8.57 4.74 30.01
N ALA A 162 -9.34 5.53 29.28
CA ALA A 162 -9.07 6.96 29.14
C ALA A 162 -9.28 7.69 30.47
N LEU A 163 -10.20 7.16 31.28
CA LEU A 163 -10.47 7.70 32.60
C LEU A 163 -9.39 7.24 33.60
N THR A 164 -8.87 6.04 33.36
CA THR A 164 -7.86 5.45 34.25
C THR A 164 -6.61 6.32 34.34
N CYS A 165 -6.18 6.86 33.20
CA CYS A 165 -5.01 7.73 33.17
C CYS A 165 -5.26 9.00 33.97
N ALA A 166 -6.49 9.51 33.90
CA ALA A 166 -6.86 10.72 34.64
C ALA A 166 -6.81 10.46 36.14
N PHE A 167 -7.06 9.22 36.54
CA PHE A 167 -6.92 8.81 37.92
C PHE A 167 -5.46 8.45 38.20
N ARG A 168 -4.71 8.19 37.14
CA ARG A 168 -3.32 7.78 37.26
C ARG A 168 -2.38 8.97 37.38
N PHE A 169 -2.88 10.15 37.06
CA PHE A 169 -2.03 11.33 37.04
C PHE A 169 -2.62 12.51 37.78
N GLU A 170 -3.95 12.62 37.77
CA GLU A 170 -4.59 13.79 38.34
C GLU A 170 -5.33 13.55 39.65
N ASP A 171 -5.76 14.65 40.25
CA ASP A 171 -6.41 14.66 41.55
C ASP A 171 -7.62 13.73 41.60
N SER A 172 -7.52 12.69 42.41
CA SER A 172 -8.49 11.60 42.44
C SER A 172 -9.94 12.04 42.64
N ASP A 173 -10.21 12.71 43.76
CA ASP A 173 -11.58 13.08 44.09
C ASP A 173 -12.14 14.16 43.16
N LEU A 174 -11.26 14.84 42.42
CA LEU A 174 -11.72 15.77 41.39
C LEU A 174 -12.16 15.00 40.15
N VAL A 175 -11.31 14.08 39.71
CA VAL A 175 -11.60 13.24 38.56
C VAL A 175 -12.75 12.28 38.89
N ARG A 176 -12.90 11.94 40.17
CA ARG A 176 -14.00 11.10 40.60
C ARG A 176 -15.33 11.82 40.36
N GLU A 177 -15.32 13.15 40.43
CA GLU A 177 -16.53 13.95 40.28
C GLU A 177 -16.76 14.40 38.84
N THR A 178 -15.74 14.96 38.22
CA THR A 178 -15.85 15.50 36.86
C THR A 178 -16.12 14.41 35.83
N ALA A 179 -15.89 13.16 36.22
CA ALA A 179 -16.20 12.03 35.36
C ALA A 179 -17.66 11.64 35.49
N LEU A 180 -18.28 12.05 36.58
CA LEU A 180 -19.64 11.64 36.90
C LEU A 180 -20.70 12.61 36.38
N LYS A 181 -20.30 13.84 36.08
CA LYS A 181 -21.28 14.82 35.61
C LYS A 181 -21.60 14.63 34.14
N THR A 182 -20.61 14.21 33.36
CA THR A 182 -20.82 13.98 31.93
C THR A 182 -20.45 12.56 31.51
N THR A 183 -21.20 12.02 30.57
CA THR A 183 -20.90 10.69 30.02
C THR A 183 -21.47 10.54 28.61
N TYR A 184 -20.81 9.71 27.81
CA TYR A 184 -21.23 9.43 26.43
C TYR A 184 -22.10 8.18 26.41
N THR A 185 -23.41 8.38 26.29
CA THR A 185 -24.34 7.26 26.26
C THR A 185 -25.39 7.47 25.17
N ASP A 186 -26.09 6.40 24.81
CA ASP A 186 -27.13 6.49 23.78
C ASP A 186 -28.23 7.46 24.20
N GLY A 187 -28.40 7.60 25.52
CA GLY A 187 -29.40 8.51 26.05
C GLY A 187 -30.52 7.77 26.75
N THR A 188 -31.62 8.47 26.98
CA THR A 188 -32.80 7.88 27.61
C THR A 188 -34.01 8.07 26.71
N TRP A 189 -35.07 7.30 26.94
CA TRP A 189 -36.22 7.34 26.04
C TRP A 189 -37.07 8.58 26.24
N ALA A 190 -37.29 8.96 27.49
CA ALA A 190 -38.00 10.20 27.78
C ALA A 190 -37.17 11.36 27.26
N GLY A 191 -35.88 11.34 27.55
CA GLY A 191 -34.96 12.35 27.04
C GLY A 191 -34.97 12.39 25.52
N PHE A 192 -35.20 11.24 24.90
CA PHE A 192 -35.29 11.16 23.45
C PHE A 192 -36.61 11.76 22.95
N VAL A 193 -37.71 11.30 23.52
CA VAL A 193 -39.03 11.74 23.10
C VAL A 193 -39.30 13.21 23.46
N GLN A 194 -39.08 13.56 24.72
CA GLN A 194 -39.33 14.92 25.21
C GLN A 194 -38.70 15.98 24.32
N ARG A 195 -37.45 15.74 23.91
CA ARG A 195 -36.74 16.72 23.11
C ARG A 195 -37.09 16.59 21.64
N LEU A 196 -37.56 15.41 21.23
CA LEU A 196 -38.11 15.25 19.89
C LEU A 196 -39.40 16.04 19.79
N LYS A 197 -40.28 15.82 20.76
CA LYS A 197 -41.54 16.56 20.87
C LYS A 197 -41.28 18.06 20.94
N MET A 198 -40.20 18.43 21.62
CA MET A 198 -39.86 19.84 21.84
C MET A 198 -39.57 20.57 20.52
N GLN A 199 -38.98 19.87 19.57
CA GLN A 199 -38.52 20.50 18.33
C GLN A 199 -39.46 20.24 17.14
N THR A 200 -40.34 19.26 17.27
CA THR A 200 -41.31 18.97 16.21
C THR A 200 -42.54 19.85 16.37
N THR A 201 -42.82 20.25 17.61
CA THR A 201 -44.02 21.03 17.91
C THR A 201 -43.70 22.30 18.69
N ARG A 202 -42.98 23.22 18.06
CA ARG A 202 -42.71 24.53 18.66
C ARG A 202 -43.29 25.63 17.78
N LYS A 203 -44.06 26.53 18.39
CA LYS A 203 -44.60 27.67 17.65
C LYS A 203 -43.49 28.58 17.18
N CYS A 204 -43.19 28.51 15.88
CA CYS A 204 -42.13 29.33 15.29
C CYS A 204 -42.68 30.59 14.66
N VAL A 205 -41.78 31.51 14.33
CA VAL A 205 -42.15 32.75 13.67
C VAL A 205 -41.49 32.83 12.30
N GLN A 206 -42.30 32.83 11.25
CA GLN A 206 -41.80 32.99 9.89
C GLN A 206 -41.02 34.30 9.77
N GLU A 207 -39.91 34.26 9.05
CA GLU A 207 -39.03 35.41 8.95
C GLU A 207 -39.27 36.24 7.70
N LYS A 208 -39.17 37.56 7.85
CA LYS A 208 -39.04 38.42 6.69
C LYS A 208 -37.66 38.17 6.10
N VAL A 209 -37.62 37.49 4.96
CA VAL A 209 -36.35 37.12 4.36
C VAL A 209 -36.38 37.39 2.85
N SER A 210 -36.10 38.64 2.50
CA SER A 210 -35.91 39.00 1.10
C SER A 210 -34.58 38.41 0.65
N ARG A 211 -34.52 37.93 -0.59
CA ARG A 211 -33.33 37.24 -1.06
C ARG A 211 -32.14 38.17 -1.18
N LYS A 212 -32.39 39.46 -1.31
CA LYS A 212 -31.32 40.44 -1.39
C LYS A 212 -30.72 40.66 0.00
N LEU A 213 -31.56 40.49 1.03
CA LEU A 213 -31.09 40.55 2.41
C LEU A 213 -30.10 39.44 2.68
N LEU A 214 -30.36 38.27 2.10
CA LEU A 214 -29.49 37.11 2.26
C LEU A 214 -28.14 37.34 1.58
N LYS A 215 -28.12 38.18 0.55
CA LYS A 215 -26.87 38.53 -0.11
C LYS A 215 -25.97 39.33 0.83
N GLN A 216 -26.60 40.09 1.73
CA GLN A 216 -25.86 40.90 2.70
C GLN A 216 -25.39 40.04 3.88
N LEU A 217 -26.34 39.37 4.53
CA LEU A 217 -26.04 38.58 5.71
C LEU A 217 -25.26 37.31 5.36
N PHE A 218 -25.38 36.87 4.11
CA PHE A 218 -24.67 35.68 3.65
C PHE A 218 -24.10 35.86 2.25
N PRO A 219 -23.08 36.72 2.10
CA PRO A 219 -22.46 36.91 0.79
C PRO A 219 -21.65 35.68 0.41
N TYR A 220 -21.62 35.37 -0.88
CA TYR A 220 -20.86 34.23 -1.38
C TYR A 220 -20.02 34.66 -2.58
N ASP A 221 -18.89 33.99 -2.77
CA ASP A 221 -18.07 34.22 -3.95
C ASP A 221 -18.66 33.42 -5.10
N PRO A 222 -19.33 34.12 -6.04
CA PRO A 222 -20.17 33.52 -7.09
C PRO A 222 -19.41 32.57 -8.02
N GLN A 223 -18.12 32.80 -8.18
CA GLN A 223 -17.31 32.01 -9.09
C GLN A 223 -16.96 30.63 -8.52
N LYS A 224 -16.72 30.56 -7.21
CA LYS A 224 -16.26 29.32 -6.60
C LYS A 224 -17.34 28.27 -6.38
N LEU A 225 -18.56 28.56 -6.83
CA LEU A 225 -19.61 27.54 -6.81
C LEU A 225 -19.30 26.46 -7.83
N VAL A 226 -19.56 25.21 -7.47
CA VAL A 226 -19.37 24.08 -8.38
C VAL A 226 -20.20 24.28 -9.64
N ASP A 227 -19.59 24.13 -10.81
CA ASP A 227 -20.34 24.14 -12.06
C ASP A 227 -21.37 23.02 -12.00
N VAL A 228 -22.55 23.37 -11.48
CA VAL A 228 -23.59 22.40 -11.19
C VAL A 228 -24.23 21.87 -12.48
N SER A 229 -23.86 22.48 -13.60
CA SER A 229 -24.41 22.12 -14.90
C SER A 229 -23.77 20.90 -15.55
N GLY A 230 -22.55 20.56 -15.13
CA GLY A 230 -21.77 19.55 -15.83
C GLY A 230 -22.56 18.46 -15.11
N GLU A 231 -22.44 17.22 -15.61
CA GLU A 231 -23.31 16.05 -15.68
C GLU A 231 -23.49 15.64 -14.22
N LEU A 232 -24.64 15.05 -13.91
CA LEU A 232 -24.96 14.68 -12.54
C LEU A 232 -24.12 13.51 -12.02
N SER A 233 -23.99 12.47 -12.85
CA SER A 233 -23.32 11.24 -12.43
C SER A 233 -21.90 11.48 -11.91
N GLU A 234 -21.18 12.41 -12.55
CA GLU A 234 -19.83 12.75 -12.13
C GLU A 234 -19.85 13.79 -11.01
N LEU A 235 -20.86 14.65 -11.02
CA LEU A 235 -21.00 15.71 -10.04
C LEU A 235 -21.22 15.17 -8.63
N VAL A 236 -21.95 14.07 -8.53
CA VAL A 236 -22.25 13.45 -7.24
C VAL A 236 -20.98 12.87 -6.62
N LEU A 237 -20.08 12.35 -7.47
CA LEU A 237 -18.85 11.72 -7.02
C LEU A 237 -17.96 12.66 -6.19
N GLY A 238 -17.97 13.94 -6.53
CA GLY A 238 -17.15 14.92 -5.83
C GLY A 238 -17.73 15.38 -4.50
N ILE A 239 -18.67 14.60 -3.96
CA ILE A 239 -19.30 14.92 -2.70
C ILE A 239 -18.59 14.26 -1.52
N LYS A 240 -18.24 15.05 -0.51
CA LYS A 240 -17.63 14.54 0.70
C LYS A 240 -18.69 14.14 1.73
N THR A 241 -18.59 12.92 2.24
CA THR A 241 -19.47 12.45 3.30
C THR A 241 -18.79 11.32 4.07
N ASN A 242 -19.26 11.07 5.29
CA ASN A 242 -18.68 10.04 6.14
C ASN A 242 -18.96 8.64 5.62
N ALA A 243 -17.91 7.93 5.22
CA ALA A 243 -18.02 6.63 4.59
C ALA A 243 -18.56 5.55 5.53
N ILE A 244 -18.51 5.81 6.84
CA ILE A 244 -18.95 4.82 7.81
C ILE A 244 -20.36 5.10 8.31
N ALA A 245 -20.87 6.29 7.99
CA ALA A 245 -22.22 6.67 8.39
C ALA A 245 -23.26 5.76 7.75
N SER A 246 -24.46 5.71 8.35
CA SER A 246 -25.54 4.90 7.79
C SER A 246 -26.11 5.58 6.55
N ALA A 247 -26.37 4.78 5.53
CA ALA A 247 -26.87 5.31 4.26
C ALA A 247 -28.38 5.53 4.28
N GLY A 248 -29.02 5.14 5.37
CA GLY A 248 -30.46 5.29 5.49
C GLY A 248 -31.23 4.37 4.56
N PRO A 249 -32.57 4.43 4.61
CA PRO A 249 -33.44 3.59 3.80
C PRO A 249 -33.22 3.77 2.30
N PRO A 250 -33.48 2.72 1.50
CA PRO A 250 -33.87 1.39 1.97
C PRO A 250 -32.66 0.49 2.14
N TYR A 251 -31.49 1.10 2.27
CA TYR A 251 -30.22 0.38 2.31
C TYR A 251 -29.98 -0.30 3.65
N TRP A 252 -30.17 0.45 4.73
CA TRP A 252 -29.94 -0.03 6.09
C TRP A 252 -28.56 -0.66 6.26
N ARG A 253 -27.54 0.06 5.81
CA ARG A 253 -26.15 -0.36 5.94
C ARG A 253 -25.23 0.83 5.74
N THR A 254 -23.96 0.67 6.11
CA THR A 254 -23.00 1.76 6.02
C THR A 254 -22.88 2.30 4.59
N LYS A 255 -22.49 3.56 4.48
CA LYS A 255 -22.41 4.24 3.18
C LYS A 255 -21.41 3.58 2.24
N ARG A 256 -20.45 2.85 2.79
CA ARG A 256 -19.50 2.13 1.95
C ARG A 256 -20.14 0.88 1.37
N ASP A 257 -21.05 0.27 2.12
CA ASP A 257 -21.71 -0.95 1.66
C ASP A 257 -22.84 -0.63 0.69
N ALA A 258 -23.34 0.60 0.73
CA ALA A 258 -24.52 0.98 -0.02
C ALA A 258 -24.23 1.94 -1.18
N LEU A 259 -22.97 2.34 -1.32
CA LEU A 259 -22.59 3.27 -2.39
C LEU A 259 -22.87 2.75 -3.81
N PRO A 260 -22.49 1.50 -4.12
CA PRO A 260 -22.77 1.06 -5.49
C PRO A 260 -24.26 0.89 -5.75
N ASP A 261 -24.96 0.31 -4.77
CA ASP A 261 -26.39 0.02 -4.91
C ASP A 261 -27.24 1.28 -5.01
N MET A 262 -26.61 2.44 -4.81
CA MET A 262 -27.28 3.72 -4.96
C MET A 262 -27.09 4.27 -6.37
N LEU A 263 -25.82 4.40 -6.76
CA LEU A 263 -25.44 5.26 -7.86
C LEU A 263 -25.79 4.73 -9.26
N ASP A 264 -25.60 3.43 -9.49
CA ASP A 264 -25.91 2.86 -10.80
C ASP A 264 -27.33 2.29 -10.82
N CYS A 265 -27.94 2.21 -9.65
CA CYS A 265 -29.27 1.61 -9.52
C CYS A 265 -30.33 2.64 -9.12
N VAL A 266 -30.23 3.12 -7.89
CA VAL A 266 -31.27 3.98 -7.32
C VAL A 266 -31.29 5.38 -7.92
N LEU A 267 -30.12 6.02 -7.97
CA LEU A 267 -30.05 7.40 -8.49
C LEU A 267 -30.60 7.56 -9.92
N PRO A 268 -30.29 6.62 -10.83
CA PRO A 268 -30.95 6.76 -12.13
C PRO A 268 -32.46 6.67 -12.00
N LEU A 269 -32.94 5.75 -11.16
CA LEU A 269 -34.36 5.59 -10.92
C LEU A 269 -34.95 6.87 -10.31
N LEU A 270 -34.14 7.55 -9.51
CA LEU A 270 -34.54 8.83 -8.94
C LEU A 270 -34.46 9.93 -9.99
N TYR A 271 -33.38 9.92 -10.77
CA TYR A 271 -33.18 10.90 -11.83
C TYR A 271 -34.28 10.81 -12.89
N ASP A 272 -34.45 9.61 -13.43
CA ASP A 272 -35.50 9.28 -14.40
C ASP A 272 -36.84 9.88 -14.02
N HIS A 273 -37.22 9.67 -12.77
CA HIS A 273 -38.54 10.00 -12.29
C HIS A 273 -38.66 11.50 -11.98
N ILE A 274 -37.51 12.16 -11.78
CA ILE A 274 -37.50 13.60 -11.56
C ILE A 274 -37.66 14.37 -12.88
N VAL A 275 -36.89 13.98 -13.88
CA VAL A 275 -36.86 14.69 -15.15
C VAL A 275 -38.17 14.55 -15.92
N ARG A 276 -39.02 13.62 -15.50
CA ARG A 276 -40.34 13.44 -16.08
C ARG A 276 -41.39 14.17 -15.26
N LYS A 277 -40.92 14.79 -14.18
CA LYS A 277 -41.76 15.39 -13.12
C LYS A 277 -42.88 14.42 -12.74
N ASP A 278 -42.60 13.12 -12.83
CA ASP A 278 -43.54 12.09 -12.43
C ASP A 278 -42.71 11.47 -11.32
N LEU A 279 -42.58 12.19 -10.21
CA LEU A 279 -41.94 11.64 -9.03
C LEU A 279 -43.05 10.99 -8.21
N THR A 280 -44.28 11.30 -8.60
CA THR A 280 -45.47 10.93 -7.85
C THR A 280 -45.89 9.48 -8.11
N THR A 281 -45.12 8.77 -8.94
CA THR A 281 -45.32 7.33 -9.11
C THR A 281 -44.32 6.59 -8.23
N LEU A 282 -43.15 7.19 -8.05
CA LEU A 282 -42.08 6.58 -7.27
C LEU A 282 -42.43 6.63 -5.78
N ARG A 283 -43.39 7.50 -5.44
CA ARG A 283 -43.99 7.53 -4.11
C ARG A 283 -44.43 6.13 -3.73
N ASN A 284 -45.52 5.74 -4.37
CA ASN A 284 -46.39 4.66 -3.94
C ASN A 284 -45.88 3.29 -4.34
N LYS A 285 -44.93 3.25 -5.26
CA LYS A 285 -44.34 1.99 -5.70
C LYS A 285 -43.14 1.64 -4.81
N HIS A 286 -42.39 2.66 -4.40
CA HIS A 286 -41.25 2.46 -3.51
C HIS A 286 -41.12 3.62 -2.53
N PRO A 287 -41.91 3.59 -1.45
CA PRO A 287 -42.00 4.69 -0.47
C PRO A 287 -40.84 4.73 0.53
N GLU A 288 -40.05 3.67 0.60
CA GLU A 288 -38.92 3.65 1.52
C GLU A 288 -37.76 4.47 0.96
N LEU A 289 -37.92 4.92 -0.28
CA LEU A 289 -36.92 5.76 -0.93
C LEU A 289 -36.97 7.19 -0.41
N PHE A 290 -38.07 7.54 0.26
CA PHE A 290 -38.26 8.88 0.79
C PHE A 290 -38.51 8.83 2.29
N LEU A 291 -38.20 7.68 2.88
CA LEU A 291 -38.38 7.46 4.31
C LEU A 291 -37.08 7.77 5.07
N ALA A 292 -37.19 8.44 6.20
CA ALA A 292 -36.01 8.77 7.00
C ALA A 292 -35.99 7.97 8.30
N GLU A 293 -34.89 8.06 9.03
CA GLU A 293 -34.76 7.34 10.29
C GLU A 293 -34.44 8.29 11.43
N CYS A 294 -35.39 8.44 12.36
CA CYS A 294 -35.19 9.31 13.52
C CYS A 294 -34.56 8.53 14.67
N LYS A 295 -33.24 8.67 14.82
CA LYS A 295 -32.52 7.98 15.88
C LYS A 295 -31.96 8.95 16.91
N ASN A 296 -31.67 8.45 18.10
CA ASN A 296 -31.08 9.25 19.16
C ASN A 296 -29.58 9.41 18.96
N LYS A 297 -29.10 10.65 19.02
CA LYS A 297 -27.68 10.92 18.85
C LYS A 297 -26.89 10.51 20.08
N THR A 298 -26.00 9.55 19.91
CA THR A 298 -25.13 9.12 21.00
C THR A 298 -23.93 10.08 21.10
N ASP A 299 -23.97 10.96 22.09
CA ASP A 299 -22.83 11.82 22.40
C ASP A 299 -22.76 12.11 23.90
N ARG A 300 -22.14 13.23 24.25
CA ARG A 300 -21.86 13.55 25.66
C ARG A 300 -23.01 14.30 26.32
N TYR A 301 -23.82 13.57 27.10
CA TYR A 301 -24.93 14.16 27.83
C TYR A 301 -24.58 14.31 29.30
N GLU A 302 -25.10 15.35 29.95
CA GLU A 302 -24.87 15.51 31.38
C GLU A 302 -25.88 14.65 32.13
N VAL A 303 -25.43 13.97 33.18
CA VAL A 303 -26.18 12.87 33.80
C VAL A 303 -27.48 13.30 34.50
N GLU A 304 -27.57 14.55 34.93
CA GLU A 304 -28.78 15.05 35.57
C GLU A 304 -29.95 15.03 34.61
N SER A 305 -29.76 15.67 33.46
CA SER A 305 -30.82 15.84 32.47
C SER A 305 -30.94 14.66 31.52
N LEU A 306 -30.30 13.54 31.86
CA LEU A 306 -30.40 12.34 31.05
C LEU A 306 -31.86 11.95 30.85
N GLY A 307 -32.65 12.01 31.92
CA GLY A 307 -34.04 11.67 31.85
C GLY A 307 -34.88 12.65 31.05
N GLU A 308 -34.32 13.80 30.71
CA GLU A 308 -35.06 14.83 30.00
C GLU A 308 -34.29 15.42 28.81
N LYS A 309 -33.25 14.74 28.36
CA LYS A 309 -32.44 15.26 27.26
C LYS A 309 -31.68 14.17 26.50
N THR A 310 -32.08 13.95 25.25
CA THR A 310 -31.37 13.06 24.33
C THR A 310 -31.68 13.49 22.90
N ARG A 311 -30.66 13.99 22.21
CA ARG A 311 -30.84 14.63 20.91
C ARG A 311 -31.24 13.67 19.80
N PRO A 312 -32.36 13.98 19.12
CA PRO A 312 -32.84 13.23 17.96
C PRO A 312 -32.30 13.80 16.64
N TYR A 313 -32.02 12.93 15.67
CA TYR A 313 -31.60 13.38 14.35
C TYR A 313 -32.03 12.38 13.29
N PHE A 314 -32.33 12.88 12.10
CA PHE A 314 -32.96 12.06 11.07
C PHE A 314 -31.98 11.58 10.01
N SER A 315 -31.74 10.26 10.00
CA SER A 315 -30.93 9.64 8.96
C SER A 315 -31.71 9.59 7.66
N HIS A 316 -31.24 10.32 6.65
CA HIS A 316 -31.92 10.38 5.36
C HIS A 316 -31.36 9.35 4.39
N PRO A 317 -32.18 8.92 3.42
CA PRO A 317 -31.73 8.03 2.34
C PRO A 317 -30.48 8.56 1.64
N PHE A 318 -29.57 7.66 1.29
CA PHE A 318 -28.27 8.05 0.74
C PHE A 318 -28.43 8.85 -0.56
N HIS A 319 -29.27 8.34 -1.46
CA HIS A 319 -29.50 9.00 -2.75
C HIS A 319 -30.08 10.40 -2.59
N LEU A 320 -30.98 10.55 -1.61
CA LEU A 320 -31.54 11.86 -1.30
C LEU A 320 -30.47 12.74 -0.65
N SER A 321 -29.82 12.20 0.37
CA SER A 321 -28.80 12.93 1.11
C SER A 321 -27.63 13.33 0.22
N ALA A 322 -27.26 12.45 -0.70
CA ALA A 322 -26.17 12.73 -1.63
C ALA A 322 -26.54 13.86 -2.59
N LEU A 323 -27.55 13.60 -3.42
CA LEU A 323 -27.98 14.54 -4.46
C LEU A 323 -28.12 15.98 -3.98
N VAL A 324 -28.66 16.14 -2.78
CA VAL A 324 -28.81 17.46 -2.18
C VAL A 324 -27.47 18.09 -1.85
N SER A 325 -26.54 17.27 -1.37
CA SER A 325 -25.23 17.75 -0.92
C SER A 325 -24.39 18.37 -2.05
N VAL A 326 -24.84 18.20 -3.29
CA VAL A 326 -24.19 18.85 -4.42
C VAL A 326 -24.27 20.37 -4.26
N LEU A 327 -25.42 20.85 -3.79
CA LEU A 327 -25.66 22.28 -3.65
C LEU A 327 -25.16 22.83 -2.32
N SER A 328 -25.11 21.98 -1.31
CA SER A 328 -24.65 22.42 0.01
C SER A 328 -23.15 22.63 0.03
N GLN A 329 -22.40 21.59 -0.32
CA GLN A 329 -20.94 21.65 -0.29
C GLN A 329 -20.39 22.68 -1.26
N SER A 330 -21.07 22.86 -2.39
CA SER A 330 -20.68 23.86 -3.38
C SER A 330 -20.86 25.27 -2.82
N PHE A 331 -21.92 25.46 -2.06
CA PHE A 331 -22.23 26.77 -1.49
C PHE A 331 -21.53 26.96 -0.15
N SER A 332 -21.26 25.86 0.54
CA SER A 332 -20.54 25.91 1.81
C SER A 332 -19.10 26.32 1.58
N GLY A 333 -18.55 25.92 0.43
CA GLY A 333 -17.19 26.25 0.08
C GLY A 333 -17.09 27.59 -0.62
N ALA A 334 -18.22 28.08 -1.12
CA ALA A 334 -18.25 29.35 -1.83
C ALA A 334 -18.69 30.49 -0.93
N LEU A 335 -19.09 30.15 0.29
CA LEU A 335 -19.55 31.15 1.25
C LEU A 335 -18.41 31.99 1.80
N LYS A 336 -18.75 33.12 2.41
CA LYS A 336 -17.76 34.00 3.01
C LYS A 336 -18.05 34.15 4.51
N ILE A 337 -17.01 34.43 5.30
CA ILE A 337 -17.15 34.45 6.75
C ILE A 337 -16.83 35.83 7.36
N MET A 338 -16.71 35.87 8.69
CA MET A 338 -16.24 37.03 9.44
C MET A 338 -15.07 37.75 8.79
N THR A 339 -13.96 37.03 8.78
CA THR A 339 -12.64 37.58 8.54
C THR A 339 -12.48 38.14 7.14
N GLU A 340 -13.33 37.70 6.22
CA GLU A 340 -13.26 38.17 4.84
C GLU A 340 -14.15 39.39 4.64
N ASP A 341 -15.43 39.17 4.37
CA ASP A 341 -16.38 40.26 4.23
C ASP A 341 -16.80 40.78 5.60
N SER A 342 -16.98 42.09 5.71
CA SER A 342 -17.36 42.72 6.96
C SER A 342 -18.86 42.65 7.20
N THR A 343 -19.63 42.69 6.12
CA THR A 343 -21.09 42.69 6.20
C THR A 343 -21.62 41.32 6.63
N SER A 344 -20.91 40.27 6.26
CA SER A 344 -21.34 38.89 6.50
C SER A 344 -21.54 38.56 7.98
N PHE A 345 -22.68 37.95 8.29
CA PHE A 345 -22.96 37.45 9.64
C PHE A 345 -22.50 36.00 9.80
N ASN A 346 -21.99 35.43 8.71
CA ASN A 346 -21.70 34.00 8.62
C ASN A 346 -20.38 33.57 9.25
N ALA A 347 -20.43 32.48 10.02
CA ALA A 347 -19.25 31.86 10.61
C ALA A 347 -18.97 30.52 9.97
N TYR A 348 -20.01 29.94 9.35
CA TYR A 348 -19.92 28.61 8.74
C TYR A 348 -18.78 28.54 7.73
N GLY A 349 -17.58 28.30 8.24
CA GLY A 349 -16.37 28.27 7.43
C GLY A 349 -15.16 28.73 8.21
N PHE A 350 -15.40 29.35 9.36
CA PHE A 350 -14.34 29.90 10.19
C PHE A 350 -13.47 28.80 10.79
N SER A 351 -12.17 29.08 10.90
CA SER A 351 -11.23 28.16 11.53
C SER A 351 -10.20 28.93 12.36
N TRP A 352 -9.79 28.35 13.49
CA TRP A 352 -8.89 29.02 14.41
C TRP A 352 -7.45 29.10 13.90
N THR A 353 -6.98 28.00 13.32
CA THR A 353 -5.59 27.88 12.89
C THR A 353 -5.22 28.93 11.82
N ASN A 354 -3.93 29.28 11.78
CA ASN A 354 -3.38 30.20 10.79
C ASN A 354 -4.03 31.59 10.83
N GLY A 355 -3.97 32.24 11.97
CA GLY A 355 -4.44 33.60 12.11
C GLY A 355 -5.92 33.75 12.42
N GLY A 356 -6.69 32.68 12.23
CA GLY A 356 -8.12 32.72 12.45
C GLY A 356 -8.51 33.18 13.84
N ALA A 357 -7.77 32.68 14.84
CA ALA A 357 -8.02 33.08 16.22
C ALA A 357 -7.80 34.58 16.42
N GLU A 358 -6.87 35.13 15.66
CA GLU A 358 -6.60 36.57 15.71
C GLU A 358 -7.47 37.31 14.70
N ASP A 359 -7.79 36.62 13.61
CA ASP A 359 -8.69 37.18 12.59
C ASP A 359 -10.08 37.41 13.17
N LEU A 360 -10.44 36.62 14.17
CA LEU A 360 -11.69 36.83 14.90
C LEU A 360 -11.61 38.13 15.70
N ALA A 361 -10.48 38.33 16.37
CA ALA A 361 -10.28 39.50 17.22
C ALA A 361 -10.40 40.81 16.47
N ILE A 362 -9.60 40.96 15.42
CA ILE A 362 -9.57 42.19 14.63
C ILE A 362 -10.92 42.55 14.03
N TRP A 363 -11.72 41.52 13.70
CA TRP A 363 -13.06 41.71 13.20
C TRP A 363 -13.99 42.21 14.31
N ALA A 364 -13.79 41.67 15.50
CA ALA A 364 -14.60 42.03 16.66
C ALA A 364 -14.32 43.46 17.14
N ARG A 365 -13.05 43.85 17.10
CA ARG A 365 -12.62 45.11 17.71
C ARG A 365 -12.91 46.34 16.85
N GLN A 366 -13.93 46.26 16.00
CA GLN A 366 -14.41 47.43 15.27
C GLN A 366 -15.93 47.49 15.35
N ALA A 367 -16.49 46.81 16.33
CA ALA A 367 -17.91 46.95 16.65
C ALA A 367 -18.16 48.31 17.28
N GLY A 368 -19.07 49.08 16.70
CA GLY A 368 -19.32 50.44 17.15
C GLY A 368 -20.09 50.53 18.46
N GLU A 369 -20.36 51.76 18.89
CA GLU A 369 -21.14 52.01 20.08
C GLU A 369 -22.59 51.63 19.84
N ALA A 370 -23.20 50.96 20.82
CA ALA A 370 -24.57 50.50 20.70
C ALA A 370 -25.53 51.68 20.54
N GLY A 371 -26.19 51.74 19.38
CA GLY A 371 -27.18 52.77 19.14
C GLY A 371 -26.76 53.81 18.11
N LYS A 372 -25.49 53.79 17.71
CA LYS A 372 -24.98 54.79 16.77
C LYS A 372 -24.36 54.18 15.52
N LYS A 373 -23.58 53.13 15.67
CA LYS A 373 -22.98 52.46 14.53
C LYS A 373 -22.90 50.94 14.71
N PRO A 374 -23.11 50.18 13.63
CA PRO A 374 -23.19 48.71 13.57
C PRO A 374 -22.21 47.97 14.48
N PRO A 375 -22.70 46.93 15.16
CA PRO A 375 -21.89 46.06 16.02
C PRO A 375 -21.23 44.94 15.21
N ARG A 376 -20.82 43.87 15.88
CA ARG A 376 -20.24 42.73 15.21
C ARG A 376 -20.91 41.43 15.68
N ILE A 377 -21.73 40.85 14.81
CA ILE A 377 -22.46 39.63 15.14
C ILE A 377 -21.89 38.43 14.38
N ALA A 378 -21.84 37.29 15.06
CA ALA A 378 -21.17 36.11 14.52
C ALA A 378 -21.99 34.84 14.69
N CYS A 379 -22.42 34.25 13.58
CA CYS A 379 -23.32 33.09 13.65
C CYS A 379 -22.76 31.80 13.04
N TYR A 380 -22.49 30.82 13.88
CA TYR A 380 -22.16 29.46 13.43
C TYR A 380 -23.25 28.52 13.92
N GLY A 381 -24.38 28.52 13.21
CA GLY A 381 -25.51 27.73 13.63
C GLY A 381 -26.05 28.20 14.97
N ASP A 382 -26.13 27.28 15.94
CA ASP A 382 -26.68 27.61 17.24
C ASP A 382 -25.63 28.18 18.20
N ASP A 383 -24.44 28.44 17.69
CA ASP A 383 -23.39 29.09 18.47
C ASP A 383 -23.11 30.48 17.93
N THR A 384 -23.21 31.48 18.80
CA THR A 384 -23.18 32.88 18.36
C THR A 384 -22.19 33.72 19.17
N ASP A 385 -21.61 34.72 18.52
CA ASP A 385 -20.62 35.59 19.15
C ASP A 385 -20.90 37.06 18.84
N ILE A 386 -21.56 37.73 19.77
CA ILE A 386 -21.96 39.13 19.55
C ILE A 386 -21.00 40.10 20.23
N TYR A 387 -20.54 41.09 19.47
CA TYR A 387 -19.69 42.14 20.02
C TYR A 387 -20.31 43.52 19.83
N TYR A 388 -20.33 44.30 20.90
CA TYR A 388 -20.84 45.68 20.85
C TYR A 388 -20.11 46.52 21.89
N ARG A 389 -20.19 47.84 21.76
CA ARG A 389 -19.53 48.72 22.70
C ARG A 389 -20.53 49.54 23.52
N LYS A 390 -20.24 49.68 24.81
CA LYS A 390 -21.08 50.44 25.73
C LYS A 390 -20.23 51.45 26.49
N ASP A 391 -20.39 52.72 26.14
CA ASP A 391 -19.58 53.81 26.67
C ASP A 391 -18.09 53.55 26.40
N GLY A 392 -17.78 53.18 25.17
CA GLY A 392 -16.41 52.98 24.74
C GLY A 392 -15.88 51.58 25.00
N LYS A 393 -16.30 50.98 26.11
CA LYS A 393 -15.82 49.66 26.49
C LYS A 393 -16.35 48.59 25.54
N LEU A 394 -15.51 47.64 25.16
CA LEU A 394 -15.95 46.55 24.30
C LEU A 394 -16.64 45.46 25.12
N TYR A 395 -17.77 44.97 24.64
CA TYR A 395 -18.53 43.94 25.32
C TYR A 395 -18.80 42.75 24.40
N ARG A 396 -18.95 41.56 25.01
CA ARG A 396 -19.16 40.34 24.24
C ARG A 396 -20.31 39.53 24.80
N ILE A 397 -21.21 39.09 23.92
CA ILE A 397 -22.31 38.23 24.31
C ILE A 397 -22.19 36.87 23.64
N CYS A 398 -22.20 35.81 24.44
CA CYS A 398 -22.14 34.45 23.90
C CYS A 398 -23.28 33.59 24.45
N PRO A 399 -24.52 33.91 24.03
CA PRO A 399 -25.68 33.18 24.54
C PRO A 399 -25.95 31.93 23.72
N ASP A 400 -26.89 31.10 24.17
CA ASP A 400 -27.25 29.89 23.44
C ASP A 400 -28.76 29.76 23.31
N PHE A 401 -29.20 28.92 22.38
CA PHE A 401 -30.63 28.70 22.17
C PHE A 401 -31.07 27.35 22.73
N LYS A 402 -32.30 27.23 23.21
CA LYS A 402 -32.78 25.95 23.77
C LYS A 402 -33.54 25.13 22.73
N GLN A 403 -32.84 24.21 22.06
CA GLN A 403 -33.45 23.41 20.98
C GLN A 403 -33.62 24.52 19.96
N MET A 404 -32.65 24.71 19.09
CA MET A 404 -32.80 25.90 18.25
C MET A 404 -33.37 25.32 16.98
N ASP A 405 -33.08 24.05 16.71
CA ASP A 405 -33.54 23.38 15.50
C ASP A 405 -35.06 23.43 15.37
N GLY A 406 -35.75 23.25 16.50
CA GLY A 406 -37.20 23.27 16.51
C GLY A 406 -37.78 24.66 16.42
N SER A 407 -36.91 25.67 16.48
CA SER A 407 -37.33 27.06 16.37
C SER A 407 -37.26 27.55 14.94
N VAL A 408 -36.48 26.86 14.11
CA VAL A 408 -36.31 27.24 12.71
C VAL A 408 -37.62 27.12 11.95
N ASP A 409 -38.05 28.22 11.32
CA ASP A 409 -39.34 28.27 10.64
C ASP A 409 -39.27 27.76 9.20
N ALA A 410 -40.44 27.65 8.57
CA ALA A 410 -40.54 27.11 7.22
C ALA A 410 -39.98 28.06 6.17
N THR A 411 -40.48 29.29 6.16
CA THR A 411 -40.10 30.28 5.16
C THR A 411 -38.59 30.53 5.14
N THR A 412 -37.95 30.39 6.29
CA THR A 412 -36.50 30.47 6.37
C THR A 412 -35.88 29.33 5.57
N ILE A 413 -36.25 28.10 5.92
CA ILE A 413 -35.79 26.91 5.21
C ILE A 413 -36.12 27.00 3.72
N GLU A 414 -37.33 27.47 3.41
CA GLU A 414 -37.76 27.65 2.03
C GLU A 414 -36.93 28.67 1.28
N ALA A 415 -36.58 29.77 1.95
CA ALA A 415 -35.85 30.85 1.29
C ALA A 415 -34.34 30.62 1.30
N VAL A 416 -33.87 29.74 2.18
CA VAL A 416 -32.45 29.37 2.16
C VAL A 416 -32.17 28.46 0.97
N VAL A 417 -33.01 27.43 0.83
CA VAL A 417 -32.95 26.54 -0.33
C VAL A 417 -33.01 27.36 -1.61
N ASP A 418 -34.01 28.24 -1.69
CA ASP A 418 -34.17 29.14 -2.83
C ASP A 418 -32.93 29.99 -3.06
N TYR A 419 -32.30 30.40 -1.96
CA TYR A 419 -31.09 31.24 -2.03
C TYR A 419 -29.91 30.46 -2.59
N VAL A 420 -29.72 29.24 -2.11
CA VAL A 420 -28.62 28.40 -2.55
C VAL A 420 -28.84 27.86 -3.96
N VAL A 421 -30.08 27.47 -4.26
CA VAL A 421 -30.43 26.99 -5.58
C VAL A 421 -30.20 28.06 -6.65
N ASP A 422 -30.77 29.24 -6.44
CA ASP A 422 -30.73 30.30 -7.45
C ASP A 422 -29.32 30.89 -7.61
N ALA A 423 -28.51 30.78 -6.56
CA ALA A 423 -27.12 31.22 -6.64
C ALA A 423 -26.35 30.36 -7.64
N HIS A 424 -26.83 29.12 -7.83
CA HIS A 424 -26.23 28.21 -8.79
C HIS A 424 -26.78 28.42 -10.20
N VAL A 425 -28.10 28.54 -10.31
CA VAL A 425 -28.75 28.63 -11.62
C VAL A 425 -28.78 30.06 -12.16
N LYS A 426 -27.85 30.89 -11.69
CA LYS A 426 -27.66 32.21 -12.27
C LYS A 426 -26.26 32.34 -12.85
N GLN A 427 -25.28 31.79 -12.14
CA GLN A 427 -23.93 31.66 -12.69
C GLN A 427 -23.92 30.56 -13.73
N TYR A 428 -24.76 29.55 -13.52
CA TYR A 428 -24.88 28.43 -14.43
C TYR A 428 -26.33 27.99 -14.55
N PRO A 429 -27.20 28.92 -15.11
CA PRO A 429 -28.60 28.46 -15.20
C PRO A 429 -28.77 27.33 -16.20
N THR A 430 -27.77 27.12 -17.05
CA THR A 430 -27.82 26.06 -18.05
C THR A 430 -28.29 24.76 -17.42
N ALA A 431 -29.00 24.87 -16.29
CA ALA A 431 -29.51 23.70 -15.59
C ALA A 431 -30.55 24.15 -14.56
N ARG A 432 -31.34 25.14 -14.95
CA ARG A 432 -32.20 25.86 -14.04
C ARG A 432 -33.29 24.99 -13.40
N GLN A 433 -34.09 24.32 -14.22
CA GLN A 433 -35.30 23.67 -13.71
C GLN A 433 -35.06 22.29 -13.08
N PHE A 434 -33.92 21.68 -13.32
CA PHE A 434 -33.63 20.41 -12.67
C PHE A 434 -33.36 20.61 -11.19
N TRP A 435 -32.38 21.44 -10.88
CA TRP A 435 -31.95 21.65 -9.50
C TRP A 435 -33.00 22.39 -8.68
N GLU A 436 -33.88 23.12 -9.35
CA GLU A 436 -35.00 23.75 -8.67
C GLU A 436 -35.93 22.67 -8.13
N GLU A 437 -36.10 21.61 -8.92
CA GLU A 437 -36.84 20.43 -8.49
C GLU A 437 -36.13 19.76 -7.32
N VAL A 438 -34.80 19.71 -7.42
CA VAL A 438 -33.98 19.18 -6.34
C VAL A 438 -34.18 20.00 -5.08
N GLY A 439 -34.33 21.31 -5.26
CA GLY A 439 -34.55 22.23 -4.15
C GLY A 439 -35.83 21.93 -3.38
N LYS A 440 -36.90 21.64 -4.10
CA LYS A 440 -38.18 21.33 -3.47
C LYS A 440 -38.09 20.03 -2.67
N LEU A 441 -37.19 19.15 -3.10
CA LEU A 441 -36.94 17.90 -2.40
C LEU A 441 -36.14 18.16 -1.14
N TRP A 442 -35.14 19.03 -1.26
CA TRP A 442 -34.35 19.50 -0.13
C TRP A 442 -35.25 20.06 0.96
N VAL A 443 -36.23 20.85 0.53
CA VAL A 443 -37.24 21.39 1.42
C VAL A 443 -38.00 20.25 2.12
N GLU A 444 -38.44 19.27 1.34
CA GLU A 444 -39.19 18.14 1.88
C GLU A 444 -38.39 17.36 2.91
N MET A 445 -37.11 17.13 2.61
CA MET A 445 -36.23 16.37 3.50
C MET A 445 -36.04 17.05 4.84
N ALA A 446 -35.78 18.36 4.80
CA ALA A 446 -35.51 19.12 6.00
C ALA A 446 -36.78 19.46 6.78
N THR A 447 -37.93 19.19 6.18
CA THR A 447 -39.20 19.56 6.80
C THR A 447 -40.16 18.39 7.06
N GLN A 448 -40.75 17.78 6.02
CA GLN A 448 -41.71 16.69 6.28
C GLN A 448 -41.34 15.35 5.68
N SER A 449 -40.07 14.97 5.75
CA SER A 449 -39.70 13.63 5.38
C SER A 449 -40.31 12.67 6.40
N PRO A 450 -41.11 11.70 5.92
CA PRO A 450 -41.67 10.70 6.83
C PRO A 450 -40.56 9.87 7.46
N PHE A 451 -40.69 9.48 8.71
CA PHE A 451 -39.60 8.78 9.38
C PHE A 451 -40.06 7.69 10.34
N LEU A 452 -39.15 6.76 10.61
CA LEU A 452 -39.38 5.73 11.62
C LEU A 452 -38.67 6.11 12.92
N ILE A 453 -39.16 5.59 14.03
CA ILE A 453 -38.55 5.80 15.33
C ILE A 453 -38.24 4.46 15.98
N ASP A 454 -39.29 3.77 16.40
CA ASP A 454 -39.17 2.41 16.90
C ASP A 454 -40.32 1.58 16.35
N GLY A 455 -40.11 0.27 16.23
CA GLY A 455 -41.12 -0.60 15.66
C GLY A 455 -41.32 -0.29 14.19
N THR A 456 -42.51 -0.61 13.69
CA THR A 456 -42.80 -0.50 12.27
C THR A 456 -43.44 0.82 11.85
N LYS A 457 -44.01 1.57 12.80
CA LYS A 457 -44.86 2.67 12.37
C LYS A 457 -44.13 3.93 11.93
N VAL A 458 -44.47 4.34 10.71
CA VAL A 458 -43.95 5.55 10.07
C VAL A 458 -44.70 6.78 10.56
N TYR A 459 -43.97 7.69 11.22
CA TYR A 459 -44.55 8.94 11.65
C TYR A 459 -44.22 10.06 10.67
N ARG A 460 -44.67 11.26 10.98
CA ARG A 460 -44.29 12.44 10.20
C ARG A 460 -44.64 13.70 10.98
N LYS A 461 -43.79 14.72 10.87
CA LYS A 461 -43.94 15.96 11.63
C LYS A 461 -45.25 16.66 11.30
N MET A 462 -45.97 17.06 12.35
CA MET A 462 -47.31 17.60 12.22
C MET A 462 -47.37 18.94 11.48
N GLN A 463 -46.43 19.82 11.82
CA GLN A 463 -46.37 21.16 11.25
C GLN A 463 -45.11 21.33 10.41
N LYS A 464 -45.02 22.40 9.62
CA LYS A 464 -43.86 22.54 8.77
C LYS A 464 -42.84 23.57 9.22
N ASP A 465 -43.07 24.10 10.41
CA ASP A 465 -42.02 24.77 11.13
C ASP A 465 -41.23 23.68 11.85
N GLY A 466 -40.06 24.02 12.36
CA GLY A 466 -39.21 23.03 13.00
C GLY A 466 -38.35 22.31 11.99
N LEU A 467 -37.03 22.45 12.15
CA LEU A 467 -36.07 21.82 11.26
C LEU A 467 -35.84 20.36 11.63
N MET A 468 -35.72 19.51 10.62
CA MET A 468 -35.39 18.11 10.86
C MET A 468 -33.88 17.92 10.97
N THR A 469 -33.39 17.96 12.21
CA THR A 469 -31.96 17.84 12.50
C THR A 469 -31.36 16.57 11.90
N GLY A 470 -30.18 16.70 11.32
CA GLY A 470 -29.53 15.56 10.68
C GLY A 470 -29.69 15.59 9.17
N VAL A 471 -30.37 16.62 8.68
CA VAL A 471 -30.51 16.82 7.24
C VAL A 471 -29.28 17.56 6.72
N VAL A 472 -29.15 17.68 5.41
CA VAL A 472 -28.02 18.36 4.80
C VAL A 472 -28.27 19.85 4.73
N GLY A 473 -27.83 20.56 5.75
CA GLY A 473 -28.00 22.01 5.82
C GLY A 473 -28.24 22.45 7.25
N THR A 474 -28.47 21.49 8.14
CA THR A 474 -28.72 21.78 9.55
C THR A 474 -27.70 22.80 10.06
N THR A 475 -26.56 22.87 9.39
CA THR A 475 -25.50 23.81 9.78
C THR A 475 -25.68 25.19 9.15
N LEU A 476 -26.42 25.26 8.05
CA LEU A 476 -26.67 26.54 7.40
C LEU A 476 -28.08 27.04 7.71
N PHE A 477 -29.02 26.12 7.82
CA PHE A 477 -30.39 26.47 8.20
C PHE A 477 -30.40 27.12 9.58
N ASP A 478 -29.64 26.56 10.52
CA ASP A 478 -29.50 27.14 11.85
C ASP A 478 -28.82 28.51 11.76
N THR A 479 -27.74 28.56 11.00
CA THR A 479 -26.95 29.78 10.83
C THR A 479 -27.81 30.96 10.36
N VAL A 480 -28.66 30.71 9.37
CA VAL A 480 -29.50 31.76 8.79
C VAL A 480 -30.53 32.26 9.78
N LYS A 481 -31.27 31.35 10.42
CA LYS A 481 -32.27 31.72 11.41
C LYS A 481 -31.62 32.51 12.55
N SER A 482 -30.39 32.15 12.88
CA SER A 482 -29.63 32.89 13.88
C SER A 482 -29.30 34.29 13.35
N ALA A 483 -28.75 34.35 12.16
CA ALA A 483 -28.37 35.62 11.54
C ALA A 483 -29.58 36.51 11.26
N LEU A 484 -30.67 35.89 10.81
CA LEU A 484 -31.89 36.63 10.51
C LEU A 484 -32.46 37.28 11.76
N ALA A 485 -32.37 36.58 12.88
CA ALA A 485 -32.90 37.08 14.15
C ALA A 485 -31.99 38.15 14.74
N TYR A 486 -30.69 37.93 14.68
CA TYR A 486 -29.73 38.87 15.24
C TYR A 486 -29.61 40.13 14.37
N ASN A 487 -29.94 40.01 13.09
CA ASN A 487 -29.97 41.17 12.21
C ASN A 487 -31.04 42.16 12.67
N ASP A 488 -32.23 41.64 12.92
CA ASP A 488 -33.33 42.46 13.43
C ASP A 488 -32.96 43.06 14.78
N TRP A 489 -32.38 42.24 15.64
CA TRP A 489 -31.92 42.68 16.95
C TRP A 489 -30.94 43.84 16.85
N ALA A 490 -29.98 43.72 15.94
CA ALA A 490 -28.99 44.77 15.72
C ALA A 490 -29.65 46.03 15.16
N ASP A 491 -30.67 45.83 14.32
CA ASP A 491 -31.40 46.94 13.73
C ASP A 491 -32.19 47.70 14.79
N GLN A 492 -32.62 46.99 15.83
CA GLN A 492 -33.41 47.59 16.90
C GLN A 492 -32.59 48.57 17.74
N LEU A 493 -31.31 48.26 17.92
CA LEU A 493 -30.41 49.10 18.69
C LEU A 493 -30.31 50.50 18.08
N MET A 494 -30.43 50.58 16.76
CA MET A 494 -30.36 51.84 16.05
C MET A 494 -31.67 52.62 16.14
N PHE A 495 -32.55 52.19 17.04
CA PHE A 495 -33.78 52.91 17.34
C PHE A 495 -33.71 53.44 18.77
N GLY A 496 -32.53 53.34 19.37
CA GLY A 496 -32.35 53.74 20.75
C GLY A 496 -32.86 52.66 21.71
N SER A 497 -33.14 51.48 21.16
CA SER A 497 -33.64 50.38 21.95
C SER A 497 -32.50 49.60 22.60
N LEU A 498 -31.69 50.30 23.40
CA LEU A 498 -30.53 49.69 24.04
C LEU A 498 -30.95 48.80 25.20
N ASN A 499 -32.24 48.76 25.47
CA ASN A 499 -32.79 47.89 26.51
C ASN A 499 -32.58 46.42 26.19
N LEU A 500 -32.48 46.11 24.90
CA LEU A 500 -32.36 44.73 24.43
C LEU A 500 -30.96 44.16 24.70
N LEU A 501 -30.07 44.99 25.23
CA LEU A 501 -28.73 44.55 25.59
C LEU A 501 -28.77 43.70 26.86
N GLU A 502 -29.78 43.94 27.68
CA GLU A 502 -29.97 43.15 28.90
C GLU A 502 -30.70 41.85 28.61
N GLU A 503 -30.37 40.80 29.37
CA GLU A 503 -30.88 39.45 29.12
C GLU A 503 -32.38 39.33 29.26
N LYS A 504 -32.93 39.95 30.31
CA LYS A 504 -34.37 39.89 30.58
C LYS A 504 -35.20 40.39 29.40
N TYR A 505 -34.65 41.35 28.66
CA TYR A 505 -35.35 41.95 27.54
C TYR A 505 -35.01 41.26 26.23
N ALA A 506 -33.78 40.77 26.11
CA ALA A 506 -33.35 40.07 24.90
C ALA A 506 -34.06 38.72 24.77
N ILE A 507 -34.42 38.13 25.90
CA ILE A 507 -35.11 36.84 25.90
C ILE A 507 -36.48 36.95 25.22
N GLU A 508 -37.23 37.99 25.56
CA GLU A 508 -38.58 38.15 25.03
C GLU A 508 -38.57 38.49 23.54
N PHE A 509 -37.66 39.36 23.13
CA PHE A 509 -37.55 39.77 21.74
C PHE A 509 -37.29 38.58 20.82
N PHE A 510 -36.54 37.61 21.31
CA PHE A 510 -36.21 36.45 20.50
C PHE A 510 -37.31 35.38 20.57
N LYS A 511 -38.11 35.42 21.62
CA LYS A 511 -39.18 34.43 21.79
C LYS A 511 -40.50 34.91 21.19
N ASN A 512 -40.70 36.22 21.14
CA ASN A 512 -41.96 36.77 20.65
C ASN A 512 -41.88 37.35 19.25
N LYS A 513 -40.68 37.38 18.66
CA LYS A 513 -40.52 37.92 17.32
C LYS A 513 -39.77 36.99 16.39
N HIS A 514 -39.24 35.89 16.93
CA HIS A 514 -38.52 34.93 16.11
C HIS A 514 -38.78 33.49 16.56
N GLY A 515 -39.45 33.36 17.70
CA GLY A 515 -39.73 32.05 18.27
C GLY A 515 -38.44 31.35 18.64
N LEU A 516 -37.45 32.17 18.99
CA LEU A 516 -36.10 31.68 19.25
C LEU A 516 -35.79 31.75 20.74
N VAL A 517 -35.79 30.60 21.39
CA VAL A 517 -35.53 30.55 22.83
C VAL A 517 -34.07 30.87 23.14
N ILE A 518 -33.83 31.53 24.25
CA ILE A 518 -32.46 31.75 24.72
C ILE A 518 -32.34 31.24 26.16
N LYS A 519 -31.37 30.36 26.40
CA LYS A 519 -31.21 29.72 27.71
C LYS A 519 -31.05 30.73 28.83
N GLU A 520 -31.63 30.40 29.97
CA GLU A 520 -31.71 31.31 31.11
C GLU A 520 -30.34 31.46 31.76
N GLY A 521 -29.73 32.63 31.60
CA GLY A 521 -28.42 32.89 32.17
C GLY A 521 -27.29 32.59 31.22
N THR A 522 -27.38 33.13 30.01
CA THR A 522 -26.31 33.01 29.02
C THR A 522 -25.99 34.38 28.42
N TRP A 523 -27.02 35.21 28.31
CA TRP A 523 -26.86 36.56 27.80
C TRP A 523 -26.23 37.47 28.85
N LYS A 524 -24.92 37.36 29.01
CA LYS A 524 -24.19 38.16 30.01
C LYS A 524 -22.98 38.85 29.40
N PRO A 525 -23.18 40.09 28.91
CA PRO A 525 -22.10 40.87 28.30
C PRO A 525 -20.91 41.04 29.24
N ALA A 526 -19.74 40.59 28.78
CA ALA A 526 -18.51 40.71 29.57
C ALA A 526 -17.54 41.68 28.92
N LEU A 527 -16.88 42.49 29.73
CA LEU A 527 -15.92 43.48 29.22
C LEU A 527 -14.74 42.75 28.57
N VAL A 528 -14.37 43.19 27.38
CA VAL A 528 -13.36 42.49 26.60
C VAL A 528 -11.96 43.11 26.72
N ASN A 529 -10.99 42.28 27.08
CA ASN A 529 -9.59 42.66 27.02
C ASN A 529 -9.17 42.73 25.55
N GLU A 530 -9.41 43.89 24.94
CA GLU A 530 -9.22 44.07 23.49
C GLU A 530 -7.81 43.73 23.03
N ASP A 531 -6.81 44.02 23.86
CA ASP A 531 -5.45 43.58 23.59
C ASP A 531 -4.95 42.77 24.79
N PRO A 532 -5.18 41.45 24.76
CA PRO A 532 -4.80 40.57 25.87
C PRO A 532 -3.30 40.47 26.04
N GLY A 533 -2.85 40.31 27.28
CA GLY A 533 -1.44 40.11 27.56
C GLY A 533 -1.05 38.66 27.36
N PHE A 534 0.21 38.33 27.60
CA PHE A 534 0.68 36.97 27.42
C PHE A 534 0.11 36.07 28.51
N GLY A 535 -0.74 35.13 28.12
CA GLY A 535 -1.38 34.24 29.07
C GLY A 535 -2.72 34.77 29.54
N GLU A 536 -3.05 35.99 29.12
CA GLU A 536 -4.31 36.62 29.47
C GLU A 536 -5.38 36.31 28.43
N LEU A 537 -6.58 36.01 28.90
CA LEU A 537 -7.68 35.65 28.02
C LEU A 537 -8.32 36.87 27.37
N TRP A 538 -8.86 36.66 26.17
CA TRP A 538 -9.73 37.63 25.50
C TRP A 538 -10.92 37.92 26.41
N THR A 539 -11.80 36.93 26.55
CA THR A 539 -12.80 36.91 27.61
C THR A 539 -12.87 35.49 28.18
N GLU A 540 -13.58 35.30 29.28
CA GLU A 540 -13.78 33.97 29.83
C GLU A 540 -14.89 33.26 29.06
N GLN A 541 -15.55 33.99 28.18
CA GLN A 541 -16.68 33.47 27.42
C GLN A 541 -16.24 32.45 26.38
N LYS A 542 -17.22 31.73 25.83
CA LYS A 542 -16.94 30.54 25.02
C LYS A 542 -17.59 30.59 23.65
N PHE A 543 -16.78 30.66 22.61
CA PHE A 543 -17.27 30.59 21.24
C PHE A 543 -16.72 29.35 20.54
N LEU A 544 -17.60 28.61 19.88
CA LEU A 544 -17.24 27.34 19.25
C LEU A 544 -16.56 26.40 20.23
N GLY A 545 -17.04 26.42 21.47
CA GLY A 545 -16.55 25.53 22.51
C GLY A 545 -15.13 25.83 22.97
N LEU A 546 -14.63 27.03 22.67
CA LEU A 546 -13.26 27.39 23.01
C LEU A 546 -13.13 28.84 23.46
N GLN A 547 -12.31 29.08 24.48
CA GLN A 547 -11.95 30.43 24.88
C GLN A 547 -10.94 31.01 23.90
N LEU A 548 -10.75 32.32 23.94
CA LEU A 548 -9.71 32.94 23.14
C LEU A 548 -8.60 33.46 24.06
N LYS A 549 -7.38 32.96 23.87
CA LYS A 549 -6.27 33.30 24.74
C LYS A 549 -5.12 33.89 23.93
N VAL A 550 -4.23 34.61 24.60
CA VAL A 550 -3.04 35.14 23.94
C VAL A 550 -1.77 34.63 24.63
N VAL A 551 -0.92 33.95 23.87
CA VAL A 551 0.32 33.39 24.39
C VAL A 551 1.53 34.06 23.73
N ARG A 552 2.74 33.59 24.04
CA ARG A 552 3.95 34.29 23.60
C ARG A 552 4.83 33.43 22.70
N ARG A 553 5.57 34.11 21.80
CA ARG A 553 6.60 33.50 20.97
C ARG A 553 7.98 33.93 21.45
N GLU A 554 8.58 34.87 20.75
CA GLU A 554 9.91 35.37 21.11
C GLU A 554 9.22 36.65 21.57
N ASN A 555 8.84 37.49 20.61
CA ASN A 555 8.74 38.94 20.53
C ASN A 555 7.36 39.38 20.06
N GLU A 556 6.50 38.40 19.77
CA GLU A 556 5.15 38.67 19.31
C GLU A 556 4.13 37.81 20.04
N LYS A 557 2.96 38.36 20.30
CA LYS A 557 1.89 37.64 20.99
C LYS A 557 1.02 36.91 19.98
N VAL A 558 0.67 35.66 20.29
CA VAL A 558 -0.11 34.85 19.35
C VAL A 558 -1.46 34.44 19.93
N TYR A 559 -2.52 34.74 19.20
CA TYR A 559 -3.88 34.41 19.61
C TYR A 559 -4.17 32.94 19.41
N VAL A 560 -4.50 32.24 20.50
CA VAL A 560 -4.76 30.80 20.45
C VAL A 560 -6.03 30.44 21.21
N PRO A 561 -6.64 29.29 20.87
CA PRO A 561 -7.79 28.81 21.65
C PRO A 561 -7.35 28.29 23.01
N ASN A 562 -8.28 28.14 23.93
CA ASN A 562 -7.97 27.68 25.28
C ASN A 562 -9.21 27.15 25.99
N LEU A 563 -9.00 26.32 27.00
CA LEU A 563 -10.07 25.87 27.88
C LEU A 563 -9.52 25.67 29.29
N PRO A 564 -10.36 25.87 30.31
CA PRO A 564 -9.97 25.54 31.68
C PRO A 564 -9.77 24.04 31.82
N PHE A 565 -8.98 23.62 32.79
CA PHE A 565 -8.65 22.21 32.97
C PHE A 565 -9.89 21.33 33.12
N GLU A 566 -10.93 21.85 33.77
CA GLU A 566 -12.16 21.10 33.98
C GLU A 566 -12.81 20.68 32.67
N ASP A 567 -12.58 21.47 31.62
CA ASP A 567 -13.15 21.17 30.31
C ASP A 567 -12.27 20.21 29.52
N TRP A 568 -10.96 20.41 29.60
CA TRP A 568 -10.02 19.50 28.94
C TRP A 568 -10.11 18.12 29.56
N LEU A 569 -10.41 18.08 30.85
CA LEU A 569 -10.59 16.82 31.56
C LEU A 569 -11.80 16.08 31.02
N THR A 570 -12.94 16.76 31.01
CA THR A 570 -14.19 16.20 30.51
C THR A 570 -14.03 15.66 29.08
N MET A 571 -13.36 16.42 28.24
CA MET A 571 -13.10 16.01 26.86
C MET A 571 -12.25 14.75 26.81
N TRP A 572 -11.32 14.63 27.76
CA TRP A 572 -10.46 13.46 27.84
C TRP A 572 -11.20 12.28 28.42
N VAL A 573 -11.73 12.48 29.64
CA VAL A 573 -12.41 11.44 30.39
C VAL A 573 -13.61 10.86 29.63
N THR A 574 -14.18 11.64 28.73
CA THR A 574 -15.34 11.19 27.97
C THR A 574 -15.04 11.07 26.47
N PRO A 575 -14.45 9.92 26.05
CA PRO A 575 -14.25 9.69 24.62
C PRO A 575 -15.56 9.41 23.94
N ARG A 576 -15.74 9.87 22.70
CA ARG A 576 -16.98 9.62 21.97
C ARG A 576 -16.95 8.25 21.31
N SER A 577 -16.26 7.31 21.96
CA SER A 577 -16.18 5.93 21.49
C SER A 577 -16.44 4.96 22.63
N LYS A 578 -17.47 4.13 22.48
CA LYS A 578 -17.66 3.03 23.41
C LYS A 578 -16.60 1.98 23.13
N TYR A 579 -16.61 0.88 23.90
CA TYR A 579 -15.44 0.02 24.01
C TYR A 579 -14.97 -0.67 22.73
N ARG A 580 -15.87 -0.90 21.78
CA ARG A 580 -15.50 -1.58 20.54
C ARG A 580 -14.96 -2.98 20.85
N SER A 581 -15.84 -3.85 21.33
CA SER A 581 -15.56 -5.24 21.74
C SER A 581 -14.14 -5.79 21.54
N LYS A 582 -13.77 -6.04 20.29
CA LYS A 582 -12.62 -6.89 19.99
C LYS A 582 -11.30 -6.13 19.84
N GLU A 583 -11.35 -4.80 19.77
CA GLU A 583 -10.12 -4.00 19.62
C GLU A 583 -9.09 -4.35 20.69
N THR A 584 -7.87 -4.63 20.24
CA THR A 584 -6.83 -5.25 21.07
C THR A 584 -6.36 -4.40 22.25
N GLU A 585 -5.42 -4.95 23.01
CA GLU A 585 -4.76 -4.24 24.09
C GLU A 585 -3.97 -3.05 23.54
N THR A 586 -3.13 -3.33 22.55
CA THR A 586 -2.22 -2.34 21.98
C THR A 586 -2.93 -1.15 21.33
N MET A 587 -3.97 -1.44 20.55
CA MET A 587 -4.66 -0.42 19.77
C MET A 587 -5.22 0.73 20.62
N ARG A 588 -5.42 0.47 21.92
CA ARG A 588 -5.93 1.50 22.81
C ARG A 588 -4.85 2.50 23.21
N GLU A 589 -3.66 2.00 23.51
CA GLU A 589 -2.57 2.87 23.94
C GLU A 589 -2.10 3.78 22.82
N ARG A 590 -2.41 3.41 21.58
CA ARG A 590 -2.18 4.29 20.44
C ARG A 590 -3.30 5.32 20.37
N THR A 591 -4.51 4.89 20.73
CA THR A 591 -5.68 5.76 20.73
C THR A 591 -5.55 6.83 21.81
N LEU A 592 -5.18 6.41 23.02
CA LEU A 592 -4.97 7.35 24.12
C LEU A 592 -3.89 8.36 23.75
N PHE A 593 -2.89 7.91 23.01
CA PHE A 593 -1.86 8.79 22.50
C PHE A 593 -2.44 9.74 21.45
N ASP A 594 -3.07 9.17 20.44
CA ASP A 594 -3.61 9.96 19.33
C ASP A 594 -4.67 10.95 19.79
N ARG A 595 -5.40 10.60 20.85
CA ARG A 595 -6.36 11.52 21.46
C ARG A 595 -5.62 12.64 22.17
N ALA A 596 -4.72 12.27 23.07
CA ALA A 596 -3.91 13.24 23.81
C ALA A 596 -3.15 14.15 22.86
N ARG A 597 -2.65 13.58 21.77
CA ARG A 597 -1.91 14.35 20.77
C ARG A 597 -2.87 15.30 20.03
N GLY A 598 -4.16 14.99 20.10
CA GLY A 598 -5.17 15.80 19.43
C GLY A 598 -5.64 16.98 20.26
N LEU A 599 -5.89 16.75 21.54
CA LEU A 599 -6.33 17.81 22.44
C LEU A 599 -5.29 18.91 22.54
N LEU A 600 -4.02 18.52 22.50
CA LEU A 600 -2.92 19.47 22.63
C LEU A 600 -2.89 20.48 21.48
N VAL A 601 -3.13 20.00 20.26
CA VAL A 601 -3.21 20.89 19.11
C VAL A 601 -4.47 21.75 19.20
N THR A 602 -5.55 21.15 19.68
CA THR A 602 -6.81 21.87 19.89
C THR A 602 -6.61 23.03 20.86
N GLY A 603 -5.73 22.84 21.84
CA GLY A 603 -5.38 23.91 22.75
C GLY A 603 -5.14 23.48 24.19
N ALA A 604 -4.86 22.20 24.39
CA ALA A 604 -4.67 21.66 25.75
C ALA A 604 -3.27 21.99 26.27
N VAL A 605 -2.39 22.43 25.38
CA VAL A 605 -1.04 22.79 25.75
C VAL A 605 -1.00 24.21 26.33
N PHE A 606 -1.95 25.04 25.90
CA PHE A 606 -1.97 26.44 26.31
C PHE A 606 -2.48 26.61 27.74
N ASP A 607 -3.12 25.57 28.26
CA ASP A 607 -3.43 25.53 29.68
C ASP A 607 -2.36 24.71 30.39
N GLU A 608 -1.85 25.24 31.49
CA GLU A 608 -0.73 24.61 32.19
C GLU A 608 -1.10 23.25 32.77
N ARG A 609 -2.26 23.19 33.42
CA ARG A 609 -2.71 21.96 34.07
C ARG A 609 -3.05 20.86 33.06
N ALA A 610 -3.62 21.26 31.93
CA ALA A 610 -4.01 20.31 30.90
C ALA A 610 -2.80 19.78 30.13
N ARG A 611 -1.81 20.64 29.94
CA ARG A 611 -0.59 20.27 29.24
C ARG A 611 0.14 19.16 30.00
N GLY A 612 -0.05 19.13 31.31
CA GLY A 612 0.58 18.12 32.15
C GLY A 612 -0.07 16.75 32.02
N LEU A 613 -1.39 16.73 31.97
CA LEU A 613 -2.12 15.47 31.87
C LEU A 613 -1.86 14.76 30.55
N MET A 614 -1.82 15.54 29.47
CA MET A 614 -1.58 14.98 28.15
C MET A 614 -0.15 14.47 28.02
N GLY A 615 0.81 15.28 28.47
CA GLY A 615 2.21 14.90 28.43
C GLY A 615 2.47 13.64 29.24
N ALA A 616 1.76 13.50 30.35
CA ALA A 616 1.85 12.31 31.19
C ALA A 616 1.44 11.06 30.42
N VAL A 617 0.49 11.23 29.51
CA VAL A 617 0.02 10.11 28.69
C VAL A 617 1.02 9.84 27.56
N ILE A 618 1.54 10.90 26.95
CA ILE A 618 2.53 10.77 25.90
C ILE A 618 3.83 10.17 26.44
N ASN A 619 4.25 10.60 27.62
CA ASN A 619 5.48 10.10 28.23
C ASN A 619 5.36 8.65 28.68
N SER A 620 4.15 8.25 29.07
CA SER A 620 3.95 6.90 29.60
C SER A 620 3.68 5.88 28.50
N THR A 621 3.30 6.35 27.32
CA THR A 621 2.99 5.45 26.21
C THR A 621 4.28 4.75 25.74
N ALA A 622 4.12 3.53 25.23
CA ALA A 622 5.26 2.68 24.86
C ALA A 622 6.06 3.27 23.70
N PRO A 623 7.38 2.98 23.67
CA PRO A 623 8.24 3.43 22.57
C PRO A 623 7.78 2.93 21.20
N GLU A 624 7.46 1.65 21.13
CA GLU A 624 7.02 1.02 19.90
C GLU A 624 5.71 1.60 19.39
N VAL A 625 4.78 1.86 20.31
CA VAL A 625 3.44 2.30 19.94
C VAL A 625 3.42 3.78 19.52
N VAL A 626 4.57 4.44 19.60
CA VAL A 626 4.70 5.80 19.10
C VAL A 626 5.02 5.81 17.61
N CYS A 627 6.04 5.05 17.24
CA CYS A 627 6.59 5.09 15.89
C CYS A 627 5.99 4.04 14.97
N MET A 628 5.19 3.14 15.53
CA MET A 628 4.65 2.00 14.79
C MET A 628 3.81 2.43 13.59
N ARG A 629 3.65 1.52 12.64
CA ARG A 629 2.78 1.76 11.49
C ARG A 629 1.34 1.93 11.96
N VAL A 630 0.84 3.16 11.89
CA VAL A 630 -0.52 3.46 12.35
C VAL A 630 -1.45 3.65 11.16
N GLN A 631 -2.71 3.24 11.32
CA GLN A 631 -3.66 3.36 10.23
C GLN A 631 -4.73 4.43 10.48
N GLU A 632 -4.36 5.67 10.17
CA GLU A 632 -5.29 6.79 10.06
C GLU A 632 -4.69 7.74 9.04
N GLY A 633 -5.49 8.68 8.54
CA GLY A 633 -5.06 9.55 7.46
C GLY A 633 -3.74 10.25 7.67
N GLY A 634 -2.76 9.98 6.80
CA GLY A 634 -2.85 8.91 5.83
C GLY A 634 -1.76 7.92 6.17
N GLY A 635 -1.67 7.60 7.46
CA GLY A 635 -0.54 6.89 8.03
C GLY A 635 0.13 7.84 8.99
N ARG A 636 -0.33 9.09 8.97
CA ARG A 636 0.20 10.15 9.83
C ARG A 636 -0.64 10.31 11.09
N GLY A 637 -0.90 9.19 11.77
CA GLY A 637 -1.65 9.21 13.01
C GLY A 637 -3.10 9.64 12.88
N ALA A 638 -3.81 9.66 14.00
CA ALA A 638 -5.22 10.05 14.02
C ALA A 638 -5.40 11.56 14.19
N PRO A 639 -6.39 12.13 13.50
CA PRO A 639 -6.74 13.56 13.57
C PRO A 639 -7.32 13.93 14.93
N PRO A 640 -7.48 15.24 15.21
CA PRO A 640 -8.10 15.61 16.48
C PRO A 640 -9.63 15.66 16.40
N ALA A 641 -10.28 15.66 17.56
CA ALA A 641 -11.74 15.65 17.62
C ALA A 641 -12.33 16.93 17.06
N TYR A 642 -11.67 18.06 17.30
CA TYR A 642 -12.16 19.36 16.85
C TYR A 642 -12.17 19.43 15.33
N ALA A 643 -13.24 19.99 14.77
CA ALA A 643 -13.42 20.00 13.33
C ALA A 643 -13.12 21.36 12.71
N PHE A 644 -12.99 22.38 13.55
CA PHE A 644 -12.85 23.74 13.04
C PHE A 644 -11.43 24.28 13.21
N LEU A 645 -10.44 23.38 13.29
CA LEU A 645 -9.05 23.80 13.34
C LEU A 645 -8.68 24.46 12.01
N THR A 646 -8.74 23.67 10.94
CA THR A 646 -8.65 24.21 9.59
C THR A 646 -9.87 23.73 8.82
N ARG A 647 -10.56 24.64 8.15
CA ARG A 647 -11.74 24.23 7.41
C ARG A 647 -11.89 24.90 6.05
N ASP A 648 -11.76 24.16 4.93
CA ASP A 648 -11.31 22.75 4.80
C ASP A 648 -12.12 21.73 5.62
N GLY A 649 -11.51 21.23 6.70
CA GLY A 649 -12.14 20.24 7.57
C GLY A 649 -11.11 19.21 8.01
N VAL A 650 -9.98 19.18 7.30
CA VAL A 650 -8.97 18.15 7.52
C VAL A 650 -7.66 18.74 8.06
N PHE A 651 -7.41 18.52 9.35
CA PHE A 651 -6.10 18.78 9.91
C PHE A 651 -5.43 17.48 10.30
N GLU A 652 -4.24 17.22 9.75
CA GLU A 652 -3.51 16.01 10.11
C GLU A 652 -2.03 16.30 10.29
N PHE A 653 -1.41 15.55 11.20
CA PHE A 653 -0.04 15.78 11.63
C PHE A 653 0.99 15.45 10.55
N PRO A 654 2.18 16.07 10.62
CA PRO A 654 3.28 15.76 9.71
C PRO A 654 3.70 14.29 9.80
N ILE A 655 3.89 13.78 11.01
CA ILE A 655 4.34 12.40 11.18
C ILE A 655 3.51 11.60 12.18
N SER A 656 3.82 10.31 12.28
CA SER A 656 3.11 9.38 13.15
C SER A 656 3.72 9.32 14.55
N ASP A 657 5.03 9.53 14.63
CA ASP A 657 5.74 9.45 15.89
C ASP A 657 6.06 10.83 16.46
N GLY A 658 5.34 11.85 15.99
CA GLY A 658 5.60 13.21 16.39
C GLY A 658 4.95 13.61 17.70
N TYR A 659 5.63 14.48 18.44
CA TYR A 659 5.09 15.02 19.69
C TYR A 659 4.74 16.49 19.53
N PRO A 660 3.51 16.86 19.87
CA PRO A 660 3.02 18.24 19.74
C PRO A 660 3.57 19.16 20.83
N SER A 661 4.79 19.65 20.64
CA SER A 661 5.42 20.56 21.60
C SER A 661 4.68 21.88 21.66
N TYR A 662 4.89 22.63 22.73
CA TYR A 662 4.32 23.96 22.88
C TYR A 662 4.71 24.85 21.71
N ASP A 663 5.99 24.82 21.37
CA ASP A 663 6.51 25.68 20.32
C ASP A 663 6.00 25.30 18.93
N TRP A 664 5.43 24.11 18.81
CA TRP A 664 4.92 23.64 17.52
C TRP A 664 3.43 23.96 17.34
N VAL A 665 2.67 23.84 18.42
CA VAL A 665 1.24 24.10 18.37
C VAL A 665 0.99 25.58 18.05
N VAL A 666 1.78 26.46 18.66
CA VAL A 666 1.69 27.89 18.40
C VAL A 666 1.98 28.20 16.93
N SER A 667 2.90 27.42 16.36
CA SER A 667 3.29 27.59 14.96
C SER A 667 2.11 27.40 14.00
N LEU A 668 1.08 26.71 14.47
CA LEU A 668 -0.13 26.49 13.68
C LEU A 668 -1.06 27.70 13.74
N TYR A 669 -1.37 28.13 14.96
CA TYR A 669 -2.30 29.23 15.17
C TYR A 669 -1.69 30.59 14.83
N SER A 670 -0.38 30.62 14.62
CA SER A 670 0.29 31.81 14.13
C SER A 670 0.27 31.82 12.60
N ARG A 671 0.47 32.99 12.01
CA ARG A 671 0.40 33.13 10.56
C ARG A 671 1.66 32.61 9.88
N ASP A 672 2.63 32.20 10.67
CA ASP A 672 3.91 31.72 10.14
C ASP A 672 3.81 30.30 9.61
N HIS A 673 4.98 29.72 9.33
CA HIS A 673 5.08 28.34 8.88
C HIS A 673 4.80 27.36 10.00
N PRO A 674 4.28 26.17 9.65
CA PRO A 674 4.24 25.09 10.64
C PRO A 674 5.65 24.52 10.88
N CYS A 675 6.14 24.58 12.11
CA CYS A 675 7.45 24.02 12.43
C CYS A 675 7.47 22.53 12.16
N ASP A 676 8.67 21.97 12.00
CA ASP A 676 8.81 20.53 11.88
C ASP A 676 8.36 19.88 13.18
N MET A 677 7.44 18.93 13.08
CA MET A 677 6.91 18.29 14.28
C MET A 677 7.99 17.47 14.97
N PRO A 678 8.30 17.83 16.23
CA PRO A 678 9.34 17.16 17.02
C PRO A 678 9.07 15.67 17.19
N ARG A 679 10.07 14.85 16.86
CA ARG A 679 9.96 13.41 17.04
C ARG A 679 10.20 13.04 18.49
N VAL A 680 9.39 12.12 19.02
CA VAL A 680 9.61 11.61 20.37
C VAL A 680 10.92 10.84 20.40
N PHE A 681 11.19 10.13 19.31
CA PHE A 681 12.43 9.38 19.15
C PHE A 681 13.14 9.83 17.88
N PRO A 682 14.07 10.80 18.02
CA PRO A 682 14.75 11.42 16.87
C PRO A 682 15.57 10.42 16.06
N GLU A 683 16.23 9.49 16.74
CA GLU A 683 17.10 8.55 16.07
C GLU A 683 16.40 7.25 15.68
N ALA A 684 15.07 7.26 15.72
CA ALA A 684 14.28 6.07 15.42
C ALA A 684 14.34 5.71 13.94
N ALA A 685 14.56 6.71 13.09
CA ALA A 685 14.64 6.50 11.65
C ALA A 685 15.70 5.48 11.30
N THR A 686 16.87 5.63 11.91
CA THR A 686 17.99 4.74 11.68
C THR A 686 17.95 3.52 12.61
N LEU A 687 17.37 3.70 13.79
CA LEU A 687 17.31 2.63 14.77
C LEU A 687 16.35 1.53 14.35
N ILE A 688 15.42 1.87 13.46
CA ILE A 688 14.45 0.90 12.96
C ILE A 688 15.09 0.01 11.88
N ALA A 689 15.84 0.60 10.97
CA ALA A 689 16.45 -0.14 9.88
C ALA A 689 17.81 -0.69 10.27
N SER A 690 18.27 -0.33 11.47
CA SER A 690 19.55 -0.77 12.01
C SER A 690 20.71 -0.38 11.10
N TYR A 691 20.56 0.72 10.36
CA TYR A 691 21.62 1.21 9.49
C TYR A 691 21.84 2.71 9.61
N ARG A 692 22.97 3.08 10.19
CA ARG A 692 23.43 4.46 10.16
C ARG A 692 24.55 4.55 9.12
N LYS A 693 24.31 5.32 8.06
CA LYS A 693 25.26 5.43 6.96
C LYS A 693 26.66 5.81 7.44
N GLN A 694 27.61 4.90 7.27
CA GLN A 694 29.00 5.25 7.47
C GLN A 694 29.63 5.61 6.15
N VAL A 695 30.15 6.84 6.07
CA VAL A 695 30.84 7.29 4.87
C VAL A 695 32.15 6.52 4.70
N MET A 696 32.23 5.76 3.61
CA MET A 696 33.43 5.01 3.28
C MET A 696 33.85 5.35 1.87
N ASP A 697 34.82 6.26 1.75
CA ASP A 697 35.19 6.79 0.45
C ASP A 697 36.20 5.88 -0.25
N THR A 698 36.15 5.84 -1.58
CA THR A 698 36.95 4.91 -2.37
C THR A 698 38.19 5.55 -2.97
N ARG A 699 38.28 6.88 -2.91
CA ARG A 699 39.42 7.59 -3.49
C ARG A 699 40.68 7.46 -2.65
N VAL A 700 40.53 7.03 -1.40
CA VAL A 700 41.64 6.97 -0.46
C VAL A 700 42.74 6.02 -0.93
N VAL A 701 43.98 6.31 -0.55
CA VAL A 701 45.12 5.50 -0.94
C VAL A 701 45.27 4.26 -0.05
N ILE A 702 45.95 3.24 -0.58
CA ILE A 702 46.12 1.99 0.16
C ILE A 702 47.59 1.78 0.52
N LYS A 703 47.89 1.82 1.82
CA LYS A 703 49.25 1.68 2.32
C LYS A 703 49.36 0.58 3.37
N GLU A 704 49.77 0.97 4.58
CA GLU A 704 49.93 0.02 5.67
C GLU A 704 49.41 0.59 6.98
N THR B 42 -11.73 10.13 7.96
CA THR B 42 -12.76 9.13 7.70
C THR B 42 -13.81 9.67 6.73
N ARG B 43 -13.80 10.98 6.51
CA ARG B 43 -14.73 11.63 5.60
C ARG B 43 -14.13 11.72 4.20
N LEU B 44 -14.64 10.91 3.27
CA LEU B 44 -14.07 10.82 1.93
C LEU B 44 -15.01 11.37 0.85
N SER B 45 -14.46 11.57 -0.35
CA SER B 45 -15.27 11.89 -1.52
C SER B 45 -15.87 10.60 -2.07
N LEU B 46 -17.04 10.71 -2.70
CA LEU B 46 -17.76 9.52 -3.17
C LEU B 46 -17.01 8.80 -4.30
N GLU B 47 -16.10 9.50 -4.95
CA GLU B 47 -15.28 8.89 -5.99
C GLU B 47 -14.11 8.13 -5.34
N ALA B 48 -13.76 8.52 -4.12
CA ALA B 48 -12.73 7.84 -3.37
C ALA B 48 -13.26 6.55 -2.76
N MET B 49 -14.49 6.62 -2.26
CA MET B 49 -15.15 5.46 -1.67
C MET B 49 -15.34 4.35 -2.69
N LEU B 50 -15.51 4.74 -3.96
CA LEU B 50 -15.57 3.78 -5.04
C LEU B 50 -14.20 3.15 -5.24
N ALA B 51 -13.17 3.98 -5.25
CA ALA B 51 -11.79 3.50 -5.36
C ALA B 51 -11.41 2.70 -4.12
N GLU B 52 -12.06 3.00 -3.01
CA GLU B 52 -11.85 2.27 -1.77
C GLU B 52 -12.32 0.82 -1.92
N ARG B 53 -13.61 0.66 -2.21
CA ARG B 53 -14.19 -0.66 -2.40
C ARG B 53 -13.47 -1.45 -3.48
N ALA B 54 -13.22 -0.80 -4.61
CA ALA B 54 -12.59 -1.42 -5.76
C ALA B 54 -11.31 -2.15 -5.39
N MET B 55 -10.38 -1.42 -4.78
CA MET B 55 -9.10 -2.00 -4.39
C MET B 55 -9.23 -2.93 -3.18
N VAL B 56 -10.40 -2.90 -2.55
CA VAL B 56 -10.68 -3.78 -1.41
C VAL B 56 -11.42 -5.05 -1.87
N ALA B 57 -12.42 -4.86 -2.72
CA ALA B 57 -13.22 -5.98 -3.22
C ALA B 57 -12.38 -7.00 -3.98
N ARG B 58 -11.23 -6.57 -4.50
CA ARG B 58 -10.33 -7.46 -5.23
C ARG B 58 -9.59 -8.40 -4.28
N GLN B 59 -9.83 -8.24 -2.99
CA GLN B 59 -9.20 -9.09 -1.97
C GLN B 59 -10.23 -9.96 -1.27
N ASP B 60 -11.50 -9.59 -1.40
CA ASP B 60 -12.59 -10.41 -0.87
C ASP B 60 -12.97 -11.47 -1.90
N LEU B 61 -12.37 -12.65 -1.77
CA LEU B 61 -12.61 -13.75 -2.71
C LEU B 61 -14.05 -14.25 -2.64
N ALA B 62 -14.53 -14.48 -1.43
CA ALA B 62 -15.89 -14.99 -1.21
C ALA B 62 -16.93 -14.07 -1.84
N GLY B 63 -16.58 -12.79 -2.00
CA GLY B 63 -17.43 -11.85 -2.67
C GLY B 63 -17.06 -11.73 -4.14
N LEU B 64 -15.80 -11.99 -4.45
CA LEU B 64 -15.32 -11.92 -5.83
C LEU B 64 -15.99 -12.96 -6.71
N LYS B 65 -16.31 -14.12 -6.16
CA LYS B 65 -16.97 -15.14 -6.95
C LYS B 65 -18.42 -14.73 -7.21
N ARG B 66 -19.12 -14.31 -6.16
CA ARG B 66 -20.51 -13.84 -6.24
C ARG B 66 -20.71 -12.94 -7.45
N LYS B 67 -19.82 -11.95 -7.56
CA LYS B 67 -19.86 -10.98 -8.63
C LYS B 67 -19.39 -11.59 -9.96
N LEU B 68 -18.24 -12.25 -9.95
CA LEU B 68 -17.61 -12.72 -11.18
C LEU B 68 -18.19 -14.01 -11.78
N ALA B 69 -18.71 -14.90 -10.93
CA ALA B 69 -19.15 -16.23 -11.37
C ALA B 69 -20.17 -16.16 -12.52
N GLY B 70 -20.96 -15.10 -12.54
CA GLY B 70 -21.92 -14.90 -13.62
C GLY B 70 -21.54 -13.74 -14.51
N ALA B 71 -20.49 -13.93 -15.31
CA ALA B 71 -20.01 -12.88 -16.21
C ALA B 71 -19.35 -13.47 -17.44
N ASP B 72 -19.33 -12.70 -18.53
CA ASP B 72 -18.70 -13.13 -19.77
C ASP B 72 -17.20 -13.31 -19.58
N ARG B 73 -16.64 -14.34 -20.20
CA ARG B 73 -15.22 -14.63 -20.09
C ARG B 73 -14.63 -15.00 -21.44
N VAL B 74 -13.50 -14.38 -21.79
CA VAL B 74 -12.80 -14.74 -23.01
C VAL B 74 -11.97 -16.01 -22.77
N LEU B 75 -12.20 -17.03 -23.59
CA LEU B 75 -11.54 -18.31 -23.39
C LEU B 75 -10.41 -18.52 -24.39
N ALA B 76 -9.23 -18.85 -23.87
CA ALA B 76 -8.06 -19.13 -24.67
C ALA B 76 -8.22 -20.43 -25.44
N PRO B 77 -7.44 -20.62 -26.52
CA PRO B 77 -7.40 -21.93 -27.20
C PRO B 77 -7.17 -23.06 -26.21
N GLN B 78 -8.02 -24.08 -26.26
CA GLN B 78 -8.03 -25.10 -25.21
C GLN B 78 -7.98 -26.53 -25.74
N SER B 79 -7.06 -27.32 -25.18
CA SER B 79 -7.08 -28.77 -25.38
C SER B 79 -8.20 -29.35 -24.51
N PRO B 80 -9.12 -30.09 -25.13
CA PRO B 80 -10.31 -30.60 -24.44
C PRO B 80 -9.97 -31.52 -23.28
N GLU B 81 -10.85 -31.58 -22.29
CA GLU B 81 -10.67 -32.46 -21.14
C GLU B 81 -10.59 -33.91 -21.62
N GLN B 82 -9.28 -35.49 -21.10
CA GLN B 82 -8.98 -36.90 -21.38
C GLN B 82 -9.55 -37.83 -20.33
N CYS B 83 -9.66 -37.38 -19.08
CA CYS B 83 -10.18 -38.21 -18.01
C CYS B 83 -10.82 -37.31 -16.96
N GLY B 84 -11.47 -37.93 -15.98
CA GLY B 84 -12.11 -37.19 -14.93
C GLY B 84 -11.12 -36.70 -13.90
N ARG B 85 -11.60 -35.85 -13.01
CA ARG B 85 -10.81 -35.27 -11.92
C ARG B 85 -10.08 -36.33 -11.10
N GLU B 86 -10.81 -37.34 -10.63
CA GLU B 86 -10.26 -38.35 -9.74
C GLU B 86 -9.19 -39.16 -10.45
N SER B 87 -9.43 -39.49 -11.72
CA SER B 87 -8.47 -40.26 -12.49
C SER B 87 -7.16 -39.48 -12.70
N ALA B 88 -7.26 -38.21 -13.08
CA ALA B 88 -6.07 -37.38 -13.31
C ALA B 88 -5.21 -37.31 -12.05
N GLN B 89 -5.55 -36.30 -10.52
CA GLN B 89 -5.09 -36.21 -9.14
C GLN B 89 -4.46 -37.51 -8.64
N ALA B 90 -5.01 -38.65 -9.07
CA ALA B 90 -4.57 -39.95 -8.59
C ALA B 90 -3.33 -40.43 -9.35
N GLN B 91 -3.39 -40.35 -10.67
CA GLN B 91 -2.26 -40.75 -11.51
C GLN B 91 -1.04 -39.87 -11.24
N ALA B 92 -1.30 -38.63 -10.81
CA ALA B 92 -0.21 -37.73 -10.46
C ALA B 92 0.40 -38.11 -9.11
N ARG B 93 -0.26 -39.01 -8.38
CA ARG B 93 0.27 -39.49 -7.12
C ARG B 93 0.98 -40.83 -7.34
N SER B 94 0.67 -41.49 -8.44
CA SER B 94 1.40 -42.70 -8.81
C SER B 94 2.77 -42.30 -9.34
N VAL B 95 2.78 -41.35 -10.27
CA VAL B 95 4.02 -40.82 -10.83
C VAL B 95 4.88 -40.17 -9.75
N THR B 96 4.24 -39.42 -8.85
CA THR B 96 4.94 -38.76 -7.75
C THR B 96 5.60 -39.77 -6.82
N SER B 97 4.83 -40.76 -6.35
CA SER B 97 5.32 -41.75 -5.41
C SER B 97 6.49 -42.56 -5.98
N GLU B 98 6.40 -42.88 -7.27
CA GLU B 98 7.47 -43.61 -7.94
C GLU B 98 8.73 -42.76 -8.03
N LEU B 99 8.56 -41.50 -8.41
CA LEU B 99 9.67 -40.56 -8.49
C LEU B 99 10.35 -40.40 -7.14
N LYS B 100 9.56 -40.29 -6.08
CA LYS B 100 10.10 -40.18 -4.73
C LYS B 100 10.86 -41.44 -4.35
N SER B 101 10.22 -42.59 -4.53
CA SER B 101 10.82 -43.87 -4.16
C SER B 101 12.03 -44.20 -5.03
N ALA B 102 12.12 -43.55 -6.19
CA ALA B 102 13.30 -43.67 -7.03
C ALA B 102 14.40 -42.76 -6.52
N VAL B 103 14.02 -41.53 -6.16
CA VAL B 103 14.94 -40.58 -5.56
C VAL B 103 15.39 -41.07 -4.18
N LYS B 104 14.42 -41.51 -3.37
CA LYS B 104 14.69 -42.08 -2.05
C LYS B 104 15.71 -43.22 -2.18
N GLU B 105 15.47 -44.14 -3.12
CA GLU B 105 16.36 -45.26 -3.34
C GLU B 105 17.76 -44.78 -3.73
N ALA B 106 17.81 -43.68 -4.47
CA ALA B 106 19.07 -43.13 -4.95
C ALA B 106 19.75 -42.25 -3.90
N GLN B 107 18.98 -41.85 -2.89
CA GLN B 107 19.54 -41.07 -1.79
C GLN B 107 20.15 -42.00 -0.73
N GLY B 108 20.15 -43.29 -1.04
CA GLY B 108 20.71 -44.28 -0.14
C GLY B 108 22.07 -44.78 -0.59
N LEU B 109 22.56 -44.24 -1.69
CA LEU B 109 23.91 -44.59 -2.16
C LEU B 109 24.98 -43.93 -1.30
N GLU B 110 26.21 -44.39 -1.45
CA GLU B 110 27.33 -43.86 -0.70
C GLU B 110 28.10 -42.81 -1.50
N HIS B 111 28.41 -41.70 -0.84
CA HIS B 111 29.20 -40.65 -1.46
C HIS B 111 30.68 -41.01 -1.42
N GLN B 112 31.44 -40.50 -2.38
CA GLN B 112 32.87 -40.72 -2.42
C GLN B 112 33.58 -39.91 -1.33
N THR B 113 34.80 -40.32 -1.00
CA THR B 113 35.61 -39.60 -0.01
C THR B 113 35.94 -38.19 -0.47
N LEU B 114 36.38 -37.35 0.46
CA LEU B 114 36.72 -35.97 0.13
C LEU B 114 38.22 -35.72 0.30
N ASP B 115 39.03 -36.64 -0.22
CA ASP B 115 40.48 -36.50 -0.17
C ASP B 115 40.97 -35.48 -1.19
N PHE B 116 40.19 -35.32 -2.27
CA PHE B 116 40.56 -34.43 -3.37
C PHE B 116 40.53 -32.95 -2.97
N LEU B 117 40.10 -32.68 -1.74
CA LEU B 117 40.05 -31.32 -1.23
C LEU B 117 41.03 -31.11 -0.09
N GLU B 118 41.78 -30.01 -0.17
CA GLU B 118 42.66 -29.61 0.93
C GLU B 118 41.80 -29.24 2.13
N GLN B 119 42.24 -29.63 3.33
CA GLN B 119 41.47 -29.35 4.54
C GLN B 119 42.14 -28.30 5.42
N LEU B 120 41.38 -27.29 5.82
CA LEU B 120 41.91 -26.22 6.65
C LEU B 120 41.60 -26.48 8.13
N GLY B 121 41.06 -27.66 8.41
CA GLY B 121 40.74 -28.05 9.77
C GLY B 121 39.34 -27.64 10.16
N GLU B 122 39.23 -26.76 11.15
CA GLU B 122 37.94 -26.32 11.65
C GLU B 122 37.91 -24.83 11.95
N TYR B 123 37.12 -24.09 11.18
CA TYR B 123 36.96 -22.65 11.41
C TYR B 123 36.04 -22.39 12.60
N PRO B 124 36.48 -21.53 13.53
CA PRO B 124 35.72 -21.20 14.74
C PRO B 124 34.59 -20.20 14.49
N VAL B 125 33.69 -20.09 15.46
CA VAL B 125 32.50 -19.23 15.35
C VAL B 125 32.83 -17.74 15.46
N CYS B 126 32.13 -16.93 14.67
CA CYS B 126 32.19 -15.48 14.80
C CYS B 126 31.01 -15.02 15.66
N GLY B 127 31.24 -14.09 16.58
CA GLY B 127 32.52 -13.44 16.76
C GLY B 127 32.32 -11.94 16.84
N ILE B 128 31.56 -11.40 15.91
CA ILE B 128 31.25 -9.97 15.90
C ILE B 128 29.79 -9.76 16.29
N LEU B 129 29.52 -8.72 17.05
CA LEU B 129 28.15 -8.40 17.47
C LEU B 129 27.68 -7.09 16.86
N HIS B 130 26.38 -6.98 16.65
CA HIS B 130 25.77 -5.76 16.12
C HIS B 130 24.76 -5.20 17.11
N GLY B 131 25.27 -4.72 18.24
CA GLY B 131 24.44 -4.20 19.30
C GLY B 131 23.81 -5.31 20.14
N ASP B 132 22.54 -5.59 19.87
CA ASP B 132 21.80 -6.61 20.60
C ASP B 132 22.42 -7.98 20.34
N HIS B 133 22.51 -8.36 19.08
CA HIS B 133 22.82 -9.73 18.69
C HIS B 133 24.20 -9.89 18.04
N PRO B 134 24.77 -11.10 18.14
CA PRO B 134 25.92 -11.44 17.29
C PRO B 134 25.47 -11.63 15.85
N VAL B 135 26.36 -11.38 14.89
CA VAL B 135 26.00 -11.52 13.48
C VAL B 135 25.75 -12.98 13.12
N HIS B 136 26.38 -13.89 13.84
CA HIS B 136 26.13 -15.32 13.68
C HIS B 136 25.28 -15.79 14.85
N PRO B 137 23.94 -15.83 14.65
CA PRO B 137 22.92 -16.08 15.68
C PRO B 137 23.31 -17.11 16.73
N SER B 138 23.02 -16.81 17.98
CA SER B 138 23.47 -17.60 19.12
C SER B 138 23.03 -19.07 19.04
N GLY B 139 21.89 -19.30 18.40
CA GLY B 139 21.34 -20.64 18.30
C GLY B 139 21.59 -21.36 16.99
N THR B 140 21.70 -20.59 15.90
CA THR B 140 21.83 -21.18 14.57
C THR B 140 23.10 -22.02 14.46
N HIS B 141 23.16 -22.86 13.42
CA HIS B 141 24.10 -23.97 13.36
C HIS B 141 25.58 -23.63 13.56
N ASN B 142 26.13 -24.21 14.64
CA ASN B 142 27.56 -24.28 14.90
C ASN B 142 27.76 -25.33 15.99
N ASN B 143 28.73 -26.22 15.82
CA ASN B 143 28.94 -27.29 16.79
C ASN B 143 29.75 -26.80 17.99
N ASN B 144 29.14 -25.89 18.75
CA ASN B 144 29.73 -25.30 19.95
C ASN B 144 31.22 -25.02 19.86
N GLY B 145 31.55 -23.85 19.33
CA GLY B 145 32.94 -23.45 19.15
C GLY B 145 33.31 -23.38 17.68
N LYS B 146 32.84 -24.35 16.91
CA LYS B 146 33.17 -24.41 15.48
C LYS B 146 31.92 -24.32 14.62
N VAL B 147 32.07 -23.71 13.44
CA VAL B 147 30.96 -23.52 12.52
C VAL B 147 30.63 -24.82 11.78
N SER B 148 29.33 -25.09 11.60
CA SER B 148 28.90 -26.31 10.92
C SER B 148 27.54 -26.15 10.24
N VAL B 149 27.20 -27.10 9.37
CA VAL B 149 25.93 -27.04 8.65
C VAL B 149 25.41 -28.44 8.31
N LYS B 150 24.10 -28.52 8.08
CA LYS B 150 23.47 -29.80 7.74
C LYS B 150 23.72 -30.15 6.27
N ARG B 151 22.76 -30.81 5.65
CA ARG B 151 22.89 -31.20 4.25
C ARG B 151 21.57 -31.68 3.65
N GLN B 152 20.78 -30.74 3.16
CA GLN B 152 19.50 -31.05 2.55
C GLN B 152 19.68 -32.10 1.45
N PHE B 153 18.94 -33.19 1.56
CA PHE B 153 18.80 -34.17 0.48
C PHE B 153 17.44 -34.81 0.68
N ALA B 154 16.45 -33.98 0.98
CA ALA B 154 15.10 -34.45 1.26
C ALA B 154 14.36 -34.79 -0.02
N ALA B 155 13.66 -35.91 0.00
CA ALA B 155 12.78 -36.28 -1.09
C ALA B 155 11.34 -36.08 -0.64
N GLY B 156 10.51 -35.50 -1.50
CA GLY B 156 10.92 -35.05 -2.82
C GLY B 156 9.68 -34.61 -3.58
N VAL B 157 8.66 -34.24 -2.83
CA VAL B 157 7.36 -33.90 -3.41
C VAL B 157 7.37 -32.53 -4.08
N ASN B 158 7.19 -32.52 -5.40
CA ASN B 158 7.17 -31.29 -6.17
C ASN B 158 5.79 -30.96 -6.72
N THR B 159 4.85 -30.68 -5.82
CA THR B 159 3.49 -30.36 -6.21
C THR B 159 2.81 -31.56 -6.87
N SER B 160 2.06 -31.25 -6.88
CA SER B 160 1.29 -32.34 -7.45
C SER B 160 0.17 -31.82 -8.34
N ASP B 161 -0.43 -30.90 -8.35
CA ASP B 161 -1.46 -30.27 -9.18
C ASP B 161 -0.88 -29.87 -10.54
N ALA B 162 0.40 -29.50 -10.55
CA ALA B 162 1.07 -29.10 -11.79
C ALA B 162 1.01 -30.24 -12.79
N LEU B 163 1.30 -31.45 -12.33
CA LEU B 163 1.21 -32.65 -13.15
C LEU B 163 -0.25 -33.06 -13.33
N THR B 164 -1.06 -32.83 -12.30
CA THR B 164 -2.48 -33.18 -12.33
C THR B 164 -3.20 -32.53 -13.52
N CYS B 165 -2.98 -31.24 -13.72
CA CYS B 165 -3.58 -30.54 -14.86
C CYS B 165 -3.17 -31.17 -16.19
N ALA B 166 -1.97 -31.73 -16.24
CA ALA B 166 -1.47 -32.36 -17.47
C ALA B 166 -2.16 -33.69 -17.76
N PHE B 167 -2.37 -34.49 -16.71
CA PHE B 167 -3.07 -35.76 -16.84
C PHE B 167 -4.50 -35.55 -17.34
N ARG B 168 -5.14 -34.49 -16.87
CA ARG B 168 -6.53 -34.19 -17.20
C ARG B 168 -6.73 -33.86 -18.68
N PHE B 169 -5.80 -33.13 -19.27
CA PHE B 169 -5.98 -32.60 -20.61
C PHE B 169 -5.14 -33.30 -21.70
N GLU B 170 -4.31 -34.26 -21.30
CA GLU B 170 -3.46 -34.94 -22.27
C GLU B 170 -3.44 -36.46 -22.08
N ASP B 171 -2.80 -37.15 -23.03
CA ASP B 171 -2.73 -38.61 -23.02
C ASP B 171 -1.96 -39.09 -21.78
N SER B 172 -2.60 -39.94 -21.00
CA SER B 172 -2.04 -40.46 -19.75
C SER B 172 -0.77 -41.28 -19.98
N ASP B 173 -0.65 -41.86 -21.16
CA ASP B 173 0.51 -42.67 -21.49
C ASP B 173 1.72 -41.79 -21.80
N LEU B 174 1.48 -40.65 -22.46
CA LEU B 174 2.56 -39.72 -22.80
C LEU B 174 2.90 -38.82 -21.61
N VAL B 175 1.87 -38.36 -20.91
CA VAL B 175 2.05 -37.55 -19.72
C VAL B 175 2.93 -38.28 -18.70
N ARG B 176 2.67 -39.57 -18.51
CA ARG B 176 3.40 -40.35 -17.53
C ARG B 176 4.90 -40.45 -17.84
N GLU B 177 5.24 -40.63 -19.12
CA GLU B 177 6.64 -40.85 -19.48
C GLU B 177 7.48 -39.57 -19.31
N THR B 178 6.94 -38.45 -19.78
CA THR B 178 7.64 -37.17 -19.65
C THR B 178 7.68 -36.72 -18.19
N ALA B 179 6.78 -37.28 -17.39
CA ALA B 179 6.73 -36.99 -15.95
C ALA B 179 7.66 -37.93 -15.18
N LEU B 180 8.23 -38.90 -15.89
CA LEU B 180 9.21 -39.80 -15.31
C LEU B 180 10.58 -39.51 -15.92
N LYS B 181 10.60 -38.57 -16.87
CA LYS B 181 11.83 -38.16 -17.54
C LYS B 181 12.72 -37.34 -16.62
N THR B 182 12.15 -36.27 -16.05
CA THR B 182 12.91 -35.39 -15.17
C THR B 182 12.23 -35.23 -13.81
N THR B 183 13.00 -34.76 -12.83
CA THR B 183 12.44 -34.42 -11.52
C THR B 183 13.29 -33.34 -10.86
N TYR B 184 12.62 -32.49 -10.07
CA TYR B 184 13.29 -31.40 -9.37
C TYR B 184 13.48 -31.77 -7.90
N THR B 185 14.73 -31.99 -7.50
CA THR B 185 15.02 -32.46 -6.14
C THR B 185 16.34 -31.92 -5.61
N ASP B 186 16.62 -32.21 -4.34
CA ASP B 186 17.86 -31.79 -3.70
C ASP B 186 19.03 -32.59 -4.24
N GLY B 187 18.74 -33.72 -4.88
CA GLY B 187 19.76 -34.58 -5.44
C GLY B 187 20.15 -35.69 -4.49
N THR B 188 21.31 -36.30 -4.72
CA THR B 188 21.81 -37.37 -3.87
C THR B 188 23.25 -37.10 -3.45
N TRP B 189 23.69 -37.75 -2.37
CA TRP B 189 25.05 -37.54 -1.86
C TRP B 189 26.10 -38.08 -2.82
N ALA B 190 25.77 -39.17 -3.52
CA ALA B 190 26.67 -39.76 -4.49
C ALA B 190 26.87 -38.82 -5.67
N GLY B 191 25.75 -38.32 -6.21
CA GLY B 191 25.79 -37.43 -7.35
C GLY B 191 26.32 -36.04 -7.02
N PHE B 192 26.32 -35.69 -5.74
CA PHE B 192 26.81 -34.39 -5.31
C PHE B 192 28.33 -34.34 -5.27
N VAL B 193 28.92 -35.28 -4.53
CA VAL B 193 30.37 -35.33 -4.37
C VAL B 193 31.07 -35.60 -5.69
N GLN B 194 30.53 -36.55 -6.46
CA GLN B 194 31.11 -36.91 -7.75
C GLN B 194 31.12 -35.73 -8.71
N ARG B 195 30.04 -34.97 -8.71
CA ARG B 195 29.94 -33.79 -9.57
C ARG B 195 30.78 -32.65 -8.99
N LEU B 196 31.03 -32.70 -7.70
CA LEU B 196 31.92 -31.73 -7.05
C LEU B 196 33.36 -32.06 -7.38
N LYS B 197 33.69 -33.34 -7.29
CA LYS B 197 35.02 -33.83 -7.63
C LYS B 197 35.33 -33.54 -9.10
N MET B 198 34.27 -33.42 -9.90
CA MET B 198 34.41 -33.02 -11.30
C MET B 198 35.07 -31.67 -11.43
N GLN B 199 34.42 -30.64 -10.88
CA GLN B 199 34.92 -29.28 -10.99
C GLN B 199 35.95 -28.94 -9.90
N THR B 200 36.76 -29.92 -9.52
CA THR B 200 37.80 -29.73 -8.52
C THR B 200 39.12 -30.34 -8.96
N THR B 201 39.05 -31.55 -9.49
CA THR B 201 40.24 -32.31 -9.85
C THR B 201 40.75 -31.96 -11.25
N ARG B 202 39.99 -31.13 -11.96
CA ARG B 202 40.24 -30.83 -13.37
C ARG B 202 41.65 -30.39 -13.73
N LYS B 203 42.03 -30.67 -14.98
CA LYS B 203 43.28 -30.22 -15.55
C LYS B 203 42.99 -29.14 -16.58
N CYS B 204 43.17 -27.88 -16.20
CA CYS B 204 42.82 -26.76 -17.07
C CYS B 204 44.02 -26.23 -17.84
N VAL B 205 43.75 -25.59 -18.98
CA VAL B 205 44.81 -24.94 -19.74
C VAL B 205 44.72 -23.43 -19.57
N GLN B 206 45.80 -22.84 -19.06
CA GLN B 206 45.85 -21.40 -18.83
C GLN B 206 45.76 -20.64 -20.15
N GLU B 207 44.58 -20.07 -20.42
CA GLU B 207 44.35 -19.32 -21.65
C GLU B 207 45.29 -18.13 -21.75
N LYS B 208 46.12 -18.11 -22.78
CA LYS B 208 46.95 -16.95 -23.05
C LYS B 208 46.04 -15.81 -23.51
N VAL B 209 45.89 -14.81 -22.66
CA VAL B 209 44.94 -13.74 -22.92
C VAL B 209 45.56 -12.36 -22.75
N SER B 210 45.57 -11.60 -23.84
CA SER B 210 46.04 -10.21 -23.81
C SER B 210 44.89 -9.31 -23.42
N ARG B 211 45.19 -8.24 -22.69
CA ARG B 211 44.16 -7.33 -22.23
C ARG B 211 43.49 -6.60 -23.40
N LYS B 212 44.16 -6.61 -24.55
CA LYS B 212 43.60 -6.01 -25.75
C LYS B 212 42.69 -7.03 -26.46
N LEU B 213 42.95 -8.31 -26.23
CA LEU B 213 42.10 -9.37 -26.78
C LEU B 213 40.72 -9.33 -26.13
N LEU B 214 40.69 -9.03 -24.84
CA LEU B 214 39.43 -8.91 -24.12
C LEU B 214 38.68 -7.65 -24.58
N LYS B 215 39.44 -6.67 -25.05
CA LYS B 215 38.86 -5.45 -25.62
C LYS B 215 38.27 -5.77 -27.00
N GLN B 216 38.77 -6.84 -27.61
CA GLN B 216 38.28 -7.30 -28.91
C GLN B 216 37.05 -8.18 -28.73
N LEU B 217 37.20 -9.23 -27.95
CA LEU B 217 36.15 -10.23 -27.78
C LEU B 217 34.99 -9.70 -26.94
N PHE B 218 35.29 -8.88 -25.95
CA PHE B 218 34.25 -8.34 -25.09
C PHE B 218 34.31 -6.82 -25.04
N PRO B 219 33.74 -6.17 -26.06
CA PRO B 219 33.67 -4.71 -26.11
C PRO B 219 32.65 -4.18 -25.11
N TYR B 220 32.77 -2.90 -24.75
CA TYR B 220 31.90 -2.30 -23.76
C TYR B 220 31.88 -0.79 -23.93
N ASP B 221 30.75 -0.16 -23.61
CA ASP B 221 30.68 1.29 -23.60
C ASP B 221 31.17 1.80 -22.25
N PRO B 222 32.31 2.51 -22.27
CA PRO B 222 32.97 3.00 -21.05
C PRO B 222 32.08 3.89 -20.18
N GLN B 223 31.00 4.43 -20.75
CA GLN B 223 30.14 5.37 -20.03
C GLN B 223 29.07 4.68 -19.19
N LYS B 224 28.64 3.49 -19.60
CA LYS B 224 27.55 2.80 -18.89
C LYS B 224 28.03 2.16 -17.59
N LEU B 225 29.34 2.17 -17.36
CA LEU B 225 29.89 1.82 -16.06
C LEU B 225 29.62 2.97 -15.09
N VAL B 226 29.48 2.65 -13.80
CA VAL B 226 29.16 3.66 -12.82
C VAL B 226 30.43 4.25 -12.18
N ASP B 227 30.34 5.52 -11.77
CA ASP B 227 31.45 6.19 -11.10
C ASP B 227 31.83 5.45 -9.82
N VAL B 228 32.72 4.48 -9.95
CA VAL B 228 33.15 3.67 -8.81
C VAL B 228 34.07 4.47 -7.88
N SER B 229 34.29 5.73 -8.22
CA SER B 229 35.03 6.65 -7.37
C SER B 229 34.14 7.24 -6.28
N GLY B 230 32.83 7.01 -6.42
CA GLY B 230 31.87 7.46 -5.41
C GLY B 230 32.11 6.78 -4.08
N GLU B 231 31.47 7.28 -3.03
CA GLU B 231 31.63 6.69 -1.71
C GLU B 231 30.96 5.33 -1.68
N LEU B 232 31.57 4.39 -0.95
CA LEU B 232 31.21 2.97 -1.04
C LEU B 232 29.78 2.66 -0.61
N SER B 233 29.28 3.36 0.41
CA SER B 233 27.97 3.06 0.97
C SER B 233 26.87 3.06 -0.09
N GLU B 234 26.76 4.14 -0.85
CA GLU B 234 25.70 4.26 -1.84
C GLU B 234 25.88 3.28 -3.01
N LEU B 235 27.13 2.95 -3.33
CA LEU B 235 27.41 2.08 -4.46
C LEU B 235 26.96 0.64 -4.22
N VAL B 236 27.05 0.21 -2.97
CA VAL B 236 26.63 -1.14 -2.62
C VAL B 236 25.11 -1.23 -2.54
N LEU B 237 24.48 -0.15 -2.07
CA LEU B 237 23.02 -0.10 -1.97
C LEU B 237 22.37 -0.22 -3.34
N GLY B 238 23.03 0.35 -4.36
CA GLY B 238 22.50 0.31 -5.71
C GLY B 238 22.63 -1.04 -6.40
N ILE B 239 23.11 -2.04 -5.66
CA ILE B 239 23.30 -3.38 -6.20
C ILE B 239 22.02 -4.21 -6.13
N LYS B 240 21.65 -4.80 -7.25
CA LYS B 240 20.49 -5.68 -7.32
C LYS B 240 20.89 -7.13 -7.07
N THR B 241 20.37 -7.71 -5.99
CA THR B 241 20.60 -9.13 -5.69
C THR B 241 19.33 -9.73 -5.10
N ASN B 242 19.28 -11.06 -5.07
CA ASN B 242 18.12 -11.76 -4.50
C ASN B 242 17.93 -11.43 -3.03
N ALA B 243 16.68 -11.33 -2.61
CA ALA B 243 16.37 -10.91 -1.25
C ALA B 243 16.19 -12.08 -0.29
N ILE B 244 15.94 -13.26 -0.83
CA ILE B 244 15.61 -14.42 -0.01
C ILE B 244 16.73 -15.46 -0.02
N ALA B 245 17.75 -15.24 -0.85
CA ALA B 245 18.88 -16.15 -0.91
C ALA B 245 19.71 -16.09 0.36
N SER B 246 20.64 -17.02 0.51
CA SER B 246 21.48 -17.06 1.71
C SER B 246 22.55 -15.98 1.69
N ALA B 247 22.76 -15.33 2.81
CA ALA B 247 23.78 -14.28 2.93
C ALA B 247 25.15 -14.88 3.23
N GLY B 248 25.20 -16.20 3.33
CA GLY B 248 26.44 -16.90 3.62
C GLY B 248 26.97 -16.58 5.00
N PRO B 249 28.26 -16.87 5.23
CA PRO B 249 28.93 -16.60 6.51
C PRO B 249 29.10 -15.11 6.81
N PRO B 250 29.00 -14.72 8.09
CA PRO B 250 28.66 -15.58 9.21
C PRO B 250 27.18 -15.53 9.56
N TYR B 251 26.42 -14.78 8.76
CA TYR B 251 25.01 -14.48 9.07
C TYR B 251 24.12 -15.73 9.19
N TRP B 252 24.24 -16.64 8.23
CA TRP B 252 23.41 -17.85 8.18
C TRP B 252 21.91 -17.52 8.27
N ARG B 253 21.52 -16.45 7.59
CA ARG B 253 20.12 -16.05 7.48
C ARG B 253 19.91 -15.36 6.13
N THR B 254 18.65 -15.26 5.72
CA THR B 254 18.32 -14.66 4.42
C THR B 254 18.89 -13.25 4.28
N LYS B 255 19.31 -12.91 3.07
CA LYS B 255 20.05 -11.67 2.81
C LYS B 255 19.29 -10.40 3.22
N ARG B 256 17.99 -10.52 3.47
CA ARG B 256 17.21 -9.39 3.91
C ARG B 256 17.26 -9.29 5.44
N ASP B 257 17.19 -10.44 6.10
CA ASP B 257 17.23 -10.49 7.56
C ASP B 257 18.71 -10.41 7.98
N ALA B 258 19.58 -10.23 6.99
CA ALA B 258 21.01 -10.15 7.23
C ALA B 258 21.61 -8.86 6.69
N LEU B 259 20.80 -8.07 6.00
CA LEU B 259 21.25 -6.83 5.38
C LEU B 259 21.79 -5.78 6.38
N PRO B 260 21.08 -5.52 7.49
CA PRO B 260 21.60 -4.46 8.37
C PRO B 260 22.92 -4.83 9.05
N ASP B 261 23.11 -6.11 9.32
CA ASP B 261 24.32 -6.59 9.95
C ASP B 261 25.49 -6.54 8.98
N MET B 262 25.23 -6.92 7.73
CA MET B 262 26.24 -6.86 6.68
C MET B 262 26.65 -5.42 6.42
N LEU B 263 25.64 -4.57 6.26
CA LEU B 263 25.84 -3.20 5.80
C LEU B 263 26.51 -2.31 6.84
N ASP B 264 25.97 -2.29 8.05
CA ASP B 264 26.41 -1.34 9.07
C ASP B 264 27.56 -1.88 9.92
N CYS B 265 27.68 -3.19 10.01
CA CYS B 265 28.66 -3.81 10.90
C CYS B 265 29.86 -4.41 10.16
N VAL B 266 29.59 -5.40 9.31
CA VAL B 266 30.68 -6.15 8.68
C VAL B 266 31.31 -5.42 7.49
N LEU B 267 30.51 -4.65 6.77
CA LEU B 267 31.03 -3.88 5.63
C LEU B 267 32.08 -2.84 6.03
N PRO B 268 31.82 -2.05 7.10
CA PRO B 268 32.88 -1.12 7.48
C PRO B 268 34.10 -1.85 8.02
N LEU B 269 33.84 -2.93 8.77
CA LEU B 269 34.90 -3.73 9.36
C LEU B 269 35.70 -4.47 8.29
N LEU B 270 35.09 -4.64 7.12
CA LEU B 270 35.79 -5.19 5.96
C LEU B 270 36.51 -4.08 5.21
N TYR B 271 35.86 -2.93 5.12
CA TYR B 271 36.45 -1.76 4.46
C TYR B 271 37.73 -1.33 5.14
N ASP B 272 37.64 -1.10 6.45
CA ASP B 272 38.73 -0.53 7.23
C ASP B 272 39.95 -1.45 7.26
N HIS B 273 39.77 -2.70 6.85
CA HIS B 273 40.88 -3.65 6.78
C HIS B 273 41.44 -3.77 5.37
N ILE B 274 40.68 -3.31 4.38
CA ILE B 274 41.14 -3.27 3.00
C ILE B 274 42.06 -2.06 2.80
N VAL B 275 41.73 -0.96 3.46
CA VAL B 275 42.45 0.30 3.30
C VAL B 275 43.94 0.20 3.66
N ARG B 276 44.26 -0.63 4.65
CA ARG B 276 45.65 -0.80 5.07
C ARG B 276 46.16 -2.23 4.90
N LYS B 277 45.60 -2.94 3.92
CA LYS B 277 46.00 -4.32 3.61
C LYS B 277 45.99 -5.24 4.83
N ASP B 278 45.14 -4.91 5.80
CA ASP B 278 45.09 -5.64 7.06
C ASP B 278 44.06 -6.77 7.00
N LEU B 279 43.83 -7.29 5.80
CA LEU B 279 42.88 -8.37 5.60
C LEU B 279 43.34 -9.66 6.28
N THR B 280 44.65 -9.87 6.30
CA THR B 280 45.24 -11.06 6.90
C THR B 280 45.02 -11.10 8.41
N THR B 281 44.89 -9.91 9.01
CA THR B 281 44.55 -9.81 10.43
C THR B 281 43.13 -10.28 10.63
N LEU B 282 42.24 -9.80 9.77
CA LEU B 282 40.84 -10.17 9.81
C LEU B 282 40.65 -11.67 9.56
N ARG B 283 41.43 -12.20 8.62
CA ARG B 283 41.31 -13.58 8.19
C ARG B 283 41.72 -14.57 9.29
N ASN B 284 42.26 -14.05 10.38
CA ASN B 284 42.69 -14.89 11.49
C ASN B 284 41.87 -14.68 12.77
N LYS B 285 41.40 -13.46 12.98
CA LYS B 285 40.61 -13.14 14.16
C LYS B 285 39.14 -13.46 13.90
N HIS B 286 38.67 -13.14 12.70
CA HIS B 286 37.34 -13.51 12.26
C HIS B 286 37.40 -14.23 10.92
N PRO B 287 37.91 -15.48 10.93
CA PRO B 287 38.14 -16.23 9.69
C PRO B 287 36.84 -16.65 8.99
N GLU B 288 35.72 -16.54 9.69
CA GLU B 288 34.42 -16.91 9.12
C GLU B 288 33.98 -15.90 8.08
N LEU B 289 34.52 -14.69 8.18
CA LEU B 289 34.19 -13.59 7.26
C LEU B 289 34.62 -13.89 5.82
N PHE B 290 35.41 -14.95 5.65
CA PHE B 290 35.94 -15.31 4.34
C PHE B 290 35.61 -16.76 4.01
N LEU B 291 34.68 -17.33 4.76
CA LEU B 291 34.27 -18.72 4.57
C LEU B 291 33.12 -18.80 3.56
N ALA B 292 32.94 -19.96 2.92
CA ALA B 292 31.86 -20.14 1.96
C ALA B 292 31.09 -21.43 2.23
N GLU B 293 30.07 -21.68 1.43
CA GLU B 293 29.28 -22.90 1.56
C GLU B 293 29.00 -23.53 0.19
N CYS B 294 29.53 -24.72 -0.02
CA CYS B 294 29.36 -25.43 -1.28
C CYS B 294 28.13 -26.32 -1.27
N LYS B 295 27.03 -25.83 -1.83
CA LYS B 295 25.75 -26.52 -1.72
C LYS B 295 25.23 -27.14 -3.01
N ASN B 296 24.45 -28.21 -2.85
CA ASN B 296 23.75 -28.87 -3.95
C ASN B 296 22.57 -28.03 -4.41
N LYS B 297 22.49 -27.74 -5.71
CA LYS B 297 21.40 -26.93 -6.19
C LYS B 297 20.13 -27.75 -6.34
N THR B 298 19.15 -27.49 -5.47
CA THR B 298 17.82 -28.04 -5.62
C THR B 298 17.65 -27.60 -7.06
N ASP B 299 17.48 -28.56 -7.97
CA ASP B 299 17.23 -28.23 -9.36
C ASP B 299 16.53 -29.36 -10.12
N ARG B 300 15.99 -29.02 -11.28
CA ARG B 300 15.32 -29.97 -12.16
C ARG B 300 16.32 -30.92 -12.81
N TYR B 301 16.48 -32.11 -12.23
CA TYR B 301 17.44 -33.09 -12.74
C TYR B 301 16.74 -34.19 -13.53
N GLU B 302 17.51 -34.92 -14.35
CA GLU B 302 16.98 -36.10 -15.02
C GLU B 302 17.11 -37.30 -14.10
N VAL B 303 16.11 -38.18 -14.15
CA VAL B 303 15.93 -39.21 -13.14
C VAL B 303 17.02 -40.28 -13.12
N GLU B 304 17.37 -40.84 -14.27
CA GLU B 304 18.34 -41.93 -14.30
C GLU B 304 19.78 -41.45 -14.15
N SER B 305 19.97 -40.14 -14.01
CA SER B 305 21.30 -39.58 -13.85
C SER B 305 21.41 -38.68 -12.61
N LEU B 306 20.85 -39.12 -11.49
CA LEU B 306 20.97 -38.36 -10.25
C LEU B 306 21.69 -39.19 -9.19
N GLY B 307 22.26 -40.32 -9.61
CA GLY B 307 23.19 -41.06 -8.79
C GLY B 307 24.58 -40.67 -9.24
N GLU B 308 24.64 -39.68 -10.13
CA GLU B 308 25.89 -39.20 -10.69
C GLU B 308 25.92 -37.67 -10.75
N LYS B 309 24.80 -37.08 -11.18
CA LYS B 309 24.76 -35.65 -11.47
C LYS B 309 23.91 -34.86 -10.48
N THR B 310 24.57 -34.18 -9.55
CA THR B 310 23.93 -33.23 -8.65
C THR B 310 24.85 -32.02 -8.52
N ARG B 311 24.56 -30.99 -9.30
CA ARG B 311 25.45 -29.84 -9.45
C ARG B 311 25.62 -29.03 -8.16
N PRO B 312 26.88 -28.82 -7.76
CA PRO B 312 27.25 -28.03 -6.58
C PRO B 312 27.47 -26.55 -6.90
N TYR B 313 27.07 -25.67 -5.97
CA TYR B 313 27.32 -24.24 -6.13
C TYR B 313 27.75 -23.63 -4.80
N PHE B 314 28.47 -22.51 -4.85
CA PHE B 314 29.04 -21.92 -3.66
C PHE B 314 28.31 -20.63 -3.25
N SER B 315 28.19 -20.41 -1.95
CA SER B 315 27.63 -19.17 -1.43
C SER B 315 28.66 -18.44 -0.57
N HIS B 316 29.18 -17.33 -1.09
CA HIS B 316 30.16 -16.52 -0.39
C HIS B 316 29.46 -15.61 0.62
N PRO B 317 30.24 -15.02 1.56
CA PRO B 317 29.64 -14.07 2.50
C PRO B 317 28.91 -12.93 1.80
N PHE B 318 27.89 -12.38 2.44
CA PHE B 318 27.12 -11.30 1.84
C PHE B 318 28.01 -10.09 1.57
N HIS B 319 28.82 -9.70 2.55
CA HIS B 319 29.68 -8.54 2.42
C HIS B 319 30.70 -8.70 1.29
N LEU B 320 31.20 -9.92 1.11
CA LEU B 320 32.10 -10.20 0.00
C LEU B 320 31.31 -10.22 -1.31
N SER B 321 30.20 -10.95 -1.31
CA SER B 321 29.35 -11.05 -2.48
C SER B 321 28.85 -9.70 -2.95
N ALA B 322 28.51 -8.84 -1.99
CA ALA B 322 27.99 -7.51 -2.30
C ALA B 322 29.08 -6.61 -2.89
N LEU B 323 30.13 -6.37 -2.12
CA LEU B 323 31.22 -5.48 -2.52
C LEU B 323 31.76 -5.79 -3.91
N VAL B 324 31.92 -7.08 -4.20
CA VAL B 324 32.37 -7.51 -5.51
C VAL B 324 31.33 -7.17 -6.58
N SER B 325 30.06 -7.37 -6.24
CA SER B 325 28.96 -7.20 -7.19
C SER B 325 28.84 -5.78 -7.73
N VAL B 326 29.51 -4.83 -7.07
CA VAL B 326 29.58 -3.46 -7.58
C VAL B 326 30.12 -3.44 -9.00
N LEU B 327 31.22 -4.16 -9.20
CA LEU B 327 31.92 -4.16 -10.48
C LEU B 327 31.29 -5.09 -11.51
N SER B 328 30.92 -6.30 -11.08
CA SER B 328 30.39 -7.30 -12.01
C SER B 328 29.07 -6.86 -12.63
N GLN B 329 28.25 -6.15 -11.86
CA GLN B 329 26.95 -5.70 -12.36
C GLN B 329 27.08 -4.45 -13.23
N SER B 330 27.95 -3.52 -12.82
CA SER B 330 28.16 -2.30 -13.58
C SER B 330 28.79 -2.62 -14.94
N PHE B 331 29.73 -3.55 -14.94
CA PHE B 331 30.41 -3.95 -16.17
C PHE B 331 29.46 -4.71 -17.09
N SER B 332 28.66 -5.61 -16.50
CA SER B 332 27.73 -6.42 -17.29
C SER B 332 26.65 -5.54 -17.92
N GLY B 333 26.43 -4.36 -17.35
CA GLY B 333 25.47 -3.42 -17.90
C GLY B 333 26.07 -2.65 -19.05
N ALA B 334 27.38 -2.45 -19.00
CA ALA B 334 28.07 -1.70 -20.06
C ALA B 334 28.53 -2.62 -21.19
N LEU B 335 28.39 -3.92 -20.97
CA LEU B 335 28.80 -4.91 -21.97
C LEU B 335 27.91 -4.87 -23.19
N LYS B 336 28.54 -4.78 -24.37
CA LYS B 336 27.84 -4.85 -25.64
C LYS B 336 27.70 -6.31 -26.05
N ILE B 337 26.68 -6.63 -26.83
CA ILE B 337 26.44 -8.01 -27.22
C ILE B 337 26.54 -8.22 -28.73
N MET B 338 26.33 -9.48 -29.15
CA MET B 338 26.44 -9.92 -30.53
C MET B 338 25.85 -8.94 -31.56
N THR B 339 24.63 -8.47 -31.31
CA THR B 339 23.88 -7.69 -32.27
C THR B 339 24.54 -6.34 -32.49
N GLU B 340 24.77 -5.62 -31.41
CA GLU B 340 25.34 -4.28 -31.46
C GLU B 340 26.70 -4.28 -32.15
N ASP B 341 27.68 -4.90 -31.51
CA ASP B 341 29.03 -4.97 -32.06
C ASP B 341 29.26 -6.30 -32.78
N SER B 342 29.66 -6.21 -34.04
CA SER B 342 29.89 -7.41 -34.85
C SER B 342 31.24 -8.05 -34.54
N THR B 343 31.98 -7.46 -33.62
CA THR B 343 33.28 -8.00 -33.22
C THR B 343 33.20 -8.70 -31.87
N SER B 344 32.00 -8.74 -31.29
CA SER B 344 31.79 -9.32 -29.96
C SER B 344 31.41 -10.80 -30.02
N PHE B 345 31.98 -11.58 -29.12
CA PHE B 345 31.60 -12.98 -28.96
C PHE B 345 30.63 -13.11 -27.79
N ASN B 346 30.26 -11.96 -27.24
CA ASN B 346 29.46 -11.91 -26.02
C ASN B 346 27.96 -12.05 -26.25
N ALA B 347 27.33 -12.90 -25.45
CA ALA B 347 25.88 -13.07 -25.45
C ALA B 347 25.31 -12.64 -24.10
N TYR B 348 26.19 -12.53 -23.12
CA TYR B 348 25.79 -12.19 -21.75
C TYR B 348 25.14 -10.82 -21.70
N GLY B 349 23.83 -10.80 -21.96
CA GLY B 349 23.06 -9.57 -22.01
C GLY B 349 22.06 -9.59 -23.15
N PHE B 350 21.81 -10.79 -23.68
CA PHE B 350 20.92 -10.95 -24.83
C PHE B 350 19.50 -11.33 -24.41
N SER B 351 18.52 -10.73 -25.09
CA SER B 351 17.12 -11.02 -24.85
C SER B 351 16.40 -11.34 -26.16
N TRP B 352 15.25 -12.00 -26.06
CA TRP B 352 14.50 -12.42 -27.25
C TRP B 352 13.51 -11.35 -27.73
N THR B 353 12.76 -10.78 -26.79
CA THR B 353 11.68 -9.85 -27.14
C THR B 353 12.18 -8.58 -27.83
N ASN B 354 11.26 -7.89 -28.51
CA ASN B 354 11.54 -6.68 -29.26
C ASN B 354 12.66 -6.88 -30.29
N GLY B 355 12.42 -7.75 -31.27
CA GLY B 355 13.33 -7.97 -32.37
C GLY B 355 14.59 -8.78 -32.02
N GLY B 356 14.87 -8.92 -30.73
CA GLY B 356 16.07 -9.59 -30.28
C GLY B 356 16.22 -11.00 -30.83
N ALA B 357 15.10 -11.72 -30.90
CA ALA B 357 15.10 -13.07 -31.44
C ALA B 357 15.45 -13.06 -32.92
N GLU B 358 15.16 -11.95 -33.59
CA GLU B 358 15.44 -11.80 -35.01
C GLU B 358 16.83 -11.22 -35.23
N ASP B 359 17.28 -10.43 -34.26
CA ASP B 359 18.63 -9.87 -34.31
C ASP B 359 19.66 -11.00 -34.32
N LEU B 360 19.32 -12.10 -33.66
CA LEU B 360 20.17 -13.28 -33.65
C LEU B 360 20.32 -13.83 -35.07
N ALA B 361 19.22 -13.80 -35.82
CA ALA B 361 19.19 -14.32 -37.18
C ALA B 361 20.06 -13.49 -38.12
N ILE B 362 19.87 -12.17 -38.08
CA ILE B 362 20.64 -11.26 -38.93
C ILE B 362 22.14 -11.38 -38.65
N TRP B 363 22.48 -11.42 -37.36
CA TRP B 363 23.87 -11.54 -36.94
C TRP B 363 24.45 -12.89 -37.33
N ALA B 364 23.59 -13.89 -37.47
CA ALA B 364 24.04 -15.25 -37.80
C ALA B 364 24.36 -15.41 -39.28
N ARG B 365 23.54 -14.82 -40.13
CA ARG B 365 23.66 -15.03 -41.57
C ARG B 365 24.82 -14.27 -42.19
N GLN B 366 25.34 -13.27 -41.48
CA GLN B 366 26.48 -12.51 -42.00
C GLN B 366 27.79 -13.26 -41.76
N ALA B 367 27.69 -14.46 -41.19
CA ALA B 367 28.85 -15.33 -41.00
C ALA B 367 29.46 -15.69 -42.36
N GLY B 368 30.73 -16.04 -42.37
CA GLY B 368 31.43 -16.27 -43.62
C GLY B 368 31.79 -17.72 -43.91
N GLU B 369 32.13 -17.98 -45.18
CA GLU B 369 32.62 -19.28 -45.60
C GLU B 369 33.90 -19.62 -44.83
N ALA B 370 33.92 -20.80 -44.22
CA ALA B 370 35.03 -21.21 -43.36
C ALA B 370 36.37 -21.18 -44.08
N GLY B 371 37.37 -20.62 -43.41
CA GLY B 371 38.73 -20.59 -43.95
C GLY B 371 39.09 -19.31 -44.68
N LYS B 372 38.07 -18.54 -45.08
CA LYS B 372 38.31 -17.34 -45.87
C LYS B 372 37.83 -16.07 -45.16
N LYS B 373 36.66 -16.13 -44.53
CA LYS B 373 36.15 -14.98 -43.79
C LYS B 373 35.56 -15.41 -42.44
N PRO B 374 35.65 -14.53 -41.43
CA PRO B 374 35.25 -14.82 -40.04
C PRO B 374 33.84 -15.36 -39.87
N PRO B 375 33.66 -16.30 -38.92
CA PRO B 375 32.37 -16.86 -38.55
C PRO B 375 31.69 -16.05 -37.46
N ARG B 376 30.46 -16.41 -37.10
CA ARG B 376 29.73 -15.70 -36.06
C ARG B 376 29.47 -16.62 -34.87
N ILE B 377 30.22 -16.42 -33.79
CA ILE B 377 30.07 -17.23 -32.59
C ILE B 377 29.49 -16.45 -31.42
N ALA B 378 28.63 -17.12 -30.66
CA ALA B 378 27.94 -16.52 -29.52
C ALA B 378 28.34 -17.22 -28.24
N CYS B 379 28.39 -16.48 -27.13
CA CYS B 379 28.75 -17.08 -25.85
C CYS B 379 27.97 -16.50 -24.67
N TYR B 380 26.95 -17.23 -24.24
CA TYR B 380 26.28 -16.91 -22.97
C TYR B 380 26.65 -18.00 -21.96
N GLY B 381 27.72 -17.76 -21.21
CA GLY B 381 28.22 -18.76 -20.28
C GLY B 381 28.72 -19.98 -21.02
N ASP B 382 28.19 -21.15 -20.66
CA ASP B 382 28.59 -22.39 -21.31
C ASP B 382 27.82 -22.63 -22.61
N ASP B 383 26.65 -22.02 -22.73
CA ASP B 383 25.85 -22.16 -23.94
C ASP B 383 26.42 -21.29 -25.05
N THR B 384 26.56 -21.86 -26.25
CA THR B 384 27.14 -21.14 -27.38
C THR B 384 26.36 -21.36 -28.67
N ASP B 385 26.37 -20.36 -29.54
CA ASP B 385 25.73 -20.47 -30.85
C ASP B 385 26.73 -20.12 -31.95
N ILE B 386 27.14 -21.13 -32.72
CA ILE B 386 28.18 -20.95 -33.72
C ILE B 386 27.63 -21.06 -35.14
N TYR B 387 27.94 -20.05 -35.96
CA TYR B 387 27.49 -20.03 -37.35
C TYR B 387 28.66 -19.91 -38.31
N TYR B 388 28.81 -20.93 -39.16
CA TYR B 388 29.83 -20.91 -40.21
C TYR B 388 29.21 -21.36 -41.52
N ARG B 389 29.91 -21.12 -42.63
CA ARG B 389 29.40 -21.50 -43.94
C ARG B 389 30.32 -22.48 -44.66
N LYS B 390 29.72 -23.50 -45.26
CA LYS B 390 30.45 -24.47 -46.06
C LYS B 390 29.82 -24.58 -47.44
N ASP B 391 30.63 -24.34 -48.48
CA ASP B 391 30.18 -24.34 -49.87
C ASP B 391 29.03 -23.37 -50.09
N GLY B 392 29.03 -22.26 -49.35
CA GLY B 392 28.01 -21.25 -49.49
C GLY B 392 26.89 -21.36 -48.46
N LYS B 393 26.46 -22.58 -48.18
CA LYS B 393 25.34 -22.82 -47.26
C LYS B 393 25.72 -22.51 -45.81
N LEU B 394 24.73 -22.12 -45.03
CA LEU B 394 24.95 -21.75 -43.62
C LEU B 394 24.75 -22.94 -42.68
N TYR B 395 25.67 -23.10 -41.74
CA TYR B 395 25.60 -24.19 -40.77
C TYR B 395 25.61 -23.67 -39.33
N ARG B 396 24.95 -24.41 -38.45
CA ARG B 396 24.83 -24.00 -37.05
C ARG B 396 25.17 -25.15 -36.10
N ILE B 397 26.01 -24.86 -35.12
CA ILE B 397 26.29 -25.80 -34.05
C ILE B 397 26.00 -25.17 -32.68
N CYS B 398 25.24 -25.90 -31.86
CA CYS B 398 24.96 -25.46 -30.49
C CYS B 398 25.42 -26.52 -29.50
N PRO B 399 26.74 -26.64 -29.31
CA PRO B 399 27.31 -27.70 -28.47
C PRO B 399 27.32 -27.37 -26.98
N ASP B 400 27.64 -28.37 -26.16
CA ASP B 400 27.66 -28.20 -24.72
C ASP B 400 28.96 -28.72 -24.13
N PHE B 401 29.42 -28.09 -23.05
CA PHE B 401 30.63 -28.52 -22.36
C PHE B 401 30.30 -29.36 -21.14
N LYS B 402 31.03 -30.44 -20.89
CA LYS B 402 30.77 -31.21 -19.69
C LYS B 402 31.32 -30.45 -18.49
N GLN B 403 30.51 -30.33 -17.45
CA GLN B 403 30.84 -29.56 -16.25
C GLN B 403 31.92 -28.49 -16.42
N MET B 404 31.61 -27.40 -17.12
CA MET B 404 32.46 -26.45 -17.85
C MET B 404 33.03 -25.56 -16.75
N ASP B 405 32.30 -25.39 -15.65
CA ASP B 405 32.79 -24.57 -14.55
C ASP B 405 34.13 -25.08 -14.05
N GLY B 406 34.26 -26.40 -13.95
CA GLY B 406 35.54 -27.03 -13.71
C GLY B 406 36.23 -27.22 -15.04
N SER B 407 36.90 -26.16 -15.49
CA SER B 407 37.65 -26.13 -16.75
C SER B 407 38.22 -24.74 -16.91
N VAL B 408 37.60 -23.78 -16.23
CA VAL B 408 38.05 -22.39 -16.26
C VAL B 408 39.38 -22.24 -15.54
N ASP B 409 40.41 -21.85 -16.28
CA ASP B 409 41.75 -21.72 -15.74
C ASP B 409 41.92 -20.45 -14.91
N ALA B 410 42.94 -20.44 -14.06
CA ALA B 410 43.20 -19.32 -13.16
C ALA B 410 43.46 -18.02 -13.93
N THR B 411 44.41 -18.08 -14.86
CA THR B 411 44.82 -16.88 -15.61
C THR B 411 43.66 -16.25 -16.38
N THR B 412 42.69 -17.07 -16.77
CA THR B 412 41.45 -16.55 -17.35
C THR B 412 40.72 -15.71 -16.31
N ILE B 413 40.43 -16.31 -15.17
CA ILE B 413 39.77 -15.64 -14.07
C ILE B 413 40.50 -14.36 -13.66
N GLU B 414 41.81 -14.47 -13.47
CA GLU B 414 42.63 -13.33 -13.07
C GLU B 414 42.59 -12.20 -14.09
N ALA B 415 42.56 -12.56 -15.37
CA ALA B 415 42.52 -11.56 -16.44
C ALA B 415 41.17 -10.84 -16.48
N VAL B 416 40.09 -11.63 -16.42
CA VAL B 416 38.74 -11.07 -16.41
C VAL B 416 38.56 -10.10 -15.25
N VAL B 417 38.89 -10.56 -14.05
CA VAL B 417 38.85 -9.73 -12.86
C VAL B 417 39.64 -8.44 -13.09
N ASP B 418 40.85 -8.59 -13.61
CA ASP B 418 41.67 -7.44 -13.98
C ASP B 418 40.95 -6.56 -15.01
N TYR B 419 40.53 -7.18 -16.11
CA TYR B 419 39.89 -6.48 -17.21
C TYR B 419 38.70 -5.64 -16.74
N VAL B 420 37.91 -6.19 -15.84
CA VAL B 420 36.76 -5.47 -15.28
C VAL B 420 37.22 -4.31 -14.39
N VAL B 421 38.09 -4.62 -13.42
CA VAL B 421 38.64 -3.62 -12.52
C VAL B 421 39.36 -2.52 -13.31
N ASP B 422 40.17 -2.94 -14.28
CA ASP B 422 40.95 -1.99 -15.09
C ASP B 422 40.04 -1.09 -15.92
N ALA B 423 39.02 -1.66 -16.54
CA ALA B 423 38.09 -0.88 -17.36
C ALA B 423 37.42 0.21 -16.54
N HIS B 424 37.16 -0.10 -15.26
CA HIS B 424 36.58 0.86 -14.33
C HIS B 424 37.55 2.00 -14.00
N VAL B 425 38.76 1.62 -13.58
CA VAL B 425 39.72 2.60 -13.09
C VAL B 425 40.46 3.34 -14.21
N LYS B 426 40.01 3.15 -15.46
CA LYS B 426 40.56 3.89 -16.58
C LYS B 426 39.71 5.13 -16.87
N GLN B 427 38.44 5.08 -16.46
CA GLN B 427 37.54 6.22 -16.62
C GLN B 427 37.28 6.89 -15.28
N TYR B 428 37.21 6.09 -14.23
CA TYR B 428 37.05 6.61 -12.88
C TYR B 428 38.26 6.21 -12.05
N PRO B 429 39.39 6.91 -12.26
CA PRO B 429 40.74 6.48 -11.88
C PRO B 429 41.16 6.77 -10.44
N THR B 430 40.42 7.61 -9.72
CA THR B 430 40.84 8.01 -8.37
C THR B 430 40.91 6.83 -7.41
N ALA B 431 39.99 5.89 -7.58
CA ALA B 431 39.96 4.69 -6.75
C ALA B 431 40.75 3.56 -7.39
N ARG B 432 41.94 3.88 -7.88
CA ARG B 432 42.72 2.92 -8.67
C ARG B 432 43.28 1.77 -7.83
N GLN B 433 43.55 2.02 -6.55
CA GLN B 433 44.13 0.97 -5.71
C GLN B 433 43.14 0.30 -4.77
N PHE B 434 41.99 0.91 -4.54
CA PHE B 434 40.99 0.28 -3.68
C PHE B 434 40.31 -0.89 -4.37
N TRP B 435 39.82 -0.65 -5.57
CA TRP B 435 39.11 -1.68 -6.31
C TRP B 435 40.06 -2.80 -6.75
N GLU B 436 41.35 -2.47 -6.82
CA GLU B 436 42.38 -3.49 -7.05
C GLU B 436 42.37 -4.50 -5.91
N GLU B 437 42.34 -3.99 -4.68
CA GLU B 437 42.27 -4.84 -3.51
C GLU B 437 40.96 -5.62 -3.49
N VAL B 438 39.90 -4.99 -3.98
CA VAL B 438 38.62 -5.67 -4.15
C VAL B 438 38.73 -6.75 -5.21
N GLY B 439 39.38 -6.39 -6.32
CA GLY B 439 39.61 -7.33 -7.40
C GLY B 439 40.46 -8.51 -6.98
N LYS B 440 41.46 -8.24 -6.14
CA LYS B 440 42.31 -9.31 -5.61
C LYS B 440 41.47 -10.25 -4.74
N LEU B 441 40.46 -9.69 -4.09
CA LEU B 441 39.53 -10.48 -3.28
C LEU B 441 38.59 -11.30 -4.16
N TRP B 442 38.21 -10.72 -5.29
CA TRP B 442 37.33 -11.36 -6.25
C TRP B 442 37.92 -12.70 -6.72
N VAL B 443 39.21 -12.69 -7.03
CA VAL B 443 39.90 -13.87 -7.52
C VAL B 443 39.94 -14.98 -6.46
N GLU B 444 40.21 -14.60 -5.21
CA GLU B 444 40.24 -15.55 -4.10
C GLU B 444 38.93 -16.31 -3.98
N MET B 445 37.83 -15.57 -4.05
CA MET B 445 36.49 -16.16 -3.97
C MET B 445 36.22 -17.10 -5.14
N ALA B 446 36.72 -16.73 -6.32
CA ALA B 446 36.47 -17.51 -7.51
C ALA B 446 37.42 -18.71 -7.63
N THR B 447 38.44 -18.74 -6.80
CA THR B 447 39.45 -19.80 -6.87
C THR B 447 39.78 -20.44 -5.53
N GLN B 448 40.40 -19.67 -4.64
CA GLN B 448 40.95 -20.21 -3.40
C GLN B 448 40.23 -19.72 -2.14
N SER B 449 38.93 -19.97 -2.07
CA SER B 449 38.15 -19.57 -0.91
C SER B 449 37.75 -20.81 -0.10
N PRO B 450 37.99 -20.77 1.22
CA PRO B 450 37.60 -21.86 2.13
C PRO B 450 36.09 -22.02 2.15
N PHE B 451 35.61 -23.27 2.23
CA PHE B 451 34.17 -23.52 2.24
C PHE B 451 33.78 -24.74 3.05
N LEU B 452 32.61 -24.66 3.68
CA LEU B 452 32.04 -25.80 4.41
C LEU B 452 31.19 -26.67 3.48
N ILE B 453 31.24 -27.98 3.69
CA ILE B 453 30.43 -28.91 2.92
C ILE B 453 29.46 -29.65 3.83
N ASP B 454 30.00 -30.29 4.86
CA ASP B 454 29.19 -30.96 5.87
C ASP B 454 29.98 -31.10 7.15
N GLY B 455 29.33 -30.78 8.27
CA GLY B 455 30.01 -30.82 9.56
C GLY B 455 30.94 -29.64 9.73
N THR B 456 31.79 -29.71 10.74
CA THR B 456 32.69 -28.60 11.08
C THR B 456 33.88 -28.50 10.13
N LYS B 457 34.12 -29.54 9.35
CA LYS B 457 35.30 -29.62 8.50
C LYS B 457 35.30 -28.57 7.39
N VAL B 458 36.36 -27.76 7.35
CA VAL B 458 36.53 -26.74 6.31
C VAL B 458 37.44 -27.26 5.21
N TYR B 459 36.93 -27.25 3.98
CA TYR B 459 37.69 -27.74 2.83
C TYR B 459 38.08 -26.59 1.91
N ARG B 460 38.97 -26.88 0.95
CA ARG B 460 39.32 -25.93 -0.09
C ARG B 460 39.94 -26.64 -1.28
N LYS B 461 39.70 -26.11 -2.49
CA LYS B 461 40.27 -26.65 -3.72
C LYS B 461 41.79 -26.67 -3.65
N MET B 462 42.39 -27.79 -4.03
CA MET B 462 43.84 -27.96 -3.93
C MET B 462 44.58 -27.19 -5.00
N GLN B 463 43.89 -26.84 -6.09
CA GLN B 463 44.52 -26.12 -7.19
C GLN B 463 43.83 -24.77 -7.44
N LYS B 464 44.64 -23.80 -7.87
CA LYS B 464 44.14 -22.45 -8.13
C LYS B 464 43.17 -22.44 -9.31
N ASP B 465 43.32 -23.42 -10.20
CA ASP B 465 42.41 -23.58 -11.33
C ASP B 465 41.05 -24.09 -10.86
N GLY B 466 40.06 -24.04 -11.74
CA GLY B 466 38.72 -24.48 -11.43
C GLY B 466 37.89 -23.37 -10.80
N LEU B 467 36.75 -23.08 -11.41
CA LEU B 467 35.87 -22.03 -10.90
C LEU B 467 34.93 -22.54 -9.81
N MET B 468 34.83 -21.78 -8.73
CA MET B 468 33.92 -22.10 -7.65
C MET B 468 32.51 -21.59 -7.98
N THR B 469 31.73 -22.43 -8.65
CA THR B 469 30.40 -22.11 -9.14
C THR B 469 29.53 -21.43 -8.09
N GLY B 470 28.99 -20.27 -8.44
CA GLY B 470 28.17 -19.51 -7.50
C GLY B 470 28.86 -18.24 -7.08
N VAL B 471 30.12 -18.10 -7.46
CA VAL B 471 30.90 -16.91 -7.11
C VAL B 471 30.48 -15.71 -7.96
N VAL B 472 30.45 -14.53 -7.34
CA VAL B 472 30.07 -13.31 -8.04
C VAL B 472 30.79 -13.20 -9.38
N GLY B 473 30.06 -13.49 -10.46
CA GLY B 473 30.62 -13.41 -11.80
C GLY B 473 30.76 -14.78 -12.43
N THR B 474 29.87 -15.70 -12.07
CA THR B 474 29.90 -17.05 -12.61
C THR B 474 29.25 -17.11 -13.99
N THR B 475 28.94 -15.94 -14.55
CA THR B 475 28.31 -15.85 -15.86
C THR B 475 29.29 -15.32 -16.90
N LEU B 476 30.21 -14.47 -16.47
CA LEU B 476 31.21 -13.89 -17.36
C LEU B 476 32.43 -14.79 -17.47
N PHE B 477 32.78 -15.43 -16.35
CA PHE B 477 33.93 -16.34 -16.32
C PHE B 477 33.72 -17.51 -17.27
N ASP B 478 32.53 -18.11 -17.24
CA ASP B 478 32.20 -19.17 -18.18
C ASP B 478 32.16 -18.62 -19.60
N THR B 479 31.65 -17.39 -19.73
CA THR B 479 31.56 -16.74 -21.03
C THR B 479 32.94 -16.49 -21.65
N VAL B 480 33.83 -15.89 -20.86
CA VAL B 480 35.18 -15.55 -21.32
C VAL B 480 35.97 -16.80 -21.73
N LYS B 481 36.00 -17.80 -20.85
CA LYS B 481 36.71 -19.03 -21.14
C LYS B 481 36.17 -19.67 -22.42
N SER B 482 34.86 -19.63 -22.59
CA SER B 482 34.22 -20.17 -23.78
C SER B 482 34.59 -19.38 -25.03
N ALA B 483 34.53 -18.06 -24.93
CA ALA B 483 34.80 -17.20 -26.08
C ALA B 483 36.25 -17.33 -26.54
N LEU B 484 37.18 -17.28 -25.58
CA LEU B 484 38.60 -17.43 -25.88
C LEU B 484 38.86 -18.76 -26.57
N ALA B 485 38.10 -19.78 -26.16
CA ALA B 485 38.22 -21.11 -26.74
C ALA B 485 37.72 -21.13 -28.18
N TYR B 486 36.62 -20.41 -28.43
CA TYR B 486 36.05 -20.37 -29.77
C TYR B 486 36.71 -19.28 -30.61
N ASN B 487 37.43 -18.37 -29.97
CA ASN B 487 38.21 -17.37 -30.70
C ASN B 487 39.42 -18.03 -31.36
N ASP B 488 40.15 -18.81 -30.57
CA ASP B 488 41.30 -19.54 -31.08
C ASP B 488 40.87 -20.59 -32.10
N TRP B 489 39.73 -21.24 -31.82
CA TRP B 489 39.15 -22.20 -32.75
C TRP B 489 38.89 -21.56 -34.11
N ALA B 490 38.24 -20.40 -34.09
CA ALA B 490 37.96 -19.65 -35.30
C ALA B 490 39.25 -19.21 -35.99
N ASP B 491 40.25 -18.85 -35.18
CA ASP B 491 41.55 -18.45 -35.70
C ASP B 491 42.24 -19.64 -36.37
N GLN B 492 41.97 -20.83 -35.86
CA GLN B 492 42.55 -22.05 -36.42
C GLN B 492 41.97 -22.36 -37.80
N LEU B 493 40.72 -21.99 -38.01
CA LEU B 493 40.03 -22.26 -39.27
C LEU B 493 40.66 -21.49 -40.43
N MET B 494 41.19 -20.30 -40.15
CA MET B 494 41.84 -19.50 -41.17
C MET B 494 43.10 -20.16 -41.71
N PHE B 495 43.67 -21.07 -40.93
CA PHE B 495 44.90 -21.73 -41.29
C PHE B 495 44.65 -22.94 -42.20
N GLY B 496 43.44 -23.01 -42.76
CA GLY B 496 43.07 -24.10 -43.64
C GLY B 496 42.68 -25.36 -42.89
N SER B 497 42.77 -25.31 -41.56
CA SER B 497 42.41 -26.45 -40.73
C SER B 497 40.90 -26.54 -40.57
N LEU B 498 40.22 -26.97 -41.62
CA LEU B 498 38.76 -27.11 -41.61
C LEU B 498 38.34 -28.42 -40.97
N ASN B 499 39.34 -29.21 -40.54
CA ASN B 499 39.08 -30.46 -39.86
C ASN B 499 38.39 -30.25 -38.51
N LEU B 500 38.55 -29.04 -37.97
CA LEU B 500 37.96 -28.69 -36.69
C LEU B 500 36.47 -28.39 -36.81
N LEU B 501 35.94 -28.52 -38.03
CA LEU B 501 34.50 -28.41 -38.24
C LEU B 501 33.83 -29.75 -37.92
N GLU B 502 34.64 -30.74 -37.56
CA GLU B 502 34.14 -32.06 -37.20
C GLU B 502 34.20 -32.27 -35.70
N GLU B 503 33.32 -33.12 -35.18
CA GLU B 503 33.27 -33.41 -33.75
C GLU B 503 34.52 -34.12 -33.25
N LYS B 504 34.87 -35.21 -33.92
CA LYS B 504 35.99 -36.06 -33.51
C LYS B 504 37.29 -35.30 -33.30
N TYR B 505 37.50 -34.26 -34.10
CA TYR B 505 38.73 -33.49 -34.04
C TYR B 505 38.61 -32.32 -33.06
N ALA B 506 37.47 -31.63 -33.09
CA ALA B 506 37.24 -30.49 -32.22
C ALA B 506 37.32 -30.87 -30.74
N ILE B 507 36.84 -32.07 -30.42
CA ILE B 507 36.89 -32.58 -29.05
C ILE B 507 38.31 -32.59 -28.53
N GLU B 508 39.22 -33.20 -29.30
CA GLU B 508 40.62 -33.26 -28.92
C GLU B 508 41.25 -31.86 -28.84
N PHE B 509 40.95 -31.03 -29.84
CA PHE B 509 41.51 -29.68 -29.89
C PHE B 509 41.09 -28.82 -28.70
N PHE B 510 39.83 -28.92 -28.32
CA PHE B 510 39.34 -28.15 -27.18
C PHE B 510 39.91 -28.69 -25.87
N LYS B 511 40.14 -30.00 -25.82
CA LYS B 511 40.60 -30.65 -24.58
C LYS B 511 42.07 -30.36 -24.30
N ASN B 512 42.93 -30.60 -25.29
CA ASN B 512 44.37 -30.50 -25.07
C ASN B 512 44.92 -29.09 -25.16
N LYS B 513 44.29 -28.25 -25.99
CA LYS B 513 44.80 -26.90 -26.22
C LYS B 513 44.06 -25.82 -25.43
N HIS B 514 42.92 -26.15 -24.86
CA HIS B 514 42.14 -25.16 -24.11
C HIS B 514 41.59 -25.70 -22.80
N GLY B 515 41.81 -26.98 -22.54
CA GLY B 515 41.31 -27.59 -21.32
C GLY B 515 39.78 -27.69 -21.27
N LEU B 516 39.12 -27.19 -22.31
CA LEU B 516 37.67 -27.25 -22.38
C LEU B 516 37.23 -28.55 -23.01
N VAL B 517 36.04 -29.01 -22.62
CA VAL B 517 35.65 -30.36 -22.95
C VAL B 517 34.24 -30.37 -23.53
N ILE B 518 34.04 -31.08 -24.63
CA ILE B 518 32.76 -31.02 -25.35
C ILE B 518 31.95 -32.32 -25.25
N LYS B 519 30.71 -32.20 -24.79
CA LYS B 519 29.72 -33.30 -24.73
C LYS B 519 29.76 -34.14 -26.00
N GLU B 520 29.83 -35.47 -25.87
CA GLU B 520 29.83 -36.31 -27.06
C GLU B 520 28.43 -36.37 -27.68
N GLY B 521 28.33 -35.91 -28.91
CA GLY B 521 27.05 -35.92 -29.61
C GLY B 521 26.44 -34.53 -29.73
N THR B 522 27.25 -33.50 -29.50
CA THR B 522 26.80 -32.13 -29.66
C THR B 522 27.20 -31.55 -31.01
N TRP B 523 28.49 -31.63 -31.31
CA TRP B 523 29.05 -31.05 -32.53
C TRP B 523 28.41 -31.65 -33.78
N LYS B 524 27.13 -31.33 -33.97
CA LYS B 524 26.35 -31.80 -35.11
C LYS B 524 25.87 -30.63 -35.94
N PRO B 525 26.72 -30.17 -36.89
CA PRO B 525 26.37 -29.06 -37.78
C PRO B 525 24.98 -29.23 -38.39
N ALA B 526 24.16 -28.19 -38.30
CA ALA B 526 22.82 -28.24 -38.84
C ALA B 526 22.65 -27.21 -39.95
N LEU B 527 22.08 -27.64 -41.08
CA LEU B 527 21.81 -26.73 -42.17
C LEU B 527 20.73 -25.74 -41.75
N VAL B 528 21.12 -24.78 -41.72
CA VAL B 528 20.18 -23.72 -41.34
C VAL B 528 19.38 -23.25 -42.56
N ASN B 529 17.72 -22.92 -42.35
CA ASN B 529 16.95 -22.32 -43.44
C ASN B 529 17.24 -20.99 -42.76
N GLU B 530 17.95 -20.13 -43.49
CA GLU B 530 18.30 -18.81 -42.99
C GLU B 530 17.03 -17.99 -43.12
N ASP B 531 16.40 -18.07 -44.29
CA ASP B 531 15.15 -17.35 -44.50
C ASP B 531 13.99 -18.34 -44.43
N PRO B 532 13.59 -18.74 -43.21
CA PRO B 532 12.49 -19.68 -43.07
C PRO B 532 11.14 -19.02 -43.39
N GLY B 533 10.12 -19.84 -43.63
CA GLY B 533 8.79 -19.33 -43.87
C GLY B 533 7.94 -19.43 -42.61
N PHE B 534 6.64 -19.20 -42.77
CA PHE B 534 5.73 -19.22 -41.63
C PHE B 534 5.57 -20.63 -41.09
N GLY B 535 5.80 -20.79 -39.79
CA GLY B 535 5.72 -22.10 -39.16
C GLY B 535 7.01 -22.88 -39.30
N GLU B 536 7.96 -22.32 -40.06
CA GLU B 536 9.25 -22.96 -40.28
C GLU B 536 10.25 -22.54 -39.19
N LEU B 537 11.24 -23.39 -38.96
CA LEU B 537 12.22 -23.16 -37.91
C LEU B 537 13.59 -22.77 -38.45
N TRP B 538 14.31 -21.99 -37.66
CA TRP B 538 15.72 -21.69 -37.90
C TRP B 538 16.49 -23.00 -38.05
N THR B 539 16.68 -23.68 -36.93
CA THR B 539 17.20 -25.04 -36.92
C THR B 539 16.45 -25.90 -35.90
N GLU B 540 16.89 -27.14 -35.74
CA GLU B 540 16.32 -28.02 -34.71
C GLU B 540 16.95 -27.72 -33.36
N GLN B 541 18.18 -27.22 -33.39
CA GLN B 541 18.97 -27.01 -32.18
C GLN B 541 18.41 -25.90 -31.30
N LYS B 542 18.95 -25.82 -30.09
CA LYS B 542 18.47 -24.85 -29.10
C LYS B 542 19.62 -24.00 -28.57
N PHE B 543 19.44 -22.68 -28.63
CA PHE B 543 20.34 -21.77 -27.94
C PHE B 543 19.60 -21.13 -26.77
N LEU B 544 20.24 -21.13 -25.61
CA LEU B 544 19.61 -20.72 -24.36
C LEU B 544 18.35 -21.56 -24.10
N GLY B 545 18.45 -22.85 -24.43
CA GLY B 545 17.37 -23.79 -24.18
C GLY B 545 16.12 -23.57 -25.01
N LEU B 546 16.25 -22.87 -26.13
CA LEU B 546 15.11 -22.56 -26.98
C LEU B 546 15.44 -22.69 -28.46
N GLN B 547 14.52 -23.28 -29.23
CA GLN B 547 14.61 -23.25 -30.67
C GLN B 547 14.13 -21.90 -31.18
N LEU B 548 14.56 -21.52 -32.38
CA LEU B 548 14.05 -20.31 -33.01
C LEU B 548 12.98 -20.72 -34.03
N LYS B 549 11.99 -19.86 -34.23
CA LYS B 549 10.90 -20.14 -35.16
C LYS B 549 10.34 -18.86 -35.76
N VAL B 550 9.87 -18.96 -37.00
CA VAL B 550 9.20 -17.83 -37.64
C VAL B 550 7.70 -18.05 -37.66
N VAL B 551 6.95 -17.05 -37.19
CA VAL B 551 5.50 -17.11 -37.21
C VAL B 551 4.95 -15.89 -37.95
N ARG B 552 3.65 -15.91 -38.24
CA ARG B 552 3.05 -14.90 -39.11
C ARG B 552 2.41 -13.74 -38.34
N ARG B 553 2.66 -12.53 -38.84
CA ARG B 553 1.98 -11.32 -38.37
C ARG B 553 1.47 -10.56 -39.58
N GLU B 554 0.15 -10.62 -39.81
CA GLU B 554 -0.46 -10.07 -41.02
C GLU B 554 0.19 -10.68 -42.26
N ASN B 555 1.02 -9.89 -42.93
CA ASN B 555 1.85 -10.38 -44.02
C ASN B 555 3.24 -10.68 -43.47
N GLU B 556 3.70 -9.83 -42.56
CA GLU B 556 5.03 -9.93 -41.97
C GLU B 556 5.26 -11.25 -41.25
N LYS B 557 6.54 -11.58 -41.03
CA LYS B 557 6.91 -12.75 -40.24
C LYS B 557 7.71 -12.32 -39.01
N VAL B 558 7.47 -12.98 -37.89
CA VAL B 558 8.14 -12.62 -36.65
C VAL B 558 8.94 -13.81 -36.08
N TYR B 559 10.24 -13.59 -35.91
CA TYR B 559 11.13 -14.61 -35.38
C TYR B 559 10.89 -14.77 -33.88
N VAL B 560 10.40 -15.94 -33.48
CA VAL B 560 10.03 -16.19 -32.08
C VAL B 560 10.59 -17.52 -31.57
N PRO B 561 10.82 -17.62 -30.25
CA PRO B 561 11.30 -18.87 -29.64
C PRO B 561 10.22 -19.95 -29.62
N ASN B 562 10.63 -21.21 -29.68
CA ASN B 562 9.71 -22.34 -29.70
C ASN B 562 10.36 -23.60 -29.17
N LEU B 563 9.54 -24.53 -28.68
CA LEU B 563 10.03 -25.83 -28.24
C LEU B 563 9.07 -26.95 -28.65
N PRO B 564 9.59 -28.17 -28.83
CA PRO B 564 8.72 -29.33 -29.01
C PRO B 564 7.86 -29.53 -27.77
N PHE B 565 6.69 -30.15 -27.92
CA PHE B 565 5.71 -30.25 -26.83
C PHE B 565 6.29 -30.85 -25.55
N GLU B 566 7.12 -31.88 -25.70
CA GLU B 566 7.74 -32.54 -24.55
C GLU B 566 8.51 -31.55 -23.68
N ASP B 567 9.23 -30.64 -24.32
CA ASP B 567 10.05 -29.68 -23.61
C ASP B 567 9.20 -28.66 -22.86
N TRP B 568 8.06 -28.28 -23.44
CA TRP B 568 7.13 -27.41 -22.75
C TRP B 568 6.42 -28.17 -21.64
N LEU B 569 6.07 -29.42 -21.92
CA LEU B 569 5.33 -30.25 -20.97
C LEU B 569 6.18 -30.64 -19.76
N THR B 570 7.45 -30.98 -20.02
CA THR B 570 8.36 -31.37 -18.95
C THR B 570 8.56 -30.22 -17.96
N MET B 571 8.73 -29.01 -18.49
CA MET B 571 8.88 -27.82 -17.66
C MET B 571 7.66 -27.60 -16.78
N TRP B 572 6.48 -27.83 -17.35
CA TRP B 572 5.23 -27.67 -16.61
C TRP B 572 5.11 -28.67 -15.47
N VAL B 573 5.22 -29.96 -15.81
CA VAL B 573 5.13 -31.04 -14.84
C VAL B 573 6.16 -30.92 -13.72
N THR B 574 7.34 -30.38 -14.07
CA THR B 574 8.42 -30.22 -13.11
C THR B 574 8.62 -28.76 -12.71
N PRO B 575 7.96 -28.34 -11.61
CA PRO B 575 7.99 -26.96 -11.14
C PRO B 575 9.13 -26.69 -10.14
N ARG B 576 9.84 -25.60 -10.33
CA ARG B 576 10.99 -25.27 -9.50
C ARG B 576 10.60 -24.79 -8.10
N SER B 577 9.72 -25.53 -7.43
CA SER B 577 9.30 -25.18 -6.08
C SER B 577 8.73 -26.38 -5.35
N LYS B 578 9.38 -26.77 -4.24
CA LYS B 578 8.93 -27.91 -3.45
C LYS B 578 7.72 -27.52 -2.61
N TYR B 579 6.73 -28.39 -2.55
CA TYR B 579 5.41 -28.12 -1.98
C TYR B 579 5.43 -27.49 -0.58
N ARG B 580 4.83 -26.31 -0.48
CA ARG B 580 4.86 -25.47 0.72
C ARG B 580 4.09 -26.06 1.91
N SER B 581 3.14 -26.95 1.60
CA SER B 581 2.25 -27.59 2.58
C SER B 581 1.23 -26.61 3.19
N LYS B 582 1.71 -25.53 3.79
CA LYS B 582 0.82 -24.55 4.39
C LYS B 582 0.07 -23.74 3.33
N GLU B 583 0.63 -23.70 2.11
CA GLU B 583 0.03 -22.94 1.01
C GLU B 583 -1.44 -23.33 0.77
N THR B 584 -2.23 -22.32 0.42
CA THR B 584 -3.68 -22.45 0.40
C THR B 584 -4.23 -22.91 -0.96
N GLU B 585 -5.36 -23.59 -0.92
CA GLU B 585 -6.04 -24.07 -2.12
C GLU B 585 -6.35 -22.95 -3.10
N THR B 586 -6.33 -21.72 -2.59
CA THR B 586 -6.54 -20.52 -3.40
C THR B 586 -5.29 -20.16 -4.19
N MET B 587 -4.12 -20.31 -3.57
CA MET B 587 -2.89 -19.76 -4.13
C MET B 587 -2.22 -20.62 -5.20
N ARG B 588 -2.31 -21.95 -5.09
CA ARG B 588 -1.72 -22.79 -6.12
C ARG B 588 -2.59 -22.77 -7.36
N GLU B 589 -3.90 -22.65 -7.18
CA GLU B 589 -4.80 -22.46 -8.30
C GLU B 589 -4.42 -21.17 -9.03
N ARG B 590 -3.85 -20.23 -8.29
CA ARG B 590 -3.36 -18.99 -8.86
C ARG B 590 -1.96 -19.19 -9.46
N THR B 591 -1.11 -19.96 -8.78
CA THR B 591 0.27 -20.13 -9.22
C THR B 591 0.31 -20.88 -10.55
N LEU B 592 -0.65 -21.76 -10.77
CA LEU B 592 -0.72 -22.51 -12.03
C LEU B 592 -1.07 -21.55 -13.14
N PHE B 593 -1.98 -20.63 -12.86
CA PHE B 593 -2.38 -19.61 -13.81
C PHE B 593 -1.19 -18.71 -14.19
N ASP B 594 -0.36 -18.41 -13.20
CA ASP B 594 0.81 -17.56 -13.41
C ASP B 594 1.86 -18.29 -14.25
N ARG B 595 2.15 -19.53 -13.89
CA ARG B 595 3.12 -20.34 -14.62
C ARG B 595 2.65 -20.60 -16.05
N ALA B 596 1.36 -20.88 -16.19
CA ALA B 596 0.77 -21.11 -17.51
C ALA B 596 0.90 -19.89 -18.40
N ARG B 597 0.80 -18.71 -17.80
CA ARG B 597 0.97 -17.46 -18.53
C ARG B 597 2.41 -17.28 -18.97
N GLY B 598 3.34 -17.57 -18.06
CA GLY B 598 4.75 -17.39 -18.32
C GLY B 598 5.26 -18.21 -19.50
N LEU B 599 4.88 -19.48 -19.55
CA LEU B 599 5.34 -20.38 -20.59
C LEU B 599 4.86 -19.95 -21.97
N LEU B 600 3.63 -19.45 -22.05
CA LEU B 600 3.10 -18.92 -23.31
C LEU B 600 3.91 -17.74 -23.81
N VAL B 601 4.31 -16.88 -22.88
CA VAL B 601 5.18 -15.77 -23.22
C VAL B 601 6.54 -16.30 -23.66
N THR B 602 6.99 -17.37 -23.01
CA THR B 602 8.27 -17.97 -23.31
C THR B 602 8.25 -18.70 -24.67
N GLY B 603 7.06 -18.99 -25.16
CA GLY B 603 6.92 -19.57 -26.49
C GLY B 603 6.04 -20.80 -26.59
N ALA B 604 5.29 -21.09 -25.54
CA ALA B 604 4.42 -22.25 -25.54
C ALA B 604 3.19 -22.02 -26.42
N VAL B 605 2.94 -20.75 -26.75
CA VAL B 605 1.82 -20.37 -27.58
C VAL B 605 2.06 -20.78 -29.04
N PHE B 606 3.33 -20.85 -29.44
CA PHE B 606 3.67 -21.14 -30.82
C PHE B 606 3.68 -22.64 -31.12
N ASP B 607 3.67 -23.45 -30.07
CA ASP B 607 3.50 -24.90 -30.23
C ASP B 607 2.08 -25.28 -29.81
N GLU B 608 1.31 -25.81 -30.75
CA GLU B 608 -0.13 -26.02 -30.55
C GLU B 608 -0.45 -26.95 -29.39
N ARG B 609 0.23 -28.09 -29.32
CA ARG B 609 0.00 -29.05 -28.24
C ARG B 609 0.29 -28.41 -26.89
N ALA B 610 1.29 -27.53 -26.86
CA ALA B 610 1.64 -26.80 -25.65
C ALA B 610 0.60 -25.74 -25.32
N ARG B 611 0.30 -24.89 -26.30
CA ARG B 611 -0.65 -23.78 -26.14
C ARG B 611 -2.01 -24.27 -25.67
N GLY B 612 -2.45 -25.41 -26.20
CA GLY B 612 -3.73 -25.98 -25.83
C GLY B 612 -3.81 -26.37 -24.38
N LEU B 613 -2.76 -27.02 -23.87
CA LEU B 613 -2.73 -27.47 -22.49
C LEU B 613 -2.80 -26.29 -21.50
N MET B 614 -1.96 -25.30 -21.72
CA MET B 614 -1.92 -24.14 -20.83
C MET B 614 -3.18 -23.30 -20.96
N GLY B 615 -3.68 -23.18 -22.19
CA GLY B 615 -4.92 -22.48 -22.45
C GLY B 615 -6.06 -23.13 -21.69
N ALA B 616 -6.01 -24.45 -21.59
CA ALA B 616 -6.95 -25.20 -20.78
C ALA B 616 -6.78 -24.85 -19.31
N VAL B 617 -5.53 -24.86 -18.84
CA VAL B 617 -5.21 -24.52 -17.46
C VAL B 617 -5.72 -23.13 -17.09
N ILE B 618 -5.50 -22.17 -17.99
CA ILE B 618 -6.01 -20.82 -17.83
C ILE B 618 -7.53 -20.80 -17.76
N ASN B 619 -8.16 -21.45 -18.72
CA ASN B 619 -9.62 -21.52 -18.76
C ASN B 619 -10.17 -22.39 -17.64
N SER B 620 -9.32 -23.23 -17.07
CA SER B 620 -9.68 -24.05 -15.92
C SER B 620 -9.72 -23.22 -14.65
N THR B 621 -8.97 -22.12 -14.66
CA THR B 621 -8.79 -21.31 -13.47
C THR B 621 -10.04 -20.48 -13.16
N ALA B 622 -10.46 -20.52 -11.90
CA ALA B 622 -11.67 -19.82 -11.45
C ALA B 622 -11.59 -18.31 -11.64
N PRO B 623 -12.75 -17.64 -11.75
CA PRO B 623 -12.81 -16.19 -11.95
C PRO B 623 -12.12 -15.39 -10.85
N GLU B 624 -12.31 -15.79 -9.61
CA GLU B 624 -11.75 -15.06 -8.46
C GLU B 624 -10.23 -15.14 -8.40
N VAL B 625 -9.66 -16.26 -8.84
CA VAL B 625 -8.21 -16.42 -8.84
C VAL B 625 -7.60 -15.94 -10.15
N VAL B 626 -8.29 -15.01 -10.81
CA VAL B 626 -7.76 -14.33 -11.98
C VAL B 626 -7.67 -12.84 -11.70
N CYS B 627 -8.72 -12.31 -11.07
CA CYS B 627 -8.83 -10.88 -10.83
C CYS B 627 -8.50 -10.52 -9.38
N MET B 628 -8.11 -11.50 -8.59
CA MET B 628 -7.66 -11.23 -7.22
C MET B 628 -6.41 -10.37 -7.28
N ARG B 629 -6.32 -9.38 -6.39
CA ARG B 629 -5.10 -8.60 -6.31
C ARG B 629 -4.02 -9.53 -5.77
N VAL B 630 -3.02 -9.79 -6.60
CA VAL B 630 -1.96 -10.73 -6.27
C VAL B 630 -0.71 -9.93 -5.89
N GLN B 631 0.25 -10.57 -5.24
CA GLN B 631 1.39 -9.85 -4.69
C GLN B 631 2.74 -10.28 -5.26
N GLU B 632 2.91 -10.11 -6.58
CA GLU B 632 4.19 -10.33 -7.23
C GLU B 632 4.48 -9.18 -8.18
N GLY B 633 5.71 -8.67 -8.13
CA GLY B 633 6.17 -7.51 -8.89
C GLY B 633 5.38 -7.07 -10.11
N GLY B 634 4.42 -6.17 -9.89
CA GLY B 634 4.11 -5.67 -8.57
C GLY B 634 2.61 -5.58 -8.40
N GLY B 635 1.98 -6.75 -8.28
CA GLY B 635 0.53 -6.84 -8.34
C GLY B 635 0.13 -7.17 -9.76
N ARG B 636 1.16 -7.33 -10.61
CA ARG B 636 0.95 -7.58 -12.02
C ARG B 636 1.19 -9.06 -12.33
N GLY B 637 0.82 -9.92 -11.38
CA GLY B 637 1.00 -11.35 -11.54
C GLY B 637 2.44 -11.77 -11.34
N ALA B 638 2.70 -13.06 -11.54
CA ALA B 638 4.05 -13.59 -11.43
C ALA B 638 4.74 -13.64 -12.79
N PRO B 639 5.97 -13.12 -12.85
CA PRO B 639 6.78 -13.09 -14.07
C PRO B 639 7.29 -14.48 -14.48
N PRO B 640 7.47 -14.70 -15.80
CA PRO B 640 8.03 -15.94 -16.32
C PRO B 640 9.43 -16.23 -15.78
N ALA B 641 9.71 -17.48 -15.47
CA ALA B 641 10.97 -17.85 -14.84
C ALA B 641 12.15 -17.73 -15.79
N TYR B 642 11.90 -17.90 -17.09
CA TYR B 642 12.93 -17.74 -18.11
C TYR B 642 13.44 -16.30 -18.10
N ALA B 643 14.72 -16.13 -17.78
CA ALA B 643 15.27 -14.81 -17.50
C ALA B 643 15.97 -14.15 -18.68
N PHE B 644 15.64 -14.58 -19.90
CA PHE B 644 16.27 -14.01 -21.09
C PHE B 644 15.26 -13.36 -22.02
N LEU B 645 14.10 -12.98 -21.49
CA LEU B 645 13.07 -12.34 -22.30
C LEU B 645 13.36 -10.84 -22.46
N THR B 646 13.87 -10.23 -21.40
CA THR B 646 14.32 -8.85 -21.44
C THR B 646 15.76 -8.74 -20.96
N ARG B 647 16.41 -7.62 -21.26
CA ARG B 647 17.72 -7.27 -20.69
C ARG B 647 17.76 -7.50 -19.19
N ASP B 648 16.68 -7.10 -18.54
CA ASP B 648 16.59 -7.05 -17.09
C ASP B 648 16.50 -8.45 -16.49
N GLY B 649 15.97 -9.38 -17.27
CA GLY B 649 15.52 -10.65 -16.74
C GLY B 649 14.11 -10.46 -16.20
N VAL B 650 13.88 -9.26 -15.67
CA VAL B 650 12.57 -8.86 -15.19
C VAL B 650 11.63 -8.55 -16.36
N PHE B 651 10.81 -9.53 -16.72
CA PHE B 651 9.69 -9.28 -17.61
C PHE B 651 8.45 -9.16 -16.74
N GLU B 652 7.63 -8.14 -16.99
CA GLU B 652 6.43 -7.96 -16.18
C GLU B 652 5.19 -7.70 -17.03
N PHE B 653 4.11 -8.41 -16.68
CA PHE B 653 2.85 -8.32 -17.39
C PHE B 653 2.17 -6.98 -17.15
N PRO B 654 1.43 -6.49 -18.15
CA PRO B 654 0.60 -5.29 -18.00
C PRO B 654 -0.41 -5.41 -16.85
N ILE B 655 -1.07 -6.56 -16.73
CA ILE B 655 -2.09 -6.75 -15.70
C ILE B 655 -2.06 -8.14 -15.05
N SER B 656 -2.83 -8.26 -13.97
CA SER B 656 -2.99 -9.53 -13.26
C SER B 656 -4.07 -10.38 -13.91
N ASP B 657 -5.15 -9.72 -14.33
CA ASP B 657 -6.31 -10.42 -14.88
C ASP B 657 -6.27 -10.49 -16.41
N GLY B 658 -5.08 -10.69 -16.97
CA GLY B 658 -4.93 -10.78 -18.41
C GLY B 658 -4.09 -11.95 -18.87
N TYR B 659 -4.60 -12.68 -19.86
CA TYR B 659 -3.89 -13.83 -20.41
C TYR B 659 -3.17 -13.45 -21.69
N PRO B 660 -2.05 -14.15 -21.98
CA PRO B 660 -1.28 -13.91 -23.21
C PRO B 660 -1.88 -14.60 -24.44
N SER B 661 -2.59 -13.83 -25.25
CA SER B 661 -3.13 -14.35 -26.50
C SER B 661 -2.01 -14.50 -27.52
N TYR B 662 -2.26 -15.26 -28.58
CA TYR B 662 -1.26 -15.49 -29.61
C TYR B 662 -0.75 -14.18 -30.19
N ASP B 663 -1.68 -13.35 -30.68
CA ASP B 663 -1.32 -12.11 -31.34
C ASP B 663 -0.72 -11.08 -30.37
N TRP B 664 -0.78 -11.38 -29.07
CA TRP B 664 -0.13 -10.52 -28.10
C TRP B 664 1.33 -10.93 -27.92
N VAL B 665 1.55 -12.22 -27.68
CA VAL B 665 2.89 -12.76 -27.51
C VAL B 665 3.79 -12.42 -28.70
N VAL B 666 3.23 -12.48 -29.90
CA VAL B 666 3.96 -12.09 -31.11
C VAL B 666 4.35 -10.61 -31.04
N SER B 667 3.43 -9.79 -30.53
CA SER B 667 3.64 -8.35 -30.44
C SER B 667 4.81 -8.00 -29.52
N LEU B 668 5.17 -8.94 -28.65
CA LEU B 668 6.34 -8.80 -27.79
C LEU B 668 7.62 -8.88 -28.63
N TYR B 669 7.85 -10.05 -29.22
CA TYR B 669 9.08 -10.34 -29.93
C TYR B 669 9.24 -9.52 -31.21
N SER B 670 8.14 -8.98 -31.71
CA SER B 670 8.20 -8.09 -32.87
C SER B 670 8.79 -6.75 -32.46
N ARG B 671 9.30 -6.01 -33.43
CA ARG B 671 9.96 -4.72 -33.18
C ARG B 671 9.02 -3.73 -32.49
N ASP B 672 7.80 -3.64 -33.03
CA ASP B 672 6.85 -2.62 -32.62
C ASP B 672 6.24 -2.85 -31.23
N HIS B 673 5.11 -2.20 -30.99
CA HIS B 673 4.43 -2.22 -29.70
C HIS B 673 4.02 -3.60 -29.23
N PRO B 674 4.10 -3.84 -27.91
CA PRO B 674 3.32 -4.93 -27.33
C PRO B 674 1.85 -4.55 -27.34
N CYS B 675 0.99 -5.44 -27.84
CA CYS B 675 -0.42 -5.13 -28.04
C CYS B 675 -1.19 -4.98 -26.73
N ASP B 676 -2.51 -4.83 -26.85
CA ASP B 676 -3.41 -4.92 -25.71
C ASP B 676 -3.21 -6.28 -25.06
N MET B 677 -3.04 -6.34 -23.74
CA MET B 677 -3.10 -7.63 -23.09
C MET B 677 -4.56 -7.93 -22.78
N PRO B 678 -5.14 -8.88 -23.55
CA PRO B 678 -6.57 -9.18 -23.46
C PRO B 678 -6.98 -9.67 -22.08
N ARG B 679 -7.87 -8.94 -21.43
CA ARG B 679 -8.37 -9.31 -20.12
C ARG B 679 -9.17 -10.60 -20.23
N VAL B 680 -8.96 -11.50 -19.27
CA VAL B 680 -9.74 -12.74 -19.20
C VAL B 680 -11.21 -12.39 -19.05
N PHE B 681 -11.48 -11.43 -18.18
CA PHE B 681 -12.81 -10.88 -18.01
C PHE B 681 -12.79 -9.43 -18.50
N PRO B 682 -13.28 -9.21 -19.74
CA PRO B 682 -13.12 -7.99 -20.54
C PRO B 682 -13.44 -6.72 -19.77
N GLU B 683 -14.66 -6.64 -19.26
CA GLU B 683 -15.05 -5.50 -18.45
C GLU B 683 -15.22 -5.92 -16.99
N ALA B 684 -14.09 -6.31 -16.39
CA ALA B 684 -14.08 -6.73 -14.99
C ALA B 684 -14.14 -5.53 -14.06
N ALA B 685 -13.53 -4.43 -14.48
CA ALA B 685 -13.48 -3.21 -13.67
C ALA B 685 -14.88 -2.70 -13.35
N THR B 686 -15.83 -2.97 -14.24
CA THR B 686 -17.20 -2.52 -14.08
C THR B 686 -17.95 -3.26 -12.97
N LEU B 687 -17.58 -4.52 -12.75
CA LEU B 687 -18.36 -5.36 -11.85
C LEU B 687 -17.73 -5.50 -10.46
N ILE B 688 -16.44 -5.21 -10.34
CA ILE B 688 -15.81 -5.19 -9.01
C ILE B 688 -16.19 -3.90 -8.29
N ALA B 689 -16.21 -2.79 -9.02
CA ALA B 689 -16.67 -1.53 -8.48
C ALA B 689 -18.19 -1.55 -8.37
N SER B 690 -18.79 -2.47 -9.12
CA SER B 690 -20.25 -2.64 -9.17
C SER B 690 -20.93 -1.32 -9.51
N TYR B 691 -20.33 -0.59 -10.45
CA TYR B 691 -20.84 0.70 -10.88
C TYR B 691 -20.72 0.86 -12.39
N ARG B 692 -21.86 0.77 -13.09
CA ARG B 692 -21.90 1.07 -14.51
C ARG B 692 -22.29 2.53 -14.71
N LYS B 693 -21.31 3.33 -15.11
CA LYS B 693 -21.47 4.76 -15.32
C LYS B 693 -22.71 4.85 -16.20
N GLN B 694 -23.82 5.29 -15.63
CA GLN B 694 -24.99 5.73 -16.39
C GLN B 694 -25.02 7.26 -16.41
N VAL B 695 -24.55 7.84 -17.50
CA VAL B 695 -24.44 9.29 -17.62
C VAL B 695 -25.79 9.99 -17.56
N MET B 696 -25.92 10.95 -16.65
CA MET B 696 -27.13 11.74 -16.53
C MET B 696 -26.79 13.23 -16.60
N ASP B 697 -27.28 13.92 -17.63
CA ASP B 697 -27.06 15.36 -17.73
C ASP B 697 -27.90 16.10 -16.71
N THR B 698 -27.69 17.41 -16.59
CA THR B 698 -28.43 18.22 -15.63
C THR B 698 -29.22 19.30 -16.37
N ARG B 699 -29.27 19.19 -17.69
CA ARG B 699 -29.84 20.23 -18.54
C ARG B 699 -31.20 19.88 -19.12
N VAL B 700 -31.75 18.74 -18.72
CA VAL B 700 -33.02 18.26 -19.26
C VAL B 700 -34.20 19.19 -19.01
N VAL B 701 -34.96 19.47 -20.07
CA VAL B 701 -36.26 20.10 -19.92
C VAL B 701 -37.16 19.09 -19.24
N ILE B 702 -37.91 19.53 -18.24
CA ILE B 702 -38.76 18.60 -17.50
C ILE B 702 -40.24 18.79 -17.85
N LYS B 703 -40.93 17.66 -18.05
CA LYS B 703 -42.29 17.61 -18.58
C LYS B 703 -43.20 18.74 -18.11
#